data_9MQA
#
_entry.id   9MQA
#
_cell.length_a   1.00
_cell.length_b   1.00
_cell.length_c   1.00
_cell.angle_alpha   90.00
_cell.angle_beta   90.00
_cell.angle_gamma   90.00
#
_symmetry.space_group_name_H-M   'P 1'
#
loop_
_entity.id
_entity.type
_entity.pdbx_description
1 polymer 'Hemagglutinin HA1 chain'
2 polymer 'Hemagglutinin HA2 chain'
3 polymer '310-7D11 Fab Heavy chain'
4 polymer '310-7D11 Fab Light chain'
#
loop_
_entity_poly.entity_id
_entity_poly.type
_entity_poly.pdbx_seq_one_letter_code
_entity_poly.pdbx_strand_id
1 'polypeptide(L)'
;MENIVLLLAIVSLVKSDQICIGYHANNSTEQVDTIMEKNVTVTHAQDILEKTHNGKLCDLNGVKPLILKDCSVAGWLLGN
PMCDEFIRVPEWSYIVERANPANDLCFPGSLNDYEELKHMLSRINHFEKIQIIPKSSWPNHETSLGVSAACPYQGAPSFF
RNVVWLIKKNDAYPTIKISYNNTNREDLLILWGIHHSNNAEEQTNLYKNPITYISVGTSTLNQRLAPKIATRSQVNGQRG
RMDFFWTILKPDDAIHFESNGNFIAPEYAYKIVKKGDSTIMKSGVEYGHCNTKCQTPVGAINSSMPFHNIHPLTIGECPK
YVKSNKLVLATGLRNSPLREKR
;
A,C,E
2 'polypeptide(L)'
;GLFGAIAGFIEGGWQGMVDGWYGYHHSNEQGSGYAADKESTQKAIDGVTNKVNSIIDKMNTQFEAVGREFNNLERRIENL
NKKMEDGFLDVWTYNAELLVLMENERTLDFHDSNVKNLYDKVRLQLRDNAKELGNGCFEFYHKCDNECMESVRNGTYDYP
QYSEEARLKREEISGSGYIPEAPRDGQAYVRKDGEWVLLSTFLGSGLNDIFEAQKIEWHEGHHHHHH
;
B,D,F
3 'polypeptide(L)'
;QVQLVESGGGVVQPGRSLRVSCAASGFIFSNYGMHWVRQAPGKGLEWVALTWYDGRNKYYADSVKGRFTISRDNSKNTLY
LQMNSLRAEDTAVYYCARDGFPNCISATCGYAMDVWGQGTTVTVSS
;
H,I,J
4 'polypeptide(L)'
;DTVMTQSPLSLPVTPGEPASISCRSSQSLLHSNGYNYLEWYLQKPGQSPQLLIYLGSIRASGVPDRLSGSGSGTDFTLKI
SRVEAEDVGVYYCMQGLETPFTFGPGTKVEIK
;
L,M,N
#
# COMPACT_ATOMS: atom_id res chain seq x y z
N ILE A 19 20.96 -76.82 -27.38
CA ILE A 19 19.92 -75.82 -27.59
C ILE A 19 19.58 -75.15 -26.27
N CYS A 20 19.67 -73.82 -26.24
CA CYS A 20 19.39 -73.07 -25.03
C CYS A 20 19.12 -71.61 -25.39
N ILE A 21 17.92 -71.14 -25.07
CA ILE A 21 17.57 -69.72 -25.16
C ILE A 21 17.08 -69.28 -23.79
N GLY A 22 17.58 -68.15 -23.32
CA GLY A 22 17.16 -67.68 -22.01
C GLY A 22 17.85 -66.37 -21.65
N TYR A 23 17.67 -66.00 -20.38
CA TYR A 23 18.17 -64.74 -19.85
C TYR A 23 19.66 -64.84 -19.52
N HIS A 24 20.28 -63.67 -19.41
CA HIS A 24 21.68 -63.57 -18.98
C HIS A 24 21.73 -63.26 -17.48
N ALA A 25 21.34 -64.25 -16.69
CA ALA A 25 21.19 -64.06 -15.25
C ALA A 25 22.54 -63.90 -14.57
N ASN A 26 22.50 -63.30 -13.38
CA ASN A 26 23.66 -63.14 -12.53
C ASN A 26 23.18 -63.00 -11.09
N ASN A 27 24.08 -62.61 -10.19
CA ASN A 27 23.74 -62.42 -8.79
C ASN A 27 24.21 -61.05 -8.33
N SER A 28 23.32 -60.30 -7.70
CA SER A 28 23.60 -58.99 -7.12
C SER A 28 22.44 -58.65 -6.20
N THR A 29 22.42 -57.41 -5.71
CA THR A 29 21.31 -56.96 -4.87
C THR A 29 21.05 -55.49 -5.13
N GLU A 30 19.84 -55.17 -5.56
CA GLU A 30 19.36 -53.81 -5.78
C GLU A 30 17.86 -53.88 -6.05
N GLN A 31 17.12 -52.92 -5.51
CA GLN A 31 15.66 -52.94 -5.58
C GLN A 31 15.14 -51.68 -6.26
N VAL A 32 14.15 -51.87 -7.14
CA VAL A 32 13.49 -50.78 -7.85
C VAL A 32 11.99 -50.94 -7.69
N ASP A 33 11.26 -49.88 -8.03
CA ASP A 33 9.81 -49.84 -7.85
C ASP A 33 9.11 -49.99 -9.19
N THR A 34 7.82 -50.31 -9.12
CA THR A 34 6.98 -50.50 -10.30
C THR A 34 5.55 -50.18 -9.91
N ILE A 35 4.70 -49.98 -10.92
CA ILE A 35 3.32 -49.55 -10.66
C ILE A 35 2.52 -50.65 -9.97
N MET A 36 2.73 -51.91 -10.34
CA MET A 36 1.98 -53.02 -9.77
C MET A 36 2.80 -53.91 -8.84
N GLU A 37 4.13 -53.81 -8.88
CA GLU A 37 4.97 -54.44 -7.88
C GLU A 37 5.37 -53.41 -6.83
N LYS A 38 6.09 -53.84 -5.82
CA LYS A 38 6.50 -52.87 -4.81
C LYS A 38 8.00 -52.89 -4.52
N ASN A 39 8.63 -54.05 -4.53
CA ASN A 39 10.07 -54.17 -4.29
C ASN A 39 10.58 -55.38 -5.05
N VAL A 40 11.27 -55.15 -6.16
CA VAL A 40 11.73 -56.21 -7.04
C VAL A 40 13.25 -56.12 -7.16
N THR A 41 13.88 -57.25 -7.43
CA THR A 41 15.33 -57.31 -7.59
C THR A 41 15.73 -57.08 -9.04
N VAL A 42 16.90 -56.46 -9.22
CA VAL A 42 17.44 -56.16 -10.53
C VAL A 42 18.91 -56.58 -10.58
N THR A 43 19.39 -56.83 -11.80
CA THR A 43 20.80 -57.18 -11.97
C THR A 43 21.70 -55.99 -11.69
N HIS A 44 21.38 -54.84 -12.28
CA HIS A 44 22.10 -53.61 -12.01
C HIS A 44 21.20 -52.43 -12.34
N ALA A 45 21.20 -51.44 -11.44
CA ALA A 45 20.38 -50.25 -11.61
C ALA A 45 21.22 -49.02 -11.29
N GLN A 46 20.82 -47.89 -11.86
CA GLN A 46 21.57 -46.65 -11.75
C GLN A 46 20.78 -45.64 -10.94
N ASP A 47 21.42 -45.04 -9.95
CA ASP A 47 20.78 -44.05 -9.11
C ASP A 47 20.77 -42.69 -9.81
N ILE A 48 19.82 -41.84 -9.40
CA ILE A 48 19.71 -40.49 -9.94
C ILE A 48 19.64 -39.41 -8.87
N LEU A 49 19.20 -39.72 -7.65
CA LEU A 49 19.06 -38.74 -6.59
C LEU A 49 20.35 -38.60 -5.81
N GLU A 50 20.74 -37.36 -5.51
CA GLU A 50 21.92 -37.07 -4.71
C GLU A 50 21.49 -36.64 -3.31
N LYS A 51 22.23 -37.12 -2.30
CA LYS A 51 21.85 -36.85 -0.92
C LYS A 51 23.02 -36.42 -0.03
N THR A 52 24.17 -36.07 -0.60
CA THR A 52 25.36 -35.75 0.19
C THR A 52 25.81 -34.33 -0.10
N HIS A 53 26.25 -33.65 0.96
CA HIS A 53 26.78 -32.30 0.85
C HIS A 53 27.96 -32.15 1.80
N ASN A 54 28.97 -31.40 1.38
CA ASN A 54 30.20 -31.28 2.17
C ASN A 54 29.93 -30.59 3.51
N GLY A 55 29.11 -29.56 3.52
CA GLY A 55 28.70 -28.93 4.76
C GLY A 55 29.52 -27.75 5.20
N LYS A 56 29.99 -26.91 4.28
CA LYS A 56 30.74 -25.72 4.65
C LYS A 56 30.55 -24.65 3.58
N LEU A 57 30.59 -23.40 4.01
CA LEU A 57 30.50 -22.26 3.09
C LEU A 57 31.86 -22.00 2.46
N CYS A 58 31.91 -22.04 1.13
CA CYS A 58 33.16 -21.83 0.43
C CYS A 58 32.87 -21.44 -1.02
N ASP A 59 33.95 -21.13 -1.74
CA ASP A 59 33.90 -20.24 -2.90
C ASP A 59 33.04 -20.78 -4.02
N LEU A 60 32.72 -19.90 -4.97
CA LEU A 60 31.88 -20.19 -6.12
C LEU A 60 32.51 -19.54 -7.35
N ASN A 61 33.04 -20.35 -8.25
CA ASN A 61 33.64 -19.88 -9.51
C ASN A 61 34.83 -18.96 -9.27
N GLY A 62 35.49 -19.09 -8.12
CA GLY A 62 36.74 -18.39 -7.86
C GLY A 62 36.61 -17.02 -7.25
N VAL A 63 35.39 -16.52 -7.02
CA VAL A 63 35.17 -15.20 -6.43
C VAL A 63 34.57 -15.38 -5.04
N LYS A 64 35.17 -14.73 -4.05
CA LYS A 64 34.80 -14.97 -2.67
C LYS A 64 33.46 -14.31 -2.34
N PRO A 65 32.66 -14.94 -1.46
CA PRO A 65 31.42 -14.30 -1.02
C PRO A 65 31.68 -13.17 -0.02
N LEU A 66 30.60 -12.55 0.46
CA LEU A 66 30.66 -11.57 1.53
C LEU A 66 29.96 -12.15 2.75
N ILE A 67 30.69 -12.25 3.86
CA ILE A 67 30.17 -12.87 5.08
C ILE A 67 30.02 -11.77 6.12
N LEU A 68 28.78 -11.51 6.52
CA LEU A 68 28.49 -10.60 7.63
C LEU A 68 28.42 -11.42 8.90
N LYS A 69 29.39 -11.24 9.79
CA LYS A 69 29.48 -12.11 10.96
C LYS A 69 28.36 -11.84 11.95
N ASP A 70 28.18 -10.58 12.35
CA ASP A 70 27.14 -10.26 13.33
C ASP A 70 26.40 -8.96 13.01
N CYS A 71 26.51 -8.45 11.79
CA CYS A 71 25.79 -7.25 11.39
C CYS A 71 24.60 -7.63 10.51
N SER A 72 23.85 -6.62 10.09
CA SER A 72 22.72 -6.78 9.19
C SER A 72 22.92 -5.89 7.98
N VAL A 73 21.93 -5.90 7.07
CA VAL A 73 22.04 -5.12 5.85
C VAL A 73 21.95 -3.63 6.16
N ALA A 74 21.08 -3.25 7.08
CA ALA A 74 20.97 -1.84 7.46
C ALA A 74 22.22 -1.36 8.17
N GLY A 75 22.78 -2.19 9.06
CA GLY A 75 23.95 -1.77 9.82
C GLY A 75 25.17 -1.53 8.97
N TRP A 76 25.38 -2.36 7.95
CA TRP A 76 26.51 -2.17 7.05
C TRP A 76 26.33 -0.96 6.16
N LEU A 77 25.11 -0.72 5.69
CA LEU A 77 24.84 0.42 4.82
C LEU A 77 24.73 1.74 5.57
N LEU A 78 24.61 1.72 6.90
CA LEU A 78 24.57 2.95 7.68
C LEU A 78 25.83 3.20 8.50
N GLY A 79 26.68 2.19 8.68
CA GLY A 79 27.93 2.39 9.39
C GLY A 79 27.84 2.23 10.90
N ASN A 80 27.41 1.06 11.34
CA ASN A 80 27.38 0.77 12.77
C ASN A 80 28.80 0.79 13.33
N PRO A 81 29.05 1.45 14.46
CA PRO A 81 30.42 1.52 14.99
C PRO A 81 31.05 0.16 15.27
N MET A 82 30.26 -0.87 15.60
CA MET A 82 30.83 -2.18 15.81
C MET A 82 31.23 -2.87 14.51
N CYS A 83 30.57 -2.54 13.40
CA CYS A 83 30.95 -3.07 12.09
C CYS A 83 31.82 -2.06 11.36
N ASP A 84 33.07 -1.98 11.81
CA ASP A 84 34.05 -1.08 11.21
C ASP A 84 35.00 -1.77 10.25
N GLU A 85 34.85 -3.07 10.05
CA GLU A 85 35.69 -3.82 9.12
C GLU A 85 35.07 -3.93 7.73
N PHE A 86 33.87 -3.38 7.53
CA PHE A 86 33.20 -3.41 6.24
C PHE A 86 33.13 -2.03 5.59
N ILE A 87 34.06 -1.14 5.96
CA ILE A 87 34.08 0.19 5.36
C ILE A 87 34.42 0.11 3.88
N ARG A 88 35.43 -0.68 3.53
CA ARG A 88 35.79 -0.93 2.14
C ARG A 88 35.63 -2.42 1.85
N VAL A 89 34.90 -2.73 0.79
CA VAL A 89 34.54 -4.12 0.48
C VAL A 89 34.81 -4.40 -1.00
N PRO A 90 35.48 -5.52 -1.33
CA PRO A 90 35.73 -5.84 -2.74
C PRO A 90 34.55 -6.53 -3.40
N GLU A 91 34.74 -6.97 -4.64
CA GLU A 91 33.68 -7.65 -5.39
C GLU A 91 33.34 -8.99 -4.73
N TRP A 92 32.06 -9.34 -4.77
CA TRP A 92 31.56 -10.54 -4.14
C TRP A 92 30.64 -11.28 -5.11
N SER A 93 30.13 -12.43 -4.66
CA SER A 93 29.19 -13.24 -5.43
C SER A 93 27.82 -13.33 -4.78
N TYR A 94 27.76 -13.71 -3.51
CA TYR A 94 26.51 -13.76 -2.76
C TYR A 94 26.76 -13.28 -1.34
N ILE A 95 25.69 -12.83 -0.69
CA ILE A 95 25.75 -12.25 0.65
C ILE A 95 25.22 -13.27 1.65
N VAL A 96 25.99 -13.52 2.71
CA VAL A 96 25.60 -14.44 3.77
C VAL A 96 25.29 -13.61 5.02
N GLU A 97 24.14 -13.88 5.64
CA GLU A 97 23.71 -13.15 6.82
C GLU A 97 23.16 -14.14 7.84
N ARG A 98 23.57 -13.96 9.10
CA ARG A 98 23.16 -14.86 10.16
C ARG A 98 21.67 -14.69 10.47
N ALA A 99 21.12 -15.67 11.19
CA ALA A 99 19.75 -15.59 11.65
C ALA A 99 19.70 -14.77 12.94
N ASN A 100 18.73 -13.85 13.02
CA ASN A 100 18.60 -12.92 14.13
C ASN A 100 19.90 -12.17 14.41
N PRO A 101 20.28 -11.20 13.57
CA PRO A 101 21.46 -10.38 13.85
C PRO A 101 21.51 -9.81 15.26
N ALA A 102 22.67 -9.33 15.69
CA ALA A 102 22.88 -8.83 17.04
C ALA A 102 23.07 -7.32 17.10
N ASN A 103 23.86 -6.74 16.18
CA ASN A 103 24.14 -5.32 16.25
C ASN A 103 22.99 -4.50 15.69
N ASP A 104 22.69 -4.66 14.40
CA ASP A 104 21.57 -3.99 13.73
C ASP A 104 21.60 -2.49 13.97
N LEU A 105 20.42 -1.90 14.20
CA LEU A 105 20.29 -0.46 14.42
C LEU A 105 20.35 -0.17 15.92
N CYS A 106 21.42 0.50 16.35
CA CYS A 106 21.58 0.78 17.78
C CYS A 106 20.51 1.74 18.28
N PHE A 107 20.22 2.79 17.52
CA PHE A 107 19.15 3.71 17.89
C PHE A 107 17.81 3.16 17.41
N PRO A 108 16.81 3.06 18.28
CA PRO A 108 15.51 2.51 17.85
C PRO A 108 14.88 3.36 16.76
N GLY A 109 14.21 2.67 15.84
CA GLY A 109 13.59 3.35 14.71
C GLY A 109 13.24 2.35 13.62
N SER A 110 13.25 2.83 12.38
CA SER A 110 12.89 2.00 11.25
C SER A 110 13.48 2.59 9.98
N LEU A 111 13.55 1.77 8.94
CA LEU A 111 14.01 2.18 7.62
C LEU A 111 12.88 1.98 6.63
N ASN A 112 12.45 3.05 5.97
CA ASN A 112 11.30 3.00 5.09
C ASN A 112 11.58 2.13 3.88
N ASP A 113 10.62 1.26 3.55
CA ASP A 113 10.71 0.35 2.41
C ASP A 113 11.98 -0.50 2.49
N TYR A 114 12.18 -1.14 3.64
CA TYR A 114 13.36 -1.97 3.84
C TYR A 114 13.37 -3.16 2.89
N GLU A 115 12.23 -3.82 2.72
CA GLU A 115 12.16 -5.06 1.96
C GLU A 115 12.18 -4.83 0.45
N GLU A 116 12.01 -3.60 -0.01
CA GLU A 116 12.25 -3.29 -1.41
C GLU A 116 13.71 -2.97 -1.69
N LEU A 117 14.46 -2.54 -0.68
CA LEU A 117 15.90 -2.34 -0.84
C LEU A 117 16.62 -3.68 -0.97
N LYS A 118 16.16 -4.70 -0.25
CA LYS A 118 16.74 -6.01 -0.36
C LYS A 118 16.40 -6.71 -1.67
N HIS A 119 15.46 -6.17 -2.44
CA HIS A 119 15.20 -6.66 -3.78
C HIS A 119 16.10 -6.01 -4.81
N MET A 120 16.47 -4.75 -4.61
CA MET A 120 17.42 -4.11 -5.49
C MET A 120 18.80 -4.73 -5.36
N LEU A 121 19.22 -5.02 -4.14
CA LEU A 121 20.35 -5.91 -3.94
C LEU A 121 19.99 -7.30 -4.44
N SER A 122 20.98 -8.18 -4.46
CA SER A 122 20.95 -9.46 -5.18
C SER A 122 20.95 -9.25 -6.68
N ARG A 123 21.21 -8.01 -7.14
CA ARG A 123 21.48 -7.72 -8.54
C ARG A 123 22.66 -6.76 -8.67
N ILE A 124 23.43 -6.60 -7.59
CA ILE A 124 24.59 -5.72 -7.55
C ILE A 124 25.77 -6.52 -7.03
N ASN A 125 26.91 -6.43 -7.71
CA ASN A 125 28.09 -7.20 -7.36
C ASN A 125 29.28 -6.36 -6.90
N HIS A 126 29.19 -5.03 -6.98
CA HIS A 126 30.30 -4.20 -6.54
C HIS A 126 29.79 -2.78 -6.28
N PHE A 127 30.36 -2.15 -5.26
CA PHE A 127 30.02 -0.79 -4.88
C PHE A 127 31.29 0.05 -4.78
N GLU A 128 31.10 1.37 -4.75
CA GLU A 128 32.18 2.32 -4.56
C GLU A 128 31.64 3.51 -3.79
N LYS A 129 32.40 3.96 -2.79
CA LYS A 129 31.94 5.02 -1.91
C LYS A 129 32.46 6.38 -2.37
N ILE A 130 31.64 7.40 -2.20
CA ILE A 130 31.93 8.75 -2.67
C ILE A 130 31.55 9.74 -1.58
N GLN A 131 32.39 10.76 -1.40
CA GLN A 131 32.12 11.84 -0.46
C GLN A 131 31.32 12.92 -1.18
N ILE A 132 30.03 13.04 -0.84
CA ILE A 132 29.14 13.97 -1.53
C ILE A 132 29.07 15.32 -0.82
N ILE A 133 29.00 15.31 0.50
CA ILE A 133 29.02 16.55 1.28
C ILE A 133 30.06 16.41 2.38
N PRO A 134 31.18 17.11 2.32
CA PRO A 134 32.22 16.95 3.34
C PRO A 134 31.75 17.43 4.70
N LYS A 135 32.33 16.84 5.74
CA LYS A 135 32.02 17.23 7.11
C LYS A 135 32.56 18.61 7.47
N SER A 136 33.46 19.16 6.66
CA SER A 136 34.02 20.48 6.90
C SER A 136 33.22 21.59 6.24
N SER A 137 32.15 21.26 5.52
CA SER A 137 31.35 22.23 4.78
C SER A 137 30.22 22.81 5.62
N TRP A 138 30.33 22.78 6.94
CA TRP A 138 29.31 23.31 7.84
C TRP A 138 29.96 24.32 8.79
N PRO A 139 30.32 25.49 8.29
CA PRO A 139 30.98 26.49 9.15
C PRO A 139 30.11 27.01 10.28
N ASN A 140 28.79 27.04 10.13
CA ASN A 140 27.94 27.63 11.16
C ASN A 140 26.90 26.64 11.67
N HIS A 141 27.34 25.42 11.94
CA HIS A 141 26.55 24.41 12.64
C HIS A 141 27.51 23.69 13.58
N GLU A 142 27.09 22.56 14.13
CA GLU A 142 27.96 21.80 15.02
C GLU A 142 27.77 20.31 14.77
N THR A 143 28.90 19.62 14.56
CA THR A 143 28.90 18.20 14.24
C THR A 143 29.68 17.38 15.25
N SER A 144 29.85 17.89 16.47
CA SER A 144 30.70 17.26 17.48
C SER A 144 29.93 16.50 18.55
N LEU A 145 28.99 17.16 19.24
CA LEU A 145 28.29 16.54 20.36
C LEU A 145 27.01 15.84 19.94
N GLY A 146 26.93 15.38 18.70
CA GLY A 146 25.80 14.58 18.27
C GLY A 146 26.03 13.11 18.51
N VAL A 147 26.19 12.73 19.78
CA VAL A 147 26.49 11.36 20.16
C VAL A 147 25.47 10.91 21.20
N SER A 148 25.30 9.59 21.30
CA SER A 148 24.36 8.98 22.22
C SER A 148 24.99 7.74 22.85
N ALA A 149 24.46 7.36 24.00
CA ALA A 149 24.98 6.23 24.75
C ALA A 149 24.44 4.89 24.28
N ALA A 150 23.53 4.88 23.31
CA ALA A 150 22.97 3.65 22.78
C ALA A 150 23.80 3.05 21.65
N CYS A 151 24.82 3.76 21.18
CA CYS A 151 25.73 3.27 20.14
C CYS A 151 27.16 3.43 20.63
N PRO A 152 27.58 2.61 21.58
CA PRO A 152 28.91 2.78 22.18
C PRO A 152 30.01 2.26 21.27
N TYR A 153 31.21 2.81 21.49
CA TYR A 153 32.43 2.36 20.84
C TYR A 153 33.52 2.26 21.88
N GLN A 154 33.88 1.02 22.25
CA GLN A 154 34.87 0.76 23.28
C GLN A 154 34.52 1.46 24.60
N GLY A 155 33.26 1.33 25.00
CA GLY A 155 32.80 1.96 26.22
C GLY A 155 32.74 3.47 26.19
N ALA A 156 32.27 4.05 25.10
CA ALA A 156 32.13 5.50 24.99
C ALA A 156 31.06 5.80 23.95
N PRO A 157 30.26 6.85 24.16
CA PRO A 157 29.19 7.16 23.21
C PRO A 157 29.74 7.49 21.83
N SER A 158 28.98 7.08 20.80
CA SER A 158 29.35 7.32 19.41
C SER A 158 28.08 7.37 18.57
N PHE A 159 28.24 7.31 17.26
CA PHE A 159 27.13 7.42 16.32
C PHE A 159 27.55 6.73 15.03
N PHE A 160 26.64 6.73 14.05
CA PHE A 160 26.95 6.16 12.75
C PHE A 160 28.07 6.95 12.08
N ARG A 161 28.56 6.42 10.96
CA ARG A 161 29.69 7.01 10.26
C ARG A 161 29.36 7.54 8.87
N ASN A 162 28.26 7.11 8.26
CA ASN A 162 27.86 7.59 6.95
C ASN A 162 26.86 8.73 7.00
N VAL A 163 26.46 9.17 8.20
CA VAL A 163 25.48 10.25 8.35
C VAL A 163 25.96 11.19 9.43
N VAL A 164 25.41 12.41 9.42
CA VAL A 164 25.79 13.46 10.35
C VAL A 164 24.55 13.99 11.04
N TRP A 165 24.64 14.16 12.36
CA TRP A 165 23.56 14.73 13.18
C TRP A 165 23.94 16.15 13.55
N LEU A 166 23.12 17.11 13.15
CA LEU A 166 23.44 18.52 13.28
C LEU A 166 22.71 19.13 14.48
N ILE A 167 23.44 19.91 15.28
CA ILE A 167 22.91 20.57 16.45
C ILE A 167 23.32 22.05 16.37
N LYS A 168 22.55 22.89 17.06
CA LYS A 168 22.74 24.33 16.99
C LYS A 168 24.13 24.73 17.47
N LYS A 169 24.57 25.91 17.01
CA LYS A 169 25.82 26.51 17.43
C LYS A 169 25.58 27.98 17.74
N ASN A 170 26.07 28.43 18.89
CA ASN A 170 25.88 29.82 19.36
C ASN A 170 24.40 30.18 19.46
N ASP A 171 23.56 29.19 19.77
CA ASP A 171 22.11 29.37 19.93
C ASP A 171 21.50 29.94 18.65
N ALA A 172 21.61 29.14 17.59
CA ALA A 172 21.07 29.51 16.29
C ALA A 172 21.01 28.27 15.41
N TYR A 173 20.19 28.35 14.36
CA TYR A 173 20.02 27.26 13.40
C TYR A 173 19.50 27.84 12.08
N PRO A 174 20.37 28.37 11.24
CA PRO A 174 19.92 28.95 9.97
C PRO A 174 19.35 27.90 9.03
N THR A 175 18.47 28.35 8.14
CA THR A 175 17.86 27.47 7.16
C THR A 175 18.92 26.90 6.22
N ILE A 176 18.68 25.68 5.74
CA ILE A 176 19.65 24.94 4.94
C ILE A 176 19.15 24.87 3.49
N LYS A 177 20.03 25.24 2.56
CA LYS A 177 19.77 25.10 1.13
C LYS A 177 20.99 24.43 0.49
N ILE A 178 20.81 23.23 -0.03
CA ILE A 178 21.93 22.46 -0.59
C ILE A 178 21.42 21.62 -1.75
N SER A 179 22.21 21.58 -2.82
CA SER A 179 21.93 20.74 -3.97
C SER A 179 23.19 20.00 -4.40
N TYR A 180 23.00 18.82 -4.97
CA TYR A 180 24.09 18.02 -5.52
C TYR A 180 23.74 17.62 -6.94
N ASN A 181 24.67 17.82 -7.86
CA ASN A 181 24.48 17.54 -9.28
C ASN A 181 25.30 16.31 -9.66
N ASN A 182 24.63 15.30 -10.21
CA ASN A 182 25.31 14.09 -10.64
C ASN A 182 26.03 14.34 -11.96
N THR A 183 27.29 13.92 -12.03
CA THR A 183 28.11 14.14 -13.22
C THR A 183 28.84 12.88 -13.68
N ASN A 184 28.66 11.75 -13.01
CA ASN A 184 29.31 10.51 -13.40
C ASN A 184 28.49 9.81 -14.48
N ARG A 185 28.85 8.58 -14.81
CA ARG A 185 28.14 7.81 -15.82
C ARG A 185 27.39 6.63 -15.23
N GLU A 186 27.27 6.56 -13.91
CA GLU A 186 26.55 5.51 -13.22
C GLU A 186 25.58 6.12 -12.22
N ASP A 187 24.75 5.26 -11.62
CA ASP A 187 23.73 5.72 -10.69
C ASP A 187 24.33 5.96 -9.31
N LEU A 188 23.48 6.41 -8.39
CA LEU A 188 23.86 6.65 -7.01
C LEU A 188 22.73 6.19 -6.10
N LEU A 189 23.05 6.08 -4.81
CA LEU A 189 22.07 5.72 -3.79
C LEU A 189 22.37 6.53 -2.55
N ILE A 190 21.39 7.32 -2.10
CA ILE A 190 21.59 8.27 -1.01
C ILE A 190 20.62 7.94 0.12
N LEU A 191 21.02 8.29 1.34
CA LEU A 191 20.22 8.05 2.54
C LEU A 191 20.19 9.29 3.42
N TRP A 192 19.03 9.56 4.02
CA TRP A 192 18.86 10.66 4.95
C TRP A 192 17.82 10.25 5.98
N GLY A 193 17.53 11.16 6.93
CA GLY A 193 16.62 10.77 7.99
C GLY A 193 16.03 11.95 8.75
N ILE A 194 15.15 11.60 9.69
CA ILE A 194 14.44 12.56 10.54
C ILE A 194 14.50 12.05 11.98
N HIS A 195 14.33 12.98 12.92
CA HIS A 195 14.45 12.68 14.35
C HIS A 195 13.19 13.11 15.07
N HIS A 196 12.67 12.22 15.92
CA HIS A 196 11.49 12.48 16.73
C HIS A 196 11.90 12.71 18.18
N SER A 197 11.40 13.78 18.78
CA SER A 197 11.75 14.15 20.14
C SER A 197 10.76 13.54 21.13
N ASN A 198 10.83 13.95 22.39
CA ASN A 198 9.90 13.49 23.41
C ASN A 198 9.04 14.60 24.02
N ASN A 199 9.50 15.83 24.06
CA ASN A 199 8.73 16.93 24.61
C ASN A 199 9.28 18.24 24.05
N ALA A 200 8.63 19.35 24.43
CA ALA A 200 8.99 20.65 23.87
C ALA A 200 10.33 21.15 24.41
N GLU A 201 10.62 20.88 25.69
CA GLU A 201 11.86 21.37 26.28
C GLU A 201 13.09 20.77 25.60
N GLU A 202 13.06 19.47 25.30
CA GLU A 202 14.18 18.87 24.59
C GLU A 202 14.33 19.45 23.20
N GLN A 203 13.21 19.70 22.52
CA GLN A 203 13.27 20.27 21.17
C GLN A 203 13.87 21.68 21.19
N THR A 204 13.49 22.49 22.18
CA THR A 204 14.06 23.84 22.27
C THR A 204 15.46 23.85 22.86
N ASN A 205 15.91 22.75 23.47
CA ASN A 205 17.28 22.63 23.93
C ASN A 205 18.24 22.16 22.85
N LEU A 206 17.83 21.20 22.02
CA LEU A 206 18.70 20.72 20.95
C LEU A 206 18.74 21.71 19.78
N TYR A 207 17.60 21.93 19.15
CA TYR A 207 17.43 22.96 18.16
C TYR A 207 16.77 24.17 18.82
N LYS A 208 16.38 25.16 18.02
CA LYS A 208 15.77 26.36 18.57
C LYS A 208 14.34 26.57 18.08
N ASN A 209 14.09 26.41 16.79
CA ASN A 209 12.76 26.67 16.26
C ASN A 209 11.79 25.57 16.70
N PRO A 210 10.62 25.92 17.25
CA PRO A 210 9.70 24.88 17.72
C PRO A 210 8.95 24.15 16.62
N ILE A 211 8.80 24.74 15.44
CA ILE A 211 8.12 24.12 14.31
C ILE A 211 9.14 23.89 13.21
N THR A 212 9.32 22.62 12.82
CA THR A 212 10.36 22.24 11.87
C THR A 212 9.78 21.39 10.76
N TYR A 213 10.55 21.25 9.69
CA TYR A 213 10.12 20.50 8.51
C TYR A 213 11.34 20.12 7.69
N ILE A 214 11.13 19.16 6.78
CA ILE A 214 12.15 18.73 5.82
C ILE A 214 11.51 18.63 4.45
N SER A 215 12.20 19.15 3.43
CA SER A 215 11.75 19.08 2.05
C SER A 215 12.85 18.47 1.19
N VAL A 216 12.49 17.49 0.38
CA VAL A 216 13.41 16.84 -0.55
C VAL A 216 12.75 16.79 -1.92
N GLY A 217 13.49 17.19 -2.95
CA GLY A 217 12.94 17.22 -4.30
C GLY A 217 13.90 16.82 -5.39
N THR A 218 13.38 16.12 -6.40
CA THR A 218 14.13 15.78 -7.61
C THR A 218 13.14 15.67 -8.76
N SER A 219 13.59 15.09 -9.87
CA SER A 219 12.74 14.99 -11.05
C SER A 219 11.56 14.05 -10.88
N THR A 220 11.58 13.19 -9.87
CA THR A 220 10.47 12.27 -9.65
C THR A 220 9.93 12.32 -8.23
N LEU A 221 10.79 12.51 -7.23
CA LEU A 221 10.38 12.51 -5.85
C LEU A 221 9.83 13.87 -5.43
N ASN A 222 8.97 13.85 -4.42
CA ASN A 222 8.41 15.06 -3.83
C ASN A 222 7.90 14.69 -2.45
N GLN A 223 8.49 15.26 -1.40
CA GLN A 223 8.25 14.79 -0.05
C GLN A 223 8.40 15.91 0.95
N ARG A 224 7.53 15.92 1.96
CA ARG A 224 7.58 16.87 3.06
C ARG A 224 7.14 16.16 4.34
N LEU A 225 7.87 16.39 5.42
CA LEU A 225 7.58 15.74 6.70
C LEU A 225 7.71 16.73 7.84
N ALA A 226 7.09 16.37 8.96
CA ALA A 226 7.15 17.14 10.20
C ALA A 226 7.33 16.16 11.36
N PRO A 227 8.04 16.55 12.41
CA PRO A 227 8.28 15.64 13.53
C PRO A 227 7.03 15.39 14.34
N LYS A 228 7.03 14.25 15.04
CA LYS A 228 5.97 13.87 15.96
C LYS A 228 6.53 13.88 17.38
N ILE A 229 5.91 14.65 18.26
CA ILE A 229 6.32 14.78 19.65
C ILE A 229 5.23 14.18 20.52
N ALA A 230 5.57 13.12 21.25
CA ALA A 230 4.61 12.41 22.09
C ALA A 230 5.38 11.66 23.17
N THR A 231 4.69 10.75 23.85
CA THR A 231 5.28 9.93 24.90
C THR A 231 5.25 8.47 24.46
N ARG A 232 6.37 7.78 24.62
CA ARG A 232 6.48 6.39 24.21
C ARG A 232 7.34 5.64 25.20
N SER A 233 7.45 4.33 25.00
CA SER A 233 8.10 3.44 25.97
C SER A 233 9.62 3.52 25.81
N GLN A 234 10.32 2.60 26.47
CA GLN A 234 11.77 2.54 26.45
C GLN A 234 12.22 1.36 25.58
N VAL A 235 13.15 1.62 24.66
CA VAL A 235 13.85 0.59 23.92
C VAL A 235 15.33 0.91 23.96
N ASN A 236 16.13 -0.04 24.45
CA ASN A 236 17.58 0.09 24.58
C ASN A 236 17.97 1.27 25.47
N GLY A 237 17.06 1.72 26.34
CA GLY A 237 17.35 2.79 27.27
C GLY A 237 16.94 4.17 26.81
N GLN A 238 16.60 4.33 25.55
CA GLN A 238 16.20 5.63 25.00
C GLN A 238 14.68 5.73 24.94
N ARG A 239 14.21 6.94 24.59
CA ARG A 239 12.78 7.19 24.49
C ARG A 239 12.43 8.00 23.25
N GLY A 240 13.33 8.13 22.27
CA GLY A 240 13.06 8.76 21.01
C GLY A 240 13.26 7.80 19.85
N ARG A 241 13.01 8.31 18.66
CA ARG A 241 13.07 7.49 17.46
C ARG A 241 13.76 8.24 16.33
N MET A 242 14.18 7.50 15.31
CA MET A 242 14.78 8.04 14.11
C MET A 242 14.32 7.23 12.91
N ASP A 243 13.93 7.92 11.84
CA ASP A 243 13.48 7.28 10.61
C ASP A 243 14.48 7.55 9.49
N PHE A 244 14.51 6.67 8.50
CA PHE A 244 15.48 6.76 7.41
C PHE A 244 14.80 6.46 6.08
N PHE A 245 15.35 7.03 5.01
CA PHE A 245 14.79 6.90 3.67
C PHE A 245 15.94 6.65 2.67
N TRP A 246 15.57 6.40 1.41
CA TRP A 246 16.56 6.19 0.36
C TRP A 246 15.93 6.48 -1.00
N THR A 247 16.79 6.67 -2.00
CA THR A 247 16.36 6.91 -3.38
C THR A 247 17.51 6.62 -4.32
N ILE A 248 17.21 6.67 -5.62
CA ILE A 248 18.20 6.52 -6.69
C ILE A 248 18.21 7.80 -7.51
N LEU A 249 19.41 8.25 -7.86
CA LEU A 249 19.62 9.41 -8.72
C LEU A 249 20.11 8.95 -10.08
N LYS A 250 19.50 9.47 -11.13
CA LYS A 250 19.87 9.11 -12.50
C LYS A 250 21.16 9.81 -12.92
N PRO A 251 21.83 9.29 -13.95
CA PRO A 251 23.17 9.80 -14.30
C PRO A 251 23.24 11.25 -14.73
N ASP A 252 22.13 12.00 -14.75
CA ASP A 252 22.21 13.41 -15.11
C ASP A 252 21.31 14.32 -14.28
N ASP A 253 20.61 13.81 -13.29
CA ASP A 253 19.67 14.61 -12.51
C ASP A 253 20.39 15.29 -11.35
N ALA A 254 19.61 15.99 -10.52
CA ALA A 254 20.12 16.66 -9.34
C ALA A 254 19.15 16.44 -8.19
N ILE A 255 19.67 16.54 -6.97
CA ILE A 255 18.88 16.37 -5.75
C ILE A 255 18.99 17.64 -4.92
N HIS A 256 17.89 18.03 -4.29
CA HIS A 256 17.82 19.26 -3.52
C HIS A 256 17.34 18.98 -2.10
N PHE A 257 17.81 19.79 -1.16
CA PHE A 257 17.45 19.65 0.24
C PHE A 257 17.04 20.99 0.83
N GLU A 258 16.15 20.93 1.82
CA GLU A 258 15.71 22.10 2.55
C GLU A 258 15.25 21.64 3.93
N SER A 259 15.77 22.29 4.97
CA SER A 259 15.45 21.86 6.33
C SER A 259 15.50 23.05 7.26
N ASN A 260 14.81 22.91 8.40
CA ASN A 260 14.81 23.90 9.45
C ASN A 260 15.10 23.30 10.81
N GLY A 261 15.22 21.98 10.90
CA GLY A 261 15.48 21.29 12.15
C GLY A 261 15.24 19.81 12.01
N ASN A 262 15.75 19.03 12.95
CA ASN A 262 15.59 17.57 12.97
C ASN A 262 16.07 16.95 11.67
N PHE A 263 17.32 17.21 11.33
CA PHE A 263 17.91 16.76 10.08
C PHE A 263 19.14 15.90 10.34
N ILE A 264 19.21 14.76 9.66
CA ILE A 264 20.39 13.90 9.68
C ILE A 264 21.01 13.93 8.28
N ALA A 265 21.99 14.81 8.09
CA ALA A 265 22.52 15.07 6.77
C ALA A 265 23.36 13.89 6.27
N PRO A 266 23.39 13.67 4.95
CA PRO A 266 24.24 12.61 4.40
C PRO A 266 25.64 13.08 4.07
N GLU A 267 26.59 12.16 4.21
CA GLU A 267 28.00 12.43 3.92
C GLU A 267 28.55 11.55 2.83
N TYR A 268 28.24 10.25 2.86
CA TYR A 268 28.75 9.31 1.87
C TYR A 268 27.60 8.73 1.05
N ALA A 269 27.93 8.27 -0.15
CA ALA A 269 26.96 7.67 -1.05
C ALA A 269 27.65 6.56 -1.83
N TYR A 270 26.86 5.66 -2.39
CA TYR A 270 27.35 4.46 -3.05
C TYR A 270 27.11 4.55 -4.55
N LYS A 271 28.14 4.22 -5.32
CA LYS A 271 28.07 4.22 -6.78
C LYS A 271 27.98 2.79 -7.30
N ILE A 272 26.98 2.54 -8.13
CA ILE A 272 26.77 1.20 -8.70
C ILE A 272 27.69 1.04 -9.90
N VAL A 273 28.54 0.02 -9.86
CA VAL A 273 29.56 -0.16 -10.89
C VAL A 273 29.49 -1.52 -11.55
N LYS A 274 28.75 -2.49 -11.02
CA LYS A 274 28.65 -3.80 -11.64
C LYS A 274 27.31 -4.43 -11.28
N LYS A 275 26.65 -5.01 -12.28
CA LYS A 275 25.35 -5.64 -12.11
C LYS A 275 25.44 -7.10 -12.54
N GLY A 276 24.59 -7.93 -11.94
CA GLY A 276 24.62 -9.36 -12.26
C GLY A 276 23.69 -10.15 -11.36
N ASP A 277 24.05 -11.43 -11.17
CA ASP A 277 23.24 -12.36 -10.39
C ASP A 277 23.81 -12.49 -8.98
N SER A 278 22.92 -12.51 -8.00
CA SER A 278 23.31 -12.62 -6.60
C SER A 278 22.09 -13.05 -5.80
N THR A 279 22.33 -13.36 -4.53
CA THR A 279 21.26 -13.85 -3.65
C THR A 279 21.66 -13.60 -2.20
N ILE A 280 20.67 -13.30 -1.37
CA ILE A 280 20.84 -13.13 0.06
C ILE A 280 20.40 -14.42 0.75
N MET A 281 21.27 -14.96 1.60
CA MET A 281 21.03 -16.23 2.26
C MET A 281 20.98 -16.04 3.78
N LYS A 282 20.41 -17.04 4.45
CA LYS A 282 20.35 -17.08 5.91
C LYS A 282 20.82 -18.45 6.37
N SER A 283 21.97 -18.49 7.02
CA SER A 283 22.58 -19.74 7.44
C SER A 283 23.56 -19.47 8.56
N GLY A 284 24.08 -20.55 9.14
CA GLY A 284 25.04 -20.44 10.22
C GLY A 284 26.18 -21.41 10.13
N VAL A 285 26.57 -21.77 8.91
CA VAL A 285 27.65 -22.71 8.66
C VAL A 285 28.97 -21.93 8.56
N GLU A 286 30.02 -22.49 9.16
CA GLU A 286 31.31 -21.83 9.19
C GLU A 286 31.95 -21.79 7.80
N TYR A 287 32.85 -20.84 7.62
CA TYR A 287 33.50 -20.60 6.33
C TYR A 287 34.63 -21.61 6.11
N GLY A 288 34.90 -21.87 4.83
CA GLY A 288 35.97 -22.77 4.45
C GLY A 288 36.49 -22.39 3.08
N HIS A 289 37.42 -23.20 2.58
CA HIS A 289 38.07 -22.95 1.30
C HIS A 289 37.80 -24.12 0.37
N CYS A 290 37.19 -23.84 -0.77
CA CYS A 290 36.92 -24.87 -1.78
C CYS A 290 36.96 -24.20 -3.14
N ASN A 291 36.40 -24.87 -4.14
CA ASN A 291 36.04 -24.26 -5.40
C ASN A 291 34.98 -25.15 -6.06
N THR A 292 33.75 -24.66 -6.11
CA THR A 292 32.63 -25.47 -6.59
C THR A 292 31.81 -24.63 -7.56
N LYS A 293 30.68 -25.20 -8.01
CA LYS A 293 29.83 -24.54 -8.99
C LYS A 293 28.38 -24.45 -8.54
N CYS A 294 28.06 -24.88 -7.32
CA CYS A 294 26.71 -24.76 -6.79
C CYS A 294 26.81 -24.53 -5.29
N GLN A 295 25.74 -24.00 -4.70
CA GLN A 295 25.74 -23.70 -3.27
C GLN A 295 24.31 -23.76 -2.74
N THR A 296 24.15 -24.43 -1.61
CA THR A 296 22.93 -24.46 -0.83
C THR A 296 23.23 -23.96 0.58
N PRO A 297 22.23 -23.43 1.30
CA PRO A 297 22.52 -22.82 2.60
C PRO A 297 23.06 -23.78 3.66
N VAL A 298 23.16 -25.09 3.38
CA VAL A 298 23.67 -26.02 4.37
C VAL A 298 24.76 -26.91 3.78
N GLY A 299 25.40 -26.46 2.72
CA GLY A 299 26.50 -27.22 2.15
C GLY A 299 26.80 -26.80 0.72
N ALA A 300 27.32 -27.76 -0.04
CA ALA A 300 27.65 -27.57 -1.45
C ALA A 300 27.47 -28.90 -2.16
N ILE A 301 27.43 -28.84 -3.49
CA ILE A 301 27.17 -30.01 -4.32
C ILE A 301 28.25 -30.14 -5.39
N ASN A 302 28.78 -31.34 -5.55
CA ASN A 302 29.80 -31.66 -6.54
C ASN A 302 29.45 -32.93 -7.29
N SER A 303 28.21 -33.01 -7.77
CA SER A 303 27.71 -34.19 -8.45
C SER A 303 27.08 -33.80 -9.78
N SER A 304 27.02 -34.78 -10.70
CA SER A 304 26.48 -34.57 -12.03
C SER A 304 25.09 -35.18 -12.20
N MET A 305 24.54 -35.79 -11.16
CA MET A 305 23.21 -36.36 -11.25
C MET A 305 22.17 -35.24 -11.35
N PRO A 306 21.04 -35.49 -12.01
CA PRO A 306 20.07 -34.43 -12.29
C PRO A 306 19.02 -34.16 -11.22
N PHE A 307 19.22 -34.63 -9.98
CA PHE A 307 18.22 -34.38 -8.94
C PHE A 307 18.90 -34.31 -7.58
N HIS A 308 18.24 -33.64 -6.65
CA HIS A 308 18.72 -33.53 -5.27
C HIS A 308 17.54 -33.19 -4.36
N ASN A 309 17.76 -33.35 -3.05
CA ASN A 309 16.71 -33.08 -2.08
C ASN A 309 17.26 -32.37 -0.84
N ILE A 310 18.28 -31.52 -1.00
CA ILE A 310 18.90 -30.88 0.15
C ILE A 310 18.09 -29.68 0.62
N HIS A 311 17.94 -28.67 -0.25
CA HIS A 311 17.26 -27.44 0.13
C HIS A 311 16.74 -26.78 -1.14
N PRO A 312 15.51 -26.25 -1.13
CA PRO A 312 14.93 -25.73 -2.38
C PRO A 312 15.57 -24.44 -2.87
N LEU A 313 16.28 -23.70 -2.03
CA LEU A 313 16.90 -22.44 -2.42
C LEU A 313 18.38 -22.67 -2.71
N THR A 314 18.81 -22.35 -3.92
CA THR A 314 20.17 -22.60 -4.36
C THR A 314 20.69 -21.36 -5.09
N ILE A 315 21.87 -21.51 -5.70
CA ILE A 315 22.48 -20.45 -6.48
C ILE A 315 23.50 -21.10 -7.41
N GLY A 316 23.53 -20.64 -8.66
CA GLY A 316 24.40 -21.21 -9.67
C GLY A 316 23.69 -22.28 -10.48
N GLU A 317 24.49 -22.99 -11.28
CA GLU A 317 23.98 -24.09 -12.10
C GLU A 317 23.92 -25.35 -11.23
N CYS A 318 22.71 -25.74 -10.84
CA CYS A 318 22.48 -26.82 -9.91
C CYS A 318 21.42 -27.76 -10.46
N PRO A 319 21.40 -29.01 -10.03
CA PRO A 319 20.36 -29.94 -10.46
C PRO A 319 19.00 -29.55 -9.90
N LYS A 320 17.98 -30.30 -10.33
CA LYS A 320 16.61 -29.99 -9.94
C LYS A 320 16.34 -30.45 -8.51
N TYR A 321 15.15 -30.12 -8.02
CA TYR A 321 14.74 -30.41 -6.65
C TYR A 321 13.46 -31.23 -6.63
N VAL A 322 13.44 -32.23 -5.75
CA VAL A 322 12.27 -33.07 -5.53
C VAL A 322 12.19 -33.42 -4.04
N LYS A 323 10.98 -33.53 -3.52
CA LYS A 323 10.75 -33.85 -2.12
C LYS A 323 10.54 -35.36 -1.95
N SER A 324 11.58 -36.11 -2.32
CA SER A 324 11.51 -37.56 -2.33
C SER A 324 12.74 -38.14 -1.63
N ASN A 325 12.67 -39.44 -1.34
CA ASN A 325 13.75 -40.15 -0.67
C ASN A 325 14.50 -41.13 -1.56
N LYS A 326 13.81 -41.79 -2.49
CA LYS A 326 14.45 -42.79 -3.33
C LYS A 326 13.96 -42.63 -4.76
N LEU A 327 14.89 -42.71 -5.72
CA LEU A 327 14.57 -42.59 -7.14
C LEU A 327 15.64 -43.34 -7.92
N VAL A 328 15.30 -44.55 -8.39
CA VAL A 328 16.23 -45.41 -9.12
C VAL A 328 15.52 -45.92 -10.37
N LEU A 329 16.09 -45.62 -11.53
CA LEU A 329 15.59 -46.15 -12.79
C LEU A 329 16.23 -47.49 -13.07
N ALA A 330 15.42 -48.48 -13.45
CA ALA A 330 15.89 -49.84 -13.66
C ALA A 330 16.36 -50.02 -15.10
N THR A 331 17.55 -50.60 -15.25
CA THR A 331 18.11 -50.94 -16.55
C THR A 331 18.63 -52.37 -16.54
N GLY A 332 17.87 -53.28 -15.95
CA GLY A 332 18.32 -54.65 -15.77
C GLY A 332 17.39 -55.71 -16.32
N LEU A 333 17.39 -56.88 -15.68
CA LEU A 333 16.62 -58.02 -16.16
C LEU A 333 15.89 -58.64 -14.98
N ARG A 334 15.30 -59.81 -15.17
CA ARG A 334 14.50 -60.52 -14.16
C ARG A 334 13.20 -59.79 -13.84
N THR B 49 21.35 -49.28 -24.44
CA THR B 49 22.17 -48.32 -23.72
C THR B 49 21.74 -46.89 -24.07
N ASN B 50 21.99 -45.96 -23.15
CA ASN B 50 21.62 -44.56 -23.32
C ASN B 50 20.10 -44.40 -23.40
N LYS B 51 19.43 -44.76 -22.30
CA LYS B 51 18.03 -44.45 -22.09
C LYS B 51 17.81 -43.28 -21.13
N VAL B 52 18.73 -43.09 -20.18
CA VAL B 52 18.51 -42.12 -19.10
C VAL B 52 18.49 -40.70 -19.63
N ASN B 53 19.35 -40.40 -20.61
CA ASN B 53 19.45 -39.03 -21.11
C ASN B 53 18.14 -38.54 -21.72
N SER B 54 17.31 -39.45 -22.24
CA SER B 54 16.02 -39.08 -22.80
C SER B 54 15.10 -38.48 -21.74
N ILE B 55 15.36 -38.74 -20.46
CA ILE B 55 14.53 -38.18 -19.40
C ILE B 55 15.14 -36.89 -18.85
N ILE B 56 16.47 -36.77 -18.84
CA ILE B 56 17.11 -35.60 -18.25
C ILE B 56 16.75 -34.34 -19.03
N ASP B 57 16.84 -34.41 -20.37
CA ASP B 57 16.49 -33.26 -21.18
C ASP B 57 15.00 -32.97 -21.18
N LYS B 58 14.18 -33.98 -20.89
CA LYS B 58 12.73 -33.75 -20.90
C LYS B 58 12.29 -32.93 -19.70
N MET B 59 13.04 -32.99 -18.60
CA MET B 59 12.79 -32.18 -17.43
C MET B 59 13.84 -31.09 -17.29
N ASN B 60 14.26 -30.52 -18.42
CA ASN B 60 15.29 -29.49 -18.40
C ASN B 60 14.78 -28.20 -17.77
N THR B 61 13.48 -27.95 -17.84
CA THR B 61 12.89 -26.74 -17.27
C THR B 61 12.01 -27.11 -16.09
N GLN B 62 12.03 -26.25 -15.06
CA GLN B 62 11.30 -26.48 -13.82
C GLN B 62 11.03 -25.12 -13.19
N PHE B 63 10.65 -25.13 -11.91
CA PHE B 63 10.39 -23.90 -11.17
C PHE B 63 11.52 -23.64 -10.20
N GLU B 64 12.12 -22.45 -10.30
CA GLU B 64 13.20 -22.05 -9.41
C GLU B 64 12.65 -21.07 -8.37
N ALA B 65 12.86 -21.39 -7.11
CA ALA B 65 12.35 -20.56 -6.02
C ALA B 65 13.28 -19.37 -5.78
N VAL B 66 12.67 -18.25 -5.39
CA VAL B 66 13.40 -17.01 -5.12
C VAL B 66 12.99 -16.53 -3.74
N GLY B 67 13.91 -15.82 -3.08
CA GLY B 67 13.66 -15.32 -1.73
C GLY B 67 13.04 -13.94 -1.75
N ARG B 68 11.99 -13.77 -0.96
CA ARG B 68 11.30 -12.49 -0.83
C ARG B 68 10.97 -12.26 0.64
N GLU B 69 10.90 -10.98 1.01
CA GLU B 69 10.67 -10.59 2.40
C GLU B 69 9.47 -9.67 2.50
N PHE B 70 8.67 -9.86 3.56
CA PHE B 70 7.48 -9.07 3.81
C PHE B 70 7.46 -8.65 5.27
N ASN B 71 6.78 -7.53 5.54
CA ASN B 71 6.74 -6.98 6.89
C ASN B 71 5.54 -7.56 7.65
N ASN B 72 5.30 -7.03 8.85
CA ASN B 72 4.32 -7.60 9.77
C ASN B 72 2.88 -7.33 9.35
N LEU B 73 2.64 -6.40 8.42
CA LEU B 73 1.28 -6.03 8.03
C LEU B 73 0.96 -6.43 6.59
N GLU B 74 1.63 -7.44 6.06
CA GLU B 74 1.33 -7.96 4.72
C GLU B 74 1.34 -9.48 4.72
N ARG B 75 0.64 -10.09 5.67
CA ARG B 75 0.65 -11.55 5.81
C ARG B 75 -0.03 -12.25 4.65
N ARG B 76 -1.03 -11.61 4.03
CA ARG B 76 -1.82 -12.27 2.99
C ARG B 76 -0.96 -12.65 1.78
N ILE B 77 -0.14 -11.71 1.31
CA ILE B 77 0.72 -12.00 0.17
C ILE B 77 1.79 -13.02 0.53
N GLU B 78 2.24 -13.02 1.79
CA GLU B 78 3.17 -14.06 2.23
C GLU B 78 2.55 -15.44 2.14
N ASN B 79 1.29 -15.56 2.58
CA ASN B 79 0.58 -16.82 2.42
C ASN B 79 0.44 -17.19 0.95
N LEU B 80 0.13 -16.22 0.10
CA LEU B 80 0.02 -16.46 -1.33
C LEU B 80 1.31 -17.07 -1.88
N ASN B 81 2.45 -16.44 -1.58
CA ASN B 81 3.74 -16.90 -2.08
C ASN B 81 4.05 -18.30 -1.59
N LYS B 82 3.85 -18.54 -0.29
CA LYS B 82 4.18 -19.85 0.28
C LYS B 82 3.34 -20.95 -0.35
N LYS B 83 2.03 -20.71 -0.50
CA LYS B 83 1.17 -21.72 -1.08
C LYS B 83 1.52 -21.99 -2.53
N MET B 84 1.86 -20.94 -3.30
CA MET B 84 2.21 -21.16 -4.70
C MET B 84 3.47 -22.01 -4.82
N GLU B 85 4.49 -21.71 -4.02
CA GLU B 85 5.72 -22.47 -4.09
C GLU B 85 5.48 -23.93 -3.71
N ASP B 86 4.72 -24.17 -2.64
CA ASP B 86 4.46 -25.55 -2.23
C ASP B 86 3.70 -26.30 -3.31
N GLY B 87 2.71 -25.66 -3.94
CA GLY B 87 1.95 -26.33 -4.98
C GLY B 87 2.81 -26.71 -6.17
N PHE B 88 3.69 -25.79 -6.60
CA PHE B 88 4.56 -26.11 -7.74
C PHE B 88 5.48 -27.26 -7.43
N LEU B 89 6.06 -27.28 -6.21
CA LEU B 89 6.93 -28.39 -5.85
C LEU B 89 6.17 -29.71 -5.84
N ASP B 90 4.94 -29.71 -5.33
CA ASP B 90 4.15 -30.94 -5.30
C ASP B 90 3.86 -31.45 -6.72
N VAL B 91 3.48 -30.54 -7.62
CA VAL B 91 3.21 -30.95 -9.00
C VAL B 91 4.44 -31.58 -9.62
N TRP B 92 5.60 -30.96 -9.45
CA TRP B 92 6.80 -31.46 -10.11
C TRP B 92 7.23 -32.81 -9.53
N THR B 93 7.16 -32.99 -8.21
CA THR B 93 7.56 -34.29 -7.66
C THR B 93 6.60 -35.39 -8.11
N TYR B 94 5.30 -35.09 -8.19
CA TYR B 94 4.35 -36.07 -8.71
C TYR B 94 4.71 -36.48 -10.13
N ASN B 95 5.01 -35.50 -10.98
CA ASN B 95 5.34 -35.79 -12.38
C ASN B 95 6.58 -36.68 -12.46
N ALA B 96 7.62 -36.36 -11.70
CA ALA B 96 8.85 -37.13 -11.75
C ALA B 96 8.63 -38.57 -11.31
N GLU B 97 7.91 -38.76 -10.20
CA GLU B 97 7.70 -40.12 -9.70
C GLU B 97 6.89 -40.95 -10.70
N LEU B 98 5.84 -40.36 -11.27
CA LEU B 98 5.03 -41.11 -12.22
C LEU B 98 5.84 -41.50 -13.46
N LEU B 99 6.67 -40.57 -13.96
CA LEU B 99 7.50 -40.88 -15.12
C LEU B 99 8.44 -42.04 -14.82
N VAL B 100 9.08 -42.02 -13.65
CA VAL B 100 10.02 -43.08 -13.31
C VAL B 100 9.31 -44.43 -13.24
N LEU B 101 8.13 -44.47 -12.62
CA LEU B 101 7.41 -45.73 -12.50
C LEU B 101 7.03 -46.29 -13.87
N MET B 102 6.49 -45.43 -14.74
CA MET B 102 6.08 -45.89 -16.06
C MET B 102 7.28 -46.38 -16.87
N GLU B 103 8.40 -45.66 -16.79
CA GLU B 103 9.60 -46.07 -17.52
C GLU B 103 10.10 -47.42 -17.05
N ASN B 104 10.09 -47.66 -15.73
CA ASN B 104 10.54 -48.95 -15.22
C ASN B 104 9.64 -50.07 -15.71
N GLU B 105 8.32 -49.85 -15.69
CA GLU B 105 7.40 -50.89 -16.16
C GLU B 105 7.65 -51.22 -17.63
N ARG B 106 7.81 -50.17 -18.45
CA ARG B 106 8.03 -50.39 -19.88
C ARG B 106 9.36 -51.10 -20.14
N THR B 107 10.40 -50.74 -19.39
CA THR B 107 11.69 -51.40 -19.55
C THR B 107 11.61 -52.89 -19.22
N LEU B 108 10.94 -53.21 -18.09
CA LEU B 108 10.81 -54.62 -17.72
C LEU B 108 10.01 -55.40 -18.76
N ASP B 109 8.94 -54.80 -19.29
CA ASP B 109 8.15 -55.48 -20.32
C ASP B 109 8.99 -55.72 -21.57
N PHE B 110 9.78 -54.74 -21.99
CA PHE B 110 10.63 -54.90 -23.16
C PHE B 110 11.62 -56.03 -22.96
N HIS B 111 12.27 -56.06 -21.79
CA HIS B 111 13.24 -57.11 -21.51
C HIS B 111 12.58 -58.48 -21.42
N ASP B 112 11.31 -58.54 -21.01
CA ASP B 112 10.62 -59.81 -21.01
C ASP B 112 10.22 -60.26 -22.41
N SER B 113 9.96 -59.30 -23.31
CA SER B 113 9.45 -59.66 -24.63
C SER B 113 10.56 -60.05 -25.61
N ASN B 114 11.68 -59.31 -25.59
CA ASN B 114 12.66 -59.48 -26.66
C ASN B 114 13.21 -60.91 -26.69
N VAL B 115 13.36 -61.53 -25.53
CA VAL B 115 13.87 -62.91 -25.48
C VAL B 115 12.85 -63.86 -26.11
N LYS B 116 11.56 -63.60 -25.90
CA LYS B 116 10.54 -64.44 -26.54
C LYS B 116 10.62 -64.30 -28.05
N ASN B 117 10.79 -63.08 -28.56
CA ASN B 117 10.91 -62.95 -30.01
C ASN B 117 12.19 -63.61 -30.54
N LEU B 118 13.29 -63.53 -29.77
CA LEU B 118 14.49 -64.26 -30.17
C LEU B 118 14.23 -65.76 -30.25
N TYR B 119 13.43 -66.27 -29.31
CA TYR B 119 12.99 -67.67 -29.42
C TYR B 119 12.16 -67.89 -30.67
N ASP B 120 11.33 -66.91 -31.03
CA ASP B 120 10.48 -67.06 -32.22
C ASP B 120 11.31 -67.19 -33.48
N LYS B 121 12.36 -66.37 -33.61
CA LYS B 121 13.21 -66.48 -34.81
C LYS B 121 13.87 -67.84 -34.97
N VAL B 122 13.76 -68.75 -34.01
CA VAL B 122 14.38 -70.07 -34.13
C VAL B 122 13.39 -71.21 -33.94
N ARG B 123 12.20 -70.96 -33.38
CA ARG B 123 11.28 -72.06 -33.05
C ARG B 123 10.83 -72.80 -34.30
N LEU B 124 10.51 -72.07 -35.37
CA LEU B 124 9.94 -72.67 -36.58
C LEU B 124 11.00 -72.93 -37.65
N GLN B 125 12.28 -72.85 -37.30
CA GLN B 125 13.34 -73.06 -38.26
C GLN B 125 13.69 -74.54 -38.44
N LEU B 126 13.17 -75.42 -37.60
CA LEU B 126 13.49 -76.84 -37.65
C LEU B 126 12.26 -77.63 -37.20
N ARG B 127 12.45 -78.91 -36.90
CA ARG B 127 11.36 -79.75 -36.43
C ARG B 127 11.75 -80.48 -35.15
N CYS C 20 -10.88 -77.60 -21.05
CA CYS C 20 -11.53 -76.39 -21.58
C CYS C 20 -11.23 -75.19 -20.69
N ILE C 21 -10.73 -74.12 -21.29
CA ILE C 21 -10.36 -72.90 -20.59
C ILE C 21 -11.18 -71.75 -21.15
N GLY C 22 -11.40 -70.74 -20.32
CA GLY C 22 -12.15 -69.57 -20.76
C GLY C 22 -12.25 -68.54 -19.67
N TYR C 23 -13.05 -67.51 -19.95
CA TYR C 23 -13.25 -66.40 -19.03
C TYR C 23 -14.36 -66.72 -18.04
N HIS C 24 -14.20 -66.23 -16.82
CA HIS C 24 -15.19 -66.40 -15.76
C HIS C 24 -16.30 -65.37 -15.98
N ALA C 25 -17.20 -65.70 -16.90
CA ALA C 25 -18.29 -64.79 -17.25
C ALA C 25 -19.21 -64.56 -16.05
N ASN C 26 -19.99 -63.49 -16.13
CA ASN C 26 -20.81 -63.06 -15.00
C ASN C 26 -21.95 -62.19 -15.55
N ASN C 27 -22.59 -61.43 -14.67
CA ASN C 27 -23.69 -60.56 -15.03
C ASN C 27 -23.62 -59.32 -14.15
N SER C 28 -24.73 -58.58 -14.08
CA SER C 28 -24.88 -57.28 -13.43
C SER C 28 -24.30 -56.18 -14.32
N THR C 29 -24.87 -54.98 -14.27
CA THR C 29 -24.60 -53.94 -15.25
C THR C 29 -23.92 -52.76 -14.59
N GLU C 30 -22.84 -52.28 -15.21
CA GLU C 30 -22.12 -51.07 -14.85
C GLU C 30 -21.11 -50.76 -15.94
N GLN C 31 -20.87 -49.48 -16.18
CA GLN C 31 -20.04 -49.02 -17.29
C GLN C 31 -18.90 -48.13 -16.79
N VAL C 32 -17.75 -48.24 -17.45
CA VAL C 32 -16.55 -47.50 -17.11
C VAL C 32 -15.96 -46.88 -18.36
N ASP C 33 -14.95 -46.03 -18.18
CA ASP C 33 -14.34 -45.28 -19.27
C ASP C 33 -12.94 -45.80 -19.57
N THR C 34 -12.59 -45.86 -20.87
CA THR C 34 -11.25 -46.23 -21.29
C THR C 34 -10.70 -45.21 -22.28
N ILE C 35 -9.52 -45.48 -22.84
CA ILE C 35 -8.87 -44.52 -23.73
C ILE C 35 -9.20 -44.73 -25.20
N MET C 36 -9.56 -45.96 -25.60
CA MET C 36 -9.98 -46.24 -26.96
C MET C 36 -11.48 -46.38 -27.10
N GLU C 37 -12.17 -46.86 -26.06
CA GLU C 37 -13.61 -46.98 -26.05
C GLU C 37 -14.16 -46.14 -24.91
N LYS C 38 -15.41 -45.70 -25.07
CA LYS C 38 -15.96 -44.69 -24.17
C LYS C 38 -16.96 -45.25 -23.15
N ASN C 39 -17.76 -46.26 -23.51
CA ASN C 39 -18.82 -46.73 -22.63
C ASN C 39 -18.85 -48.24 -22.56
N VAL C 40 -17.71 -48.86 -22.26
CA VAL C 40 -17.66 -50.31 -22.15
C VAL C 40 -18.48 -50.77 -20.94
N THR C 41 -18.77 -52.07 -20.89
CA THR C 41 -19.55 -52.67 -19.82
C THR C 41 -18.68 -53.60 -18.98
N VAL C 42 -18.83 -53.51 -17.66
CA VAL C 42 -18.04 -54.26 -16.70
C VAL C 42 -18.96 -54.96 -15.72
N THR C 43 -18.36 -55.65 -14.74
CA THR C 43 -19.08 -56.46 -13.77
C THR C 43 -18.94 -55.97 -12.34
N HIS C 44 -17.71 -55.71 -11.88
CA HIS C 44 -17.49 -55.36 -10.49
C HIS C 44 -16.86 -53.98 -10.31
N ALA C 45 -17.39 -52.98 -11.00
CA ALA C 45 -16.83 -51.63 -10.89
C ALA C 45 -17.05 -51.07 -9.48
N GLN C 46 -16.19 -50.13 -9.11
CA GLN C 46 -16.23 -49.48 -7.81
C GLN C 46 -16.11 -47.98 -8.01
N ASP C 47 -16.88 -47.21 -7.23
CA ASP C 47 -16.97 -45.78 -7.41
C ASP C 47 -16.14 -45.08 -6.34
N ILE C 48 -15.66 -43.88 -6.66
CA ILE C 48 -14.85 -43.09 -5.74
C ILE C 48 -15.42 -41.70 -5.48
N LEU C 49 -16.15 -41.09 -6.40
CA LEU C 49 -16.69 -39.76 -6.19
C LEU C 49 -17.88 -39.80 -5.25
N GLU C 50 -17.94 -38.84 -4.33
CA GLU C 50 -19.07 -38.69 -3.43
C GLU C 50 -19.85 -37.44 -3.82
N LYS C 51 -21.17 -37.57 -3.97
CA LYS C 51 -22.01 -36.47 -4.43
C LYS C 51 -23.18 -36.20 -3.48
N THR C 52 -23.09 -36.64 -2.23
CA THR C 52 -24.17 -36.47 -1.27
C THR C 52 -23.72 -35.64 -0.08
N HIS C 53 -24.68 -34.91 0.50
CA HIS C 53 -24.41 -34.08 1.67
C HIS C 53 -25.70 -33.91 2.45
N ASN C 54 -25.59 -33.89 3.78
CA ASN C 54 -26.77 -33.84 4.64
C ASN C 54 -27.51 -32.50 4.57
N GLY C 55 -26.80 -31.38 4.49
CA GLY C 55 -27.43 -30.10 4.29
C GLY C 55 -27.76 -29.32 5.57
N LYS C 56 -26.95 -29.50 6.60
CA LYS C 56 -27.10 -28.73 7.83
C LYS C 56 -25.73 -28.33 8.35
N LEU C 57 -25.71 -27.36 9.25
CA LEU C 57 -24.51 -27.01 9.99
C LEU C 57 -24.40 -27.92 11.21
N CYS C 58 -23.21 -28.49 11.40
CA CYS C 58 -23.06 -29.54 12.41
C CYS C 58 -21.91 -29.21 13.37
N ASP C 59 -21.62 -30.12 14.29
CA ASP C 59 -20.51 -29.99 15.21
C ASP C 59 -19.28 -30.68 14.67
N LEU C 60 -18.13 -30.40 15.28
CA LEU C 60 -16.83 -30.88 14.80
C LEU C 60 -16.06 -31.41 16.00
N ASN C 61 -16.11 -32.73 16.18
CA ASN C 61 -15.39 -33.43 17.25
C ASN C 61 -15.83 -32.97 18.64
N GLY C 62 -17.05 -32.45 18.76
CA GLY C 62 -17.57 -32.08 20.06
C GLY C 62 -17.78 -30.59 20.27
N VAL C 63 -16.85 -29.77 19.78
CA VAL C 63 -16.91 -28.34 20.00
C VAL C 63 -17.85 -27.70 18.97
N LYS C 64 -18.85 -26.96 19.46
CA LYS C 64 -19.92 -26.29 18.74
C LYS C 64 -19.42 -25.02 18.05
N PRO C 65 -19.90 -24.76 16.84
CA PRO C 65 -19.49 -23.54 16.13
C PRO C 65 -20.12 -22.29 16.73
N LEU C 66 -19.61 -21.14 16.30
CA LEU C 66 -20.18 -19.85 16.63
C LEU C 66 -21.04 -19.39 15.46
N ILE C 67 -22.33 -19.20 15.72
CA ILE C 67 -23.29 -18.84 14.68
C ILE C 67 -23.70 -17.40 14.93
N LEU C 68 -23.38 -16.53 13.98
CA LEU C 68 -23.86 -15.16 14.01
C LEU C 68 -25.06 -15.03 13.08
N LYS C 69 -26.20 -14.64 13.63
CA LYS C 69 -27.44 -14.69 12.86
C LYS C 69 -27.55 -13.51 11.91
N ASP C 70 -27.67 -12.30 12.44
CA ASP C 70 -27.59 -11.07 11.66
C ASP C 70 -26.65 -10.13 12.41
N CYS C 71 -25.35 -10.33 12.21
CA CYS C 71 -24.35 -9.55 12.90
C CYS C 71 -22.99 -9.81 12.26
N SER C 72 -22.31 -8.75 11.83
CA SER C 72 -21.01 -8.93 11.18
C SER C 72 -19.91 -9.10 12.22
N VAL C 73 -18.68 -9.34 11.77
CA VAL C 73 -17.54 -9.49 12.67
C VAL C 73 -17.17 -8.18 13.35
N ALA C 74 -17.27 -7.05 12.65
CA ALA C 74 -16.97 -5.77 13.27
C ALA C 74 -18.06 -5.33 14.23
N GLY C 75 -19.30 -5.77 13.99
CA GLY C 75 -20.39 -5.45 14.87
C GLY C 75 -20.42 -6.22 16.17
N TRP C 76 -19.67 -7.32 16.25
CA TRP C 76 -19.54 -8.09 17.48
C TRP C 76 -18.33 -7.67 18.30
N LEU C 77 -17.20 -7.36 17.64
CA LEU C 77 -16.01 -6.96 18.36
C LEU C 77 -16.10 -5.54 18.91
N LEU C 78 -16.94 -4.69 18.32
CA LEU C 78 -17.17 -3.36 18.86
C LEU C 78 -18.38 -3.30 19.80
N GLY C 79 -19.38 -4.14 19.58
CA GLY C 79 -20.55 -4.16 20.43
C GLY C 79 -21.69 -3.35 19.86
N ASN C 80 -22.69 -4.03 19.31
CA ASN C 80 -23.85 -3.36 18.74
C ASN C 80 -25.06 -3.53 19.66
N PRO C 81 -25.84 -2.47 19.87
CA PRO C 81 -26.97 -2.57 20.81
C PRO C 81 -27.98 -3.64 20.44
N MET C 82 -28.13 -3.95 19.17
CA MET C 82 -29.06 -5.00 18.72
C MET C 82 -28.34 -6.31 18.50
N CYS C 83 -27.14 -6.43 19.09
CA CYS C 83 -26.36 -7.66 19.05
C CYS C 83 -25.83 -7.97 20.45
N ASP C 84 -26.70 -7.91 21.44
CA ASP C 84 -26.27 -7.96 22.83
C ASP C 84 -26.33 -9.35 23.46
N GLU C 85 -26.39 -10.40 22.63
CA GLU C 85 -26.38 -11.76 23.14
C GLU C 85 -25.01 -12.42 23.00
N PHE C 86 -24.08 -11.82 22.25
CA PHE C 86 -22.73 -12.33 22.14
C PHE C 86 -21.77 -11.59 23.07
N ILE C 87 -22.27 -11.06 24.18
CA ILE C 87 -21.41 -10.39 25.14
C ILE C 87 -20.39 -11.33 25.77
N ARG C 88 -20.80 -12.54 26.16
CA ARG C 88 -19.89 -13.56 26.64
C ARG C 88 -20.05 -14.80 25.76
N VAL C 89 -18.96 -15.31 25.24
CA VAL C 89 -19.00 -16.42 24.29
C VAL C 89 -18.04 -17.52 24.71
N PRO C 90 -18.44 -18.79 24.62
CA PRO C 90 -17.53 -19.89 24.94
C PRO C 90 -16.60 -20.24 23.78
N GLU C 91 -15.85 -21.33 23.92
CA GLU C 91 -14.93 -21.79 22.89
C GLU C 91 -15.72 -22.21 21.65
N TRP C 92 -15.03 -22.28 20.52
CA TRP C 92 -15.68 -22.56 19.24
C TRP C 92 -14.68 -23.25 18.31
N SER C 93 -15.16 -23.63 17.13
CA SER C 93 -14.33 -24.29 16.13
C SER C 93 -14.23 -23.46 14.85
N TYR C 94 -15.37 -23.00 14.34
CA TYR C 94 -15.39 -22.14 13.15
C TYR C 94 -16.49 -21.11 13.30
N ILE C 95 -16.38 -20.04 12.51
CA ILE C 95 -17.30 -18.90 12.57
C ILE C 95 -18.16 -18.91 11.33
N VAL C 96 -19.47 -18.79 11.51
CA VAL C 96 -20.44 -18.75 10.42
C VAL C 96 -21.02 -17.33 10.33
N GLU C 97 -20.97 -16.75 9.14
CA GLU C 97 -21.47 -15.40 8.92
C GLU C 97 -22.34 -15.41 7.67
N ARG C 98 -23.56 -14.90 7.78
CA ARG C 98 -24.45 -14.84 6.62
C ARG C 98 -23.94 -13.82 5.61
N ALA C 99 -24.31 -14.04 4.35
CA ALA C 99 -23.97 -13.10 3.30
C ALA C 99 -24.85 -11.86 3.41
N ASN C 100 -24.23 -10.70 3.16
CA ASN C 100 -24.90 -9.40 3.25
C ASN C 100 -25.58 -9.21 4.60
N PRO C 101 -24.83 -9.01 5.68
CA PRO C 101 -25.45 -8.79 6.99
C PRO C 101 -26.31 -7.54 7.01
N ALA C 102 -27.04 -7.36 8.12
CA ALA C 102 -28.01 -6.29 8.20
C ALA C 102 -27.86 -5.43 9.45
N ASN C 103 -26.84 -5.65 10.26
CA ASN C 103 -26.63 -4.83 11.45
C ASN C 103 -25.35 -4.00 11.37
N ASP C 104 -24.19 -4.65 11.20
CA ASP C 104 -22.89 -4.01 11.02
C ASP C 104 -22.69 -2.76 11.87
N LEU C 105 -22.16 -1.70 11.26
CA LEU C 105 -21.87 -0.45 11.95
C LEU C 105 -23.02 0.52 11.70
N CYS C 106 -23.80 0.81 12.74
CA CYS C 106 -24.94 1.71 12.60
C CYS C 106 -24.49 3.12 12.23
N PHE C 107 -23.45 3.62 12.88
CA PHE C 107 -22.90 4.92 12.54
C PHE C 107 -21.96 4.77 11.35
N PRO C 108 -22.14 5.53 10.27
CA PRO C 108 -21.31 5.35 9.08
C PRO C 108 -19.84 5.62 9.37
N GLY C 109 -18.97 4.91 8.65
CA GLY C 109 -17.54 5.06 8.83
C GLY C 109 -16.76 3.90 8.25
N SER C 110 -15.62 3.57 8.85
CA SER C 110 -14.80 2.48 8.37
C SER C 110 -13.89 2.02 9.49
N LEU C 111 -13.39 0.79 9.37
CA LEU C 111 -12.40 0.22 10.28
C LEU C 111 -11.13 -0.04 9.49
N ASN C 112 -10.04 0.63 9.87
CA ASN C 112 -8.80 0.53 9.13
C ASN C 112 -8.24 -0.89 9.22
N ASP C 113 -7.80 -1.40 8.08
CA ASP C 113 -7.23 -2.75 7.96
C ASP C 113 -8.19 -3.81 8.53
N TYR C 114 -9.36 -3.86 7.91
CA TYR C 114 -10.38 -4.82 8.30
C TYR C 114 -10.03 -6.24 7.87
N GLU C 115 -9.45 -6.40 6.68
CA GLU C 115 -9.20 -7.74 6.15
C GLU C 115 -8.03 -8.43 6.84
N GLU C 116 -7.09 -7.68 7.41
CA GLU C 116 -6.07 -8.29 8.25
C GLU C 116 -6.66 -8.82 9.56
N LEU C 117 -7.63 -8.10 10.13
CA LEU C 117 -8.33 -8.60 11.29
C LEU C 117 -9.16 -9.84 10.93
N LYS C 118 -9.73 -9.86 9.74
CA LYS C 118 -10.50 -11.03 9.31
C LYS C 118 -9.57 -12.14 8.86
N HIS C 119 -8.27 -11.87 8.83
CA HIS C 119 -7.26 -12.88 8.56
C HIS C 119 -6.58 -13.41 9.81
N MET C 120 -6.51 -12.63 10.89
CA MET C 120 -5.82 -13.05 12.08
C MET C 120 -6.77 -13.65 13.13
N LEU C 121 -8.08 -13.43 12.98
CA LEU C 121 -9.09 -14.13 13.76
C LEU C 121 -9.23 -15.59 13.34
N SER C 122 -8.61 -16.00 12.25
CA SER C 122 -8.73 -17.37 11.74
C SER C 122 -7.74 -18.31 12.42
N ARG C 123 -7.07 -17.86 13.47
CA ARG C 123 -6.15 -18.69 14.22
C ARG C 123 -6.31 -18.47 15.72
N ILE C 124 -7.48 -17.99 16.13
CA ILE C 124 -7.78 -17.72 17.54
C ILE C 124 -9.06 -18.49 17.87
N ASN C 125 -9.04 -19.22 18.98
CA ASN C 125 -10.14 -20.11 19.34
C ASN C 125 -10.79 -19.75 20.66
N HIS C 126 -10.37 -18.65 21.30
CA HIS C 126 -10.97 -18.23 22.56
C HIS C 126 -10.61 -16.78 22.89
N PHE C 127 -11.53 -16.07 23.55
CA PHE C 127 -11.32 -14.66 23.88
C PHE C 127 -11.89 -14.41 25.27
N GLU C 128 -11.02 -14.02 26.20
CA GLU C 128 -11.47 -13.58 27.50
C GLU C 128 -11.48 -12.06 27.55
N LYS C 129 -12.51 -11.50 28.20
CA LYS C 129 -12.79 -10.08 28.16
C LYS C 129 -12.31 -9.41 29.44
N ILE C 130 -11.64 -8.27 29.29
CA ILE C 130 -10.98 -7.60 30.40
C ILE C 130 -11.33 -6.11 30.39
N GLN C 131 -11.60 -5.57 31.57
CA GLN C 131 -11.81 -4.14 31.76
C GLN C 131 -10.47 -3.47 31.98
N ILE C 132 -10.11 -2.53 31.10
CA ILE C 132 -8.82 -1.89 31.16
C ILE C 132 -8.90 -0.44 31.64
N ILE C 133 -9.98 0.29 31.32
CA ILE C 133 -10.21 1.61 31.87
C ILE C 133 -11.68 1.70 32.28
N PRO C 134 -11.98 1.75 33.58
CA PRO C 134 -13.37 1.79 34.01
C PRO C 134 -14.07 3.07 33.59
N LYS C 135 -15.37 2.97 33.37
CA LYS C 135 -16.19 4.10 32.95
C LYS C 135 -16.46 5.07 34.08
N SER C 136 -16.11 4.71 35.32
CA SER C 136 -16.30 5.58 36.47
C SER C 136 -15.03 6.35 36.82
N SER C 137 -14.01 6.31 35.96
CA SER C 137 -12.73 6.97 36.20
C SER C 137 -12.58 8.22 35.36
N TRP C 138 -13.67 8.91 35.07
CA TRP C 138 -13.64 10.15 34.29
C TRP C 138 -14.35 11.24 35.07
N PRO C 139 -13.77 11.69 36.18
CA PRO C 139 -14.47 12.67 37.03
C PRO C 139 -14.67 14.02 36.39
N ASN C 140 -13.88 14.38 35.38
CA ASN C 140 -13.97 15.72 34.80
C ASN C 140 -14.37 15.67 33.34
N HIS C 141 -15.30 14.78 33.00
CA HIS C 141 -15.84 14.68 31.65
C HIS C 141 -17.29 14.21 31.71
N GLU C 142 -17.85 13.80 30.58
CA GLU C 142 -19.23 13.33 30.55
C GLU C 142 -19.33 12.11 29.65
N THR C 143 -19.92 11.04 30.18
CA THR C 143 -20.03 9.76 29.48
C THR C 143 -21.48 9.31 29.33
N SER C 144 -22.43 10.26 29.37
CA SER C 144 -23.85 9.92 29.36
C SER C 144 -24.56 10.45 28.13
N LEU C 145 -24.38 11.72 27.78
CA LEU C 145 -25.17 12.34 26.72
C LEU C 145 -24.61 12.06 25.33
N GLY C 146 -23.67 11.12 25.23
CA GLY C 146 -23.09 10.76 23.95
C GLY C 146 -23.85 9.67 23.23
N VAL C 147 -25.06 9.98 22.75
CA VAL C 147 -25.90 9.02 22.06
C VAL C 147 -26.29 9.60 20.70
N SER C 148 -26.89 8.75 19.87
CA SER C 148 -27.34 9.16 18.54
C SER C 148 -28.52 8.29 18.14
N ALA C 149 -29.28 8.79 17.17
CA ALA C 149 -30.50 8.13 16.72
C ALA C 149 -30.23 7.07 15.65
N ALA C 150 -28.97 6.89 15.25
CA ALA C 150 -28.63 5.88 14.24
C ALA C 150 -28.60 4.48 14.83
N CYS C 151 -28.21 4.34 16.10
CA CYS C 151 -28.21 3.05 16.76
C CYS C 151 -29.28 3.04 17.85
N PRO C 152 -30.50 2.61 17.55
CA PRO C 152 -31.55 2.63 18.58
C PRO C 152 -31.67 1.31 19.33
N TYR C 153 -31.88 1.38 20.64
CA TYR C 153 -32.15 0.22 21.46
C TYR C 153 -33.60 0.26 21.92
N GLN C 154 -34.43 -0.61 21.35
CA GLN C 154 -35.85 -0.67 21.68
C GLN C 154 -36.52 0.69 21.49
N GLY C 155 -36.28 1.31 20.35
CA GLY C 155 -36.86 2.60 20.03
C GLY C 155 -36.36 3.74 20.89
N ALA C 156 -35.05 3.79 21.11
CA ALA C 156 -34.44 4.88 21.87
C ALA C 156 -32.96 4.97 21.53
N PRO C 157 -32.40 6.17 21.44
CA PRO C 157 -31.00 6.32 21.03
C PRO C 157 -30.03 5.61 21.98
N SER C 158 -28.98 5.03 21.40
CA SER C 158 -27.96 4.33 22.15
C SER C 158 -26.69 4.27 21.32
N PHE C 159 -25.61 3.80 21.94
CA PHE C 159 -24.28 3.74 21.34
C PHE C 159 -23.72 2.33 21.48
N PHE C 160 -22.47 2.16 21.05
CA PHE C 160 -21.77 0.90 21.24
C PHE C 160 -21.55 0.62 22.72
N ARG C 161 -21.07 -0.57 23.06
CA ARG C 161 -20.93 -0.97 24.45
C ARG C 161 -19.49 -1.29 24.85
N ASN C 162 -18.53 -1.14 23.94
CA ASN C 162 -17.12 -1.38 24.25
C ASN C 162 -16.26 -0.12 24.07
N VAL C 163 -16.87 1.00 23.69
CA VAL C 163 -16.15 2.25 23.52
C VAL C 163 -16.95 3.35 24.21
N VAL C 164 -16.28 4.46 24.52
CA VAL C 164 -16.89 5.58 25.23
C VAL C 164 -16.68 6.85 24.42
N TRP C 165 -17.75 7.62 24.26
CA TRP C 165 -17.70 8.91 23.57
C TRP C 165 -17.69 10.02 24.62
N LEU C 166 -16.67 10.87 24.58
CA LEU C 166 -16.41 11.86 25.62
C LEU C 166 -16.82 13.24 25.12
N ILE C 167 -17.65 13.92 25.90
CA ILE C 167 -18.10 15.27 25.60
C ILE C 167 -17.69 16.15 26.78
N LYS C 168 -17.73 17.47 26.56
CA LYS C 168 -17.31 18.44 27.55
C LYS C 168 -18.23 18.41 28.77
N LYS C 169 -17.75 18.96 29.88
CA LYS C 169 -18.56 19.17 31.06
C LYS C 169 -18.22 20.54 31.65
N ASN C 170 -19.25 21.32 31.97
CA ASN C 170 -19.10 22.66 32.54
C ASN C 170 -18.30 23.58 31.63
N ASP C 171 -18.44 23.37 30.31
CA ASP C 171 -17.75 24.15 29.28
C ASP C 171 -16.23 24.07 29.51
N ALA C 172 -15.72 22.86 29.32
CA ALA C 172 -14.30 22.58 29.47
C ALA C 172 -13.93 21.20 28.92
N TYR C 173 -12.68 21.02 28.56
CA TYR C 173 -12.19 19.73 28.05
C TYR C 173 -10.69 19.64 28.31
N PRO C 174 -10.30 19.25 29.52
CA PRO C 174 -8.88 19.16 29.85
C PRO C 174 -8.17 18.09 29.02
N THR C 175 -6.87 18.28 28.87
CA THR C 175 -6.03 17.34 28.12
C THR C 175 -6.01 15.98 28.80
N ILE C 176 -5.62 14.94 28.08
CA ILE C 176 -5.71 13.57 28.57
C ILE C 176 -4.33 12.92 28.47
N LYS C 177 -3.89 12.28 29.56
CA LYS C 177 -2.68 11.46 29.57
C LYS C 177 -2.98 10.19 30.34
N ILE C 178 -2.90 9.05 29.67
CA ILE C 178 -3.29 7.77 30.24
C ILE C 178 -2.37 6.67 29.71
N SER C 179 -1.99 5.75 30.59
CA SER C 179 -1.13 4.63 30.21
C SER C 179 -1.70 3.35 30.79
N TYR C 180 -1.39 2.24 30.13
CA TYR C 180 -1.75 0.92 30.61
C TYR C 180 -0.57 -0.01 30.43
N ASN C 181 -0.24 -0.76 31.47
CA ASN C 181 0.92 -1.66 31.49
C ASN C 181 0.42 -3.10 31.55
N ASN C 182 0.88 -3.93 30.63
CA ASN C 182 0.45 -5.32 30.57
C ASN C 182 1.19 -6.16 31.60
N THR C 183 0.44 -6.78 32.51
CA THR C 183 1.01 -7.62 33.56
C THR C 183 0.50 -9.06 33.48
N ASN C 184 0.19 -9.53 32.28
CA ASN C 184 -0.31 -10.88 32.06
C ASN C 184 0.72 -11.66 31.24
N ARG C 185 0.41 -12.93 31.00
CA ARG C 185 1.28 -13.80 30.23
C ARG C 185 0.80 -14.02 28.81
N GLU C 186 -0.26 -13.34 28.38
CA GLU C 186 -0.80 -13.46 27.03
C GLU C 186 -1.06 -12.08 26.45
N ASP C 187 -1.29 -12.05 25.13
CA ASP C 187 -1.40 -10.81 24.39
C ASP C 187 -2.74 -10.13 24.67
N LEU C 188 -2.97 -9.02 23.98
CA LEU C 188 -4.21 -8.26 24.09
C LEU C 188 -4.64 -7.79 22.70
N LEU C 189 -5.69 -6.98 22.66
CA LEU C 189 -6.20 -6.42 21.42
C LEU C 189 -7.06 -5.22 21.78
N ILE C 190 -6.65 -4.02 21.35
CA ILE C 190 -7.25 -2.77 21.79
C ILE C 190 -7.80 -2.03 20.59
N LEU C 191 -8.97 -1.41 20.77
CA LEU C 191 -9.64 -0.66 19.72
C LEU C 191 -9.96 0.75 20.19
N TRP C 192 -9.76 1.74 19.32
CA TRP C 192 -10.11 3.13 19.58
C TRP C 192 -10.55 3.77 18.27
N GLY C 193 -10.88 5.05 18.32
CA GLY C 193 -11.39 5.71 17.12
C GLY C 193 -11.32 7.21 17.20
N ILE C 194 -11.84 7.85 16.15
CA ILE C 194 -11.85 9.29 16.01
C ILE C 194 -13.15 9.72 15.34
N HIS C 195 -13.60 10.93 15.65
CA HIS C 195 -14.88 11.45 15.17
C HIS C 195 -14.62 12.61 14.21
N HIS C 196 -15.29 12.58 13.06
CA HIS C 196 -15.18 13.62 12.04
C HIS C 196 -16.47 14.44 12.05
N SER C 197 -16.33 15.76 12.13
CA SER C 197 -17.48 16.64 12.22
C SER C 197 -17.97 17.08 10.84
N ASN C 198 -18.89 18.04 10.80
CA ASN C 198 -19.42 18.55 9.54
C ASN C 198 -19.38 20.06 9.40
N ASN C 199 -19.15 20.82 10.46
CA ASN C 199 -18.95 22.27 10.38
C ASN C 199 -18.24 22.70 11.66
N ALA C 200 -18.12 24.01 11.85
CA ALA C 200 -17.40 24.56 12.99
C ALA C 200 -18.25 24.74 14.23
N GLU C 201 -19.53 25.08 14.09
CA GLU C 201 -20.38 25.29 15.25
C GLU C 201 -20.60 23.99 16.02
N GLU C 202 -20.74 22.86 15.31
CA GLU C 202 -20.89 21.58 16.00
C GLU C 202 -19.63 21.25 16.80
N GLN C 203 -18.46 21.52 16.22
CA GLN C 203 -17.22 21.26 16.94
C GLN C 203 -17.09 22.15 18.16
N THR C 204 -17.47 23.43 18.03
CA THR C 204 -17.34 24.35 19.16
C THR C 204 -18.43 24.08 20.20
N ASN C 205 -19.44 23.31 19.83
CA ASN C 205 -20.49 22.92 20.78
C ASN C 205 -20.19 21.64 21.53
N LEU C 206 -19.89 20.54 20.84
CA LEU C 206 -19.59 19.29 21.54
C LEU C 206 -18.26 19.38 22.28
N TYR C 207 -17.22 19.83 21.61
CA TYR C 207 -15.92 20.12 22.22
C TYR C 207 -15.77 21.63 22.32
N LYS C 208 -14.61 22.09 22.75
CA LYS C 208 -14.46 23.53 22.87
C LYS C 208 -13.27 24.07 22.08
N ASN C 209 -12.16 23.36 22.06
CA ASN C 209 -11.01 23.81 21.30
C ASN C 209 -11.24 23.60 19.80
N PRO C 210 -10.83 24.56 18.97
CA PRO C 210 -11.10 24.46 17.53
C PRO C 210 -10.13 23.53 16.81
N ILE C 211 -8.91 23.40 17.32
CA ILE C 211 -7.87 22.57 16.70
C ILE C 211 -7.55 21.43 17.66
N THR C 212 -7.75 20.20 17.20
CA THR C 212 -7.60 19.00 18.03
C THR C 212 -6.63 18.02 17.37
N TYR C 213 -6.21 17.03 18.15
CA TYR C 213 -5.27 16.02 17.69
C TYR C 213 -5.41 14.78 18.56
N ILE C 214 -4.82 13.68 18.09
CA ILE C 214 -4.80 12.41 18.83
C ILE C 214 -3.41 11.80 18.68
N SER C 215 -2.84 11.37 19.80
CA SER C 215 -1.52 10.75 19.81
C SER C 215 -1.59 9.38 20.48
N VAL C 216 -1.01 8.38 19.81
CA VAL C 216 -0.92 7.02 20.33
C VAL C 216 0.50 6.53 20.11
N GLY C 217 1.13 6.01 21.16
CA GLY C 217 2.50 5.53 21.04
C GLY C 217 2.85 4.35 21.92
N THR C 218 3.40 3.31 21.31
CA THR C 218 3.89 2.14 22.03
C THR C 218 5.31 1.82 21.53
N SER C 219 5.90 0.68 21.87
CA SER C 219 7.27 0.36 21.47
C SER C 219 7.44 0.09 19.99
N THR C 220 6.34 -0.03 19.22
CA THR C 220 6.46 -0.33 17.80
C THR C 220 5.58 0.59 16.96
N LEU C 221 4.69 1.35 17.58
CA LEU C 221 3.72 2.16 16.86
C LEU C 221 3.93 3.63 17.18
N ASN C 222 3.66 4.48 16.20
CA ASN C 222 3.71 5.93 16.35
C ASN C 222 2.69 6.53 15.41
N GLN C 223 1.83 7.40 15.93
CA GLN C 223 0.65 7.83 15.19
C GLN C 223 0.17 9.19 15.69
N ARG C 224 -0.22 10.05 14.74
CA ARG C 224 -0.85 11.33 15.05
C ARG C 224 -1.89 11.62 13.98
N LEU C 225 -3.07 12.08 14.39
CA LEU C 225 -4.18 12.31 13.48
C LEU C 225 -4.86 13.64 13.80
N ALA C 226 -5.59 14.15 12.82
CA ALA C 226 -6.35 15.39 12.95
C ALA C 226 -7.70 15.21 12.26
N PRO C 227 -8.74 15.89 12.75
CA PRO C 227 -10.07 15.74 12.14
C PRO C 227 -10.16 16.40 10.78
N LYS C 228 -11.19 16.01 10.03
CA LYS C 228 -11.45 16.52 8.68
C LYS C 228 -12.88 17.06 8.64
N ILE C 229 -13.01 18.38 8.75
CA ILE C 229 -14.31 19.03 8.71
C ILE C 229 -14.61 19.43 7.27
N ALA C 230 -15.74 18.94 6.74
CA ALA C 230 -16.12 19.17 5.36
C ALA C 230 -17.61 18.92 5.22
N THR C 231 -18.10 18.86 3.98
CA THR C 231 -19.50 18.63 3.69
C THR C 231 -19.64 17.33 2.92
N ARG C 232 -20.51 16.44 3.40
CA ARG C 232 -20.78 15.16 2.77
C ARG C 232 -22.28 14.96 2.64
N SER C 233 -22.68 13.82 2.11
CA SER C 233 -24.07 13.48 1.89
C SER C 233 -24.64 12.76 3.11
N GLN C 234 -25.82 12.20 2.97
CA GLN C 234 -26.52 11.51 4.07
C GLN C 234 -26.38 10.01 3.91
N VAL C 235 -25.93 9.34 4.96
CA VAL C 235 -25.95 7.89 5.02
C VAL C 235 -26.60 7.48 6.34
N ASN C 236 -27.72 6.76 6.26
CA ASN C 236 -28.43 6.22 7.42
C ASN C 236 -29.03 7.32 8.28
N GLY C 237 -29.01 8.57 7.80
CA GLY C 237 -29.65 9.68 8.47
C GLY C 237 -28.69 10.76 8.94
N GLN C 238 -27.45 10.38 9.23
CA GLN C 238 -26.46 11.32 9.74
C GLN C 238 -25.54 11.80 8.63
N ARG C 239 -24.75 12.83 8.96
CA ARG C 239 -23.86 13.49 8.02
C ARG C 239 -22.44 13.58 8.59
N GLY C 240 -22.08 12.64 9.45
CA GLY C 240 -20.74 12.59 10.00
C GLY C 240 -20.21 11.18 9.97
N ARG C 241 -18.91 11.05 10.24
CA ARG C 241 -18.22 9.77 10.13
C ARG C 241 -17.36 9.52 11.35
N MET C 242 -17.07 8.24 11.59
CA MET C 242 -16.18 7.82 12.66
C MET C 242 -15.26 6.74 12.12
N ASP C 243 -13.98 6.81 12.48
CA ASP C 243 -13.00 5.81 12.11
C ASP C 243 -12.63 4.95 13.32
N PHE C 244 -11.89 3.88 13.05
CA PHE C 244 -11.49 2.94 14.11
C PHE C 244 -10.18 2.28 13.73
N PHE C 245 -9.41 1.91 14.75
CA PHE C 245 -8.09 1.30 14.56
C PHE C 245 -7.94 0.13 15.53
N TRP C 246 -6.83 -0.59 15.41
CA TRP C 246 -6.56 -1.71 16.32
C TRP C 246 -5.07 -1.99 16.36
N THR C 247 -4.64 -2.64 17.43
CA THR C 247 -3.26 -3.08 17.61
C THR C 247 -3.23 -4.25 18.57
N ILE C 248 -2.07 -4.89 18.68
CA ILE C 248 -1.86 -6.02 19.59
C ILE C 248 -0.71 -5.65 20.52
N LEU C 249 -0.95 -5.72 21.83
CA LEU C 249 0.08 -5.42 22.81
C LEU C 249 0.70 -6.71 23.32
N LYS C 250 2.02 -6.74 23.37
CA LYS C 250 2.78 -7.90 23.82
C LYS C 250 3.07 -7.81 25.31
N PRO C 251 3.38 -8.95 25.95
CA PRO C 251 3.63 -8.92 27.39
C PRO C 251 4.81 -8.03 27.75
N ASP C 252 4.69 -7.38 28.92
CA ASP C 252 5.69 -6.44 29.44
C ASP C 252 5.92 -5.29 28.46
N ASP C 253 4.84 -4.55 28.22
CA ASP C 253 4.86 -3.41 27.32
C ASP C 253 3.69 -2.51 27.71
N ALA C 254 3.75 -1.26 27.26
CA ALA C 254 2.76 -0.27 27.64
C ALA C 254 2.23 0.44 26.39
N ILE C 255 1.03 0.98 26.53
CA ILE C 255 0.37 1.75 25.48
C ILE C 255 -0.04 3.10 26.08
N HIS C 256 0.21 4.18 25.35
CA HIS C 256 -0.01 5.53 25.84
C HIS C 256 -1.00 6.26 24.95
N PHE C 257 -1.68 7.25 25.54
CA PHE C 257 -2.70 8.02 24.86
C PHE C 257 -2.53 9.50 25.17
N GLU C 258 -3.02 10.32 24.25
CA GLU C 258 -3.03 11.77 24.41
C GLU C 258 -4.01 12.41 23.44
N SER C 259 -4.95 13.20 23.95
CA SER C 259 -5.98 13.77 23.10
C SER C 259 -6.37 15.14 23.63
N ASN C 260 -6.80 16.01 22.72
CA ASN C 260 -7.34 17.32 23.03
C ASN C 260 -8.80 17.42 22.59
N GLY C 261 -9.33 16.36 22.00
CA GLY C 261 -10.69 16.35 21.51
C GLY C 261 -10.87 15.25 20.49
N ASN C 262 -12.15 14.99 20.19
CA ASN C 262 -12.53 14.01 19.17
C ASN C 262 -11.98 12.62 19.49
N PHE C 263 -12.30 12.12 20.67
CA PHE C 263 -11.74 10.87 21.18
C PHE C 263 -12.87 9.91 21.52
N ILE C 264 -12.76 8.68 21.04
CA ILE C 264 -13.65 7.58 21.42
C ILE C 264 -12.81 6.59 22.22
N ALA C 265 -12.90 6.67 23.54
CA ALA C 265 -11.97 5.96 24.42
C ALA C 265 -12.30 4.48 24.52
N PRO C 266 -11.29 3.64 24.70
CA PRO C 266 -11.55 2.21 24.93
C PRO C 266 -11.86 1.92 26.38
N GLU C 267 -12.71 0.91 26.59
CA GLU C 267 -13.06 0.51 27.95
C GLU C 267 -12.80 -0.98 28.18
N TYR C 268 -13.11 -1.82 27.20
CA TYR C 268 -12.85 -3.25 27.29
C TYR C 268 -11.78 -3.66 26.29
N ALA C 269 -11.19 -4.83 26.54
CA ALA C 269 -10.17 -5.39 25.66
C ALA C 269 -10.26 -6.91 25.71
N TYR C 270 -9.69 -7.55 24.70
CA TYR C 270 -9.77 -9.00 24.54
C TYR C 270 -8.40 -9.63 24.78
N LYS C 271 -8.40 -10.78 25.44
CA LYS C 271 -7.19 -11.49 25.80
C LYS C 271 -7.15 -12.83 25.08
N ILE C 272 -6.06 -13.10 24.39
CA ILE C 272 -5.91 -14.34 23.63
C ILE C 272 -5.45 -15.43 24.58
N VAL C 273 -6.22 -16.53 24.64
CA VAL C 273 -5.95 -17.60 25.58
C VAL C 273 -5.86 -18.96 24.92
N LYS C 274 -6.14 -19.07 23.62
CA LYS C 274 -6.02 -20.33 22.91
C LYS C 274 -5.85 -20.05 21.43
N LYS C 275 -5.00 -20.85 20.78
CA LYS C 275 -4.70 -20.68 19.36
C LYS C 275 -4.79 -22.04 18.67
N GLY C 276 -5.19 -22.01 17.41
CA GLY C 276 -5.35 -23.24 16.64
C GLY C 276 -5.79 -23.03 15.20
N ASP C 277 -6.61 -23.94 14.69
CA ASP C 277 -7.09 -23.89 13.33
C ASP C 277 -8.56 -23.50 13.29
N SER C 278 -8.89 -22.60 12.36
CA SER C 278 -10.25 -22.08 12.25
C SER C 278 -10.52 -21.54 10.85
N THR C 279 -11.75 -21.12 10.58
CA THR C 279 -12.13 -20.57 9.29
C THR C 279 -13.33 -19.63 9.47
N ILE C 280 -13.53 -18.71 8.52
CA ILE C 280 -14.70 -17.83 8.54
C ILE C 280 -15.53 -18.11 7.30
N MET C 281 -16.62 -18.87 7.47
CA MET C 281 -17.45 -19.27 6.35
C MET C 281 -18.47 -18.19 5.99
N LYS C 282 -19.08 -18.36 4.82
CA LYS C 282 -20.26 -17.62 4.42
C LYS C 282 -21.28 -18.61 3.87
N SER C 283 -22.44 -18.67 4.51
CA SER C 283 -23.44 -19.69 4.16
C SER C 283 -24.79 -19.22 4.68
N GLY C 284 -25.82 -20.02 4.42
CA GLY C 284 -27.16 -19.67 4.84
C GLY C 284 -28.00 -20.85 5.28
N VAL C 285 -27.36 -21.99 5.58
CA VAL C 285 -28.12 -23.14 6.06
C VAL C 285 -28.46 -22.97 7.54
N GLU C 286 -29.39 -23.79 8.00
CA GLU C 286 -29.90 -23.72 9.36
C GLU C 286 -29.19 -24.72 10.26
N TYR C 287 -29.07 -24.37 11.54
CA TYR C 287 -28.39 -25.22 12.50
C TYR C 287 -29.20 -26.48 12.79
N GLY C 288 -28.49 -27.55 13.13
CA GLY C 288 -29.11 -28.81 13.50
C GLY C 288 -28.19 -29.65 14.35
N HIS C 289 -28.71 -30.19 15.45
CA HIS C 289 -27.87 -30.92 16.39
C HIS C 289 -27.49 -32.28 15.83
N CYS C 290 -26.19 -32.49 15.62
CA CYS C 290 -25.66 -33.72 15.05
C CYS C 290 -24.20 -33.84 15.43
N ASN C 291 -23.49 -34.73 14.75
CA ASN C 291 -22.04 -34.81 14.91
C ASN C 291 -21.44 -35.34 13.61
N THR C 292 -20.27 -34.82 13.26
CA THR C 292 -19.60 -35.17 12.01
C THR C 292 -18.12 -34.85 12.18
N LYS C 293 -17.35 -35.09 11.11
CA LYS C 293 -15.90 -34.91 11.16
C LYS C 293 -15.38 -34.21 9.90
N CYS C 294 -16.29 -33.59 9.13
CA CYS C 294 -15.93 -32.73 8.02
C CYS C 294 -17.09 -31.79 7.77
N GLN C 295 -16.81 -30.66 7.10
CA GLN C 295 -17.84 -29.66 6.90
C GLN C 295 -17.52 -28.82 5.66
N THR C 296 -18.37 -28.93 4.65
CA THR C 296 -18.43 -28.00 3.53
C THR C 296 -19.47 -26.91 3.82
N PRO C 297 -19.33 -25.72 3.21
CA PRO C 297 -20.22 -24.60 3.57
C PRO C 297 -21.67 -24.78 3.13
N VAL C 298 -22.04 -25.90 2.52
CA VAL C 298 -23.42 -26.09 2.10
C VAL C 298 -23.92 -27.45 2.56
N GLY C 299 -23.15 -28.11 3.43
CA GLY C 299 -23.55 -29.39 3.95
C GLY C 299 -22.55 -30.04 4.88
N ALA C 300 -22.45 -31.36 4.81
CA ALA C 300 -21.51 -32.12 5.63
C ALA C 300 -21.23 -33.44 4.92
N ILE C 301 -20.11 -34.06 5.27
CA ILE C 301 -19.65 -35.27 4.61
C ILE C 301 -19.35 -36.33 5.66
N ASN C 302 -19.87 -37.54 5.46
CA ASN C 302 -19.59 -38.70 6.30
C ASN C 302 -19.39 -39.89 5.36
N SER C 303 -18.15 -40.11 4.94
CA SER C 303 -17.84 -41.18 4.00
C SER C 303 -16.37 -41.52 4.11
N SER C 304 -15.92 -42.44 3.26
CA SER C 304 -14.54 -42.88 3.23
C SER C 304 -13.89 -42.82 1.86
N MET C 305 -14.65 -42.64 0.78
CA MET C 305 -14.06 -42.55 -0.54
C MET C 305 -13.19 -41.31 -0.65
N PRO C 306 -12.04 -41.40 -1.33
CA PRO C 306 -11.06 -40.31 -1.31
C PRO C 306 -11.22 -39.29 -2.44
N PHE C 307 -12.44 -38.76 -2.60
CA PHE C 307 -12.74 -37.74 -3.59
C PHE C 307 -14.14 -37.22 -3.34
N HIS C 308 -14.37 -35.94 -3.64
CA HIS C 308 -15.69 -35.34 -3.47
C HIS C 308 -15.86 -34.22 -4.49
N ASN C 309 -17.07 -33.66 -4.54
CA ASN C 309 -17.46 -32.77 -5.63
C ASN C 309 -18.29 -31.57 -5.17
N ILE C 310 -18.44 -31.33 -3.87
CA ILE C 310 -19.45 -30.37 -3.41
C ILE C 310 -18.92 -28.95 -3.47
N HIS C 311 -17.88 -28.64 -2.70
CA HIS C 311 -17.38 -27.28 -2.60
C HIS C 311 -15.87 -27.33 -2.40
N PRO C 312 -15.13 -26.33 -2.89
CA PRO C 312 -13.67 -26.33 -2.75
C PRO C 312 -13.13 -25.74 -1.46
N LEU C 313 -13.98 -25.36 -0.51
CA LEU C 313 -13.54 -24.88 0.80
C LEU C 313 -14.09 -25.83 1.87
N THR C 314 -13.21 -26.26 2.78
CA THR C 314 -13.56 -27.25 3.78
C THR C 314 -12.88 -26.92 5.10
N ILE C 315 -13.06 -27.82 6.07
CA ILE C 315 -12.44 -27.69 7.38
C ILE C 315 -12.40 -29.08 8.02
N GLY C 316 -11.28 -29.41 8.67
CA GLY C 316 -11.08 -30.75 9.18
C GLY C 316 -10.28 -31.57 8.20
N GLU C 317 -10.38 -32.90 8.25
CA GLU C 317 -9.82 -33.75 7.22
C GLU C 317 -10.94 -34.23 6.32
N CYS C 318 -10.80 -34.01 5.02
CA CYS C 318 -11.82 -34.31 4.04
C CYS C 318 -11.14 -34.78 2.76
N PRO C 319 -11.84 -35.57 1.94
CA PRO C 319 -11.22 -36.08 0.70
C PRO C 319 -10.89 -34.95 -0.25
N LYS C 320 -10.14 -35.30 -1.30
CA LYS C 320 -9.68 -34.33 -2.27
C LYS C 320 -10.83 -33.84 -3.13
N TYR C 321 -10.58 -32.76 -3.88
CA TYR C 321 -11.59 -32.11 -4.68
C TYR C 321 -11.28 -32.21 -6.16
N VAL C 322 -12.31 -32.44 -6.96
CA VAL C 322 -12.23 -32.42 -8.42
C VAL C 322 -13.53 -31.83 -8.95
N LYS C 323 -13.52 -31.48 -10.24
CA LYS C 323 -14.68 -30.89 -10.90
C LYS C 323 -15.44 -31.89 -11.77
N SER C 324 -15.02 -33.14 -11.81
CA SER C 324 -15.65 -34.13 -12.68
C SER C 324 -16.98 -34.59 -12.11
N ASN C 325 -17.76 -35.25 -12.95
CA ASN C 325 -19.06 -35.78 -12.56
C ASN C 325 -19.06 -37.29 -12.34
N LYS C 326 -18.14 -38.01 -12.98
CA LYS C 326 -18.06 -39.46 -12.83
C LYS C 326 -16.61 -39.90 -12.77
N LEU C 327 -16.31 -40.83 -11.87
CA LEU C 327 -14.95 -41.36 -11.74
C LEU C 327 -15.07 -42.78 -11.17
N VAL C 328 -15.00 -43.77 -12.07
CA VAL C 328 -15.12 -45.17 -11.71
C VAL C 328 -13.98 -45.94 -12.37
N LEU C 329 -13.17 -46.62 -11.58
CA LEU C 329 -12.14 -47.49 -12.11
C LEU C 329 -12.60 -48.94 -12.02
N ALA C 330 -12.40 -49.69 -13.08
CA ALA C 330 -12.99 -51.02 -13.21
C ALA C 330 -12.08 -52.09 -12.62
N THR C 331 -12.71 -53.11 -12.05
CA THR C 331 -12.04 -54.35 -11.65
C THR C 331 -12.96 -55.47 -12.10
N GLY C 332 -12.78 -55.93 -13.34
CA GLY C 332 -13.71 -56.88 -13.92
C GLY C 332 -13.20 -57.62 -15.13
N LEU C 333 -14.10 -57.98 -16.03
CA LEU C 333 -13.79 -58.83 -17.17
C LEU C 333 -14.54 -58.29 -18.38
N ARG C 334 -14.63 -59.12 -19.43
CA ARG C 334 -15.30 -58.75 -20.67
C ARG C 334 -14.60 -57.60 -21.36
N ASN D 50 -6.99 -55.46 -6.35
CA ASN D 50 -6.92 -54.89 -5.01
C ASN D 50 -5.86 -53.79 -4.96
N LYS D 51 -5.73 -53.07 -6.07
CA LYS D 51 -4.71 -52.03 -6.22
C LYS D 51 -5.28 -50.62 -6.07
N VAL D 52 -6.52 -50.51 -5.56
CA VAL D 52 -7.13 -49.19 -5.38
C VAL D 52 -6.33 -48.35 -4.38
N ASN D 53 -5.80 -49.00 -3.34
CA ASN D 53 -5.03 -48.28 -2.33
C ASN D 53 -3.80 -47.60 -2.91
N SER D 54 -3.28 -48.10 -4.04
CA SER D 54 -2.13 -47.48 -4.68
C SER D 54 -2.45 -46.12 -5.30
N ILE D 55 -3.72 -45.73 -5.36
CA ILE D 55 -4.10 -44.45 -5.94
C ILE D 55 -4.20 -43.36 -4.89
N ILE D 56 -4.79 -43.65 -3.74
CA ILE D 56 -4.97 -42.64 -2.70
C ILE D 56 -3.62 -42.16 -2.19
N ASP D 57 -2.72 -43.10 -1.88
CA ASP D 57 -1.44 -42.73 -1.30
C ASP D 57 -0.58 -41.94 -2.28
N LYS D 58 -0.68 -42.25 -3.58
CA LYS D 58 0.08 -41.51 -4.57
C LYS D 58 -0.48 -40.10 -4.77
N MET D 59 -1.74 -39.88 -4.41
CA MET D 59 -2.35 -38.56 -4.42
C MET D 59 -2.61 -38.08 -3.00
N ASN D 60 -1.68 -38.37 -2.09
CA ASN D 60 -1.86 -38.02 -0.68
C ASN D 60 -1.83 -36.51 -0.47
N THR D 61 -1.11 -35.78 -1.30
CA THR D 61 -0.99 -34.33 -1.17
C THR D 61 -1.60 -33.64 -2.38
N GLN D 62 -2.17 -32.48 -2.13
CA GLN D 62 -2.87 -31.69 -3.15
C GLN D 62 -2.78 -30.22 -2.74
N PHE D 63 -3.59 -29.39 -3.39
CA PHE D 63 -3.65 -27.97 -3.09
C PHE D 63 -4.93 -27.68 -2.32
N GLU D 64 -4.78 -27.10 -1.13
CA GLU D 64 -5.91 -26.76 -0.27
C GLU D 64 -6.18 -25.27 -0.39
N ALA D 65 -7.42 -24.92 -0.74
CA ALA D 65 -7.79 -23.53 -0.89
C ALA D 65 -8.14 -22.91 0.46
N VAL D 66 -7.85 -21.61 0.58
CA VAL D 66 -8.11 -20.85 1.80
C VAL D 66 -8.75 -19.54 1.39
N GLY D 67 -9.55 -18.97 2.31
CA GLY D 67 -10.30 -17.76 2.03
C GLY D 67 -9.51 -16.52 2.39
N ARG D 68 -9.54 -15.55 1.49
CA ARG D 68 -8.91 -14.25 1.70
C ARG D 68 -9.86 -13.17 1.23
N GLU D 69 -9.73 -11.98 1.81
CA GLU D 69 -10.62 -10.87 1.50
C GLU D 69 -9.80 -9.65 1.09
N PHE D 70 -10.26 -8.96 0.06
CA PHE D 70 -9.63 -7.74 -0.43
C PHE D 70 -10.71 -6.67 -0.60
N ASN D 71 -10.31 -5.42 -0.41
CA ASN D 71 -11.25 -4.31 -0.50
C ASN D 71 -11.32 -3.79 -1.94
N ASN D 72 -11.98 -2.65 -2.12
CA ASN D 72 -12.34 -2.16 -3.44
C ASN D 72 -11.16 -1.58 -4.22
N LEU D 73 -10.04 -1.27 -3.56
CA LEU D 73 -8.92 -0.62 -4.22
C LEU D 73 -7.73 -1.55 -4.42
N GLU D 74 -7.93 -2.86 -4.32
CA GLU D 74 -6.88 -3.84 -4.57
C GLU D 74 -7.40 -4.97 -5.45
N ARG D 75 -8.05 -4.61 -6.56
CA ARG D 75 -8.67 -5.60 -7.43
C ARG D 75 -7.67 -6.32 -8.33
N ARG D 76 -6.41 -5.89 -8.36
CA ARG D 76 -5.41 -6.57 -9.18
C ARG D 76 -4.72 -7.71 -8.45
N ILE D 77 -5.01 -7.90 -7.16
CA ILE D 77 -4.47 -9.04 -6.41
C ILE D 77 -5.57 -10.08 -6.25
N GLU D 78 -6.83 -9.62 -6.24
CA GLU D 78 -7.95 -10.55 -6.25
C GLU D 78 -7.95 -11.38 -7.51
N ASN D 79 -7.66 -10.75 -8.66
CA ASN D 79 -7.55 -11.50 -9.91
C ASN D 79 -6.42 -12.52 -9.84
N LEU D 80 -5.28 -12.13 -9.27
CA LEU D 80 -4.16 -13.06 -9.13
C LEU D 80 -4.56 -14.27 -8.31
N ASN D 81 -5.19 -14.03 -7.16
CA ASN D 81 -5.60 -15.13 -6.29
C ASN D 81 -6.60 -16.05 -6.98
N LYS D 82 -7.61 -15.45 -7.63
CA LYS D 82 -8.63 -16.25 -8.29
C LYS D 82 -8.03 -17.09 -9.42
N LYS D 83 -7.16 -16.48 -10.23
CA LYS D 83 -6.56 -17.21 -11.35
C LYS D 83 -5.66 -18.33 -10.85
N MET D 84 -4.87 -18.07 -9.80
CA MET D 84 -4.00 -19.11 -9.28
C MET D 84 -4.80 -20.29 -8.74
N GLU D 85 -5.86 -20.00 -7.98
CA GLU D 85 -6.69 -21.08 -7.45
C GLU D 85 -7.35 -21.87 -8.56
N ASP D 86 -7.91 -21.18 -9.56
CA ASP D 86 -8.55 -21.88 -10.67
C ASP D 86 -7.55 -22.72 -11.45
N GLY D 87 -6.33 -22.21 -11.65
CA GLY D 87 -5.33 -22.99 -12.36
C GLY D 87 -4.91 -24.23 -11.60
N PHE D 88 -4.69 -24.10 -10.29
CA PHE D 88 -4.31 -25.27 -9.51
C PHE D 88 -5.46 -26.28 -9.44
N LEU D 89 -6.70 -25.82 -9.46
CA LEU D 89 -7.82 -26.75 -9.52
C LEU D 89 -7.92 -27.44 -10.87
N ASP D 90 -7.56 -26.73 -11.95
CA ASP D 90 -7.63 -27.31 -13.28
C ASP D 90 -6.49 -28.27 -13.57
N VAL D 91 -5.33 -28.09 -12.93
CA VAL D 91 -4.21 -28.99 -13.16
C VAL D 91 -4.47 -30.36 -12.53
N TRP D 92 -5.07 -30.38 -11.35
CA TRP D 92 -5.17 -31.63 -10.59
C TRP D 92 -6.25 -32.56 -11.10
N THR D 93 -7.34 -32.04 -11.66
CA THR D 93 -8.39 -32.90 -12.20
C THR D 93 -7.90 -33.66 -13.43
N TYR D 94 -7.10 -32.99 -14.27
CA TYR D 94 -6.55 -33.63 -15.46
C TYR D 94 -5.72 -34.84 -15.10
N ASN D 95 -4.88 -34.72 -14.07
CA ASN D 95 -4.04 -35.83 -13.65
C ASN D 95 -4.88 -37.01 -13.18
N ALA D 96 -5.92 -36.74 -12.39
CA ALA D 96 -6.77 -37.81 -11.89
C ALA D 96 -7.48 -38.53 -13.03
N GLU D 97 -8.06 -37.77 -13.97
CA GLU D 97 -8.77 -38.40 -15.08
C GLU D 97 -7.82 -39.22 -15.94
N LEU D 98 -6.64 -38.68 -16.25
CA LEU D 98 -5.69 -39.41 -17.09
C LEU D 98 -5.21 -40.68 -16.40
N LEU D 99 -4.93 -40.60 -15.11
CA LEU D 99 -4.50 -41.79 -14.37
C LEU D 99 -5.59 -42.84 -14.34
N VAL D 100 -6.84 -42.43 -14.15
CA VAL D 100 -7.95 -43.38 -14.14
C VAL D 100 -8.06 -44.08 -15.48
N LEU D 101 -7.97 -43.31 -16.58
CA LEU D 101 -8.11 -43.92 -17.90
C LEU D 101 -6.97 -44.90 -18.18
N MET D 102 -5.73 -44.50 -17.87
CA MET D 102 -4.60 -45.38 -18.12
C MET D 102 -4.68 -46.65 -17.27
N GLU D 103 -5.06 -46.50 -16.00
CA GLU D 103 -5.21 -47.67 -15.14
C GLU D 103 -6.33 -48.59 -15.64
N ASN D 104 -7.40 -48.01 -16.17
CA ASN D 104 -8.48 -48.81 -16.72
C ASN D 104 -7.99 -49.64 -17.91
N GLU D 105 -7.23 -49.01 -18.80
CA GLU D 105 -6.70 -49.76 -19.94
C GLU D 105 -5.75 -50.87 -19.49
N ARG D 106 -4.86 -50.55 -18.55
CA ARG D 106 -3.91 -51.54 -18.06
C ARG D 106 -4.60 -52.68 -17.32
N THR D 107 -5.73 -52.39 -16.67
CA THR D 107 -6.47 -53.45 -15.99
C THR D 107 -7.21 -54.34 -16.98
N LEU D 108 -7.85 -53.73 -17.99
CA LEU D 108 -8.64 -54.53 -18.93
C LEU D 108 -7.76 -55.36 -19.84
N ASP D 109 -6.62 -54.83 -20.29
CA ASP D 109 -5.77 -55.65 -21.14
C ASP D 109 -4.96 -56.68 -20.36
N PHE D 110 -5.04 -56.65 -19.02
CA PHE D 110 -4.36 -57.65 -18.20
C PHE D 110 -5.10 -58.99 -18.29
N HIS D 111 -6.37 -59.01 -17.92
CA HIS D 111 -7.14 -60.25 -17.93
C HIS D 111 -7.26 -60.83 -19.34
N ASP D 112 -7.26 -59.97 -20.37
CA ASP D 112 -7.31 -60.44 -21.73
C ASP D 112 -6.02 -61.11 -22.17
N SER D 113 -4.95 -61.02 -21.37
CA SER D 113 -3.67 -61.63 -21.68
C SER D 113 -3.38 -62.85 -20.81
N ASN D 114 -3.78 -62.82 -19.54
CA ASN D 114 -3.48 -63.94 -18.65
C ASN D 114 -4.19 -65.22 -19.07
N VAL D 115 -5.41 -65.11 -19.59
CA VAL D 115 -6.15 -66.31 -19.97
C VAL D 115 -5.41 -67.08 -21.07
N LYS D 116 -4.72 -66.37 -21.96
CA LYS D 116 -3.95 -67.05 -22.98
C LYS D 116 -2.78 -67.80 -22.38
N ASN D 117 -2.03 -67.16 -21.47
CA ASN D 117 -0.87 -67.83 -20.88
C ASN D 117 -1.27 -68.87 -19.85
N LEU D 118 -2.55 -68.96 -19.49
CA LEU D 118 -3.03 -70.18 -18.84
C LEU D 118 -3.49 -71.22 -19.86
N TYR D 119 -3.89 -70.78 -21.06
CA TYR D 119 -4.34 -71.72 -22.07
C TYR D 119 -3.18 -72.53 -22.62
N ASP D 120 -2.04 -71.88 -22.87
CA ASP D 120 -0.94 -72.57 -23.55
C ASP D 120 -0.24 -73.56 -22.63
N LYS D 121 -0.14 -73.26 -21.34
CA LYS D 121 0.56 -74.16 -20.42
C LYS D 121 -0.14 -75.50 -20.29
N VAL D 122 -1.39 -75.61 -20.73
CA VAL D 122 -2.02 -76.91 -20.90
C VAL D 122 -2.18 -77.29 -22.36
N ARG D 123 -2.05 -76.34 -23.29
CA ARG D 123 -2.25 -76.66 -24.69
C ARG D 123 -1.03 -77.38 -25.29
N LEU D 124 0.18 -76.96 -24.93
CA LEU D 124 1.35 -77.50 -25.59
C LEU D 124 1.73 -78.89 -25.08
N GLN D 125 1.03 -79.40 -24.07
CA GLN D 125 1.22 -80.77 -23.61
C GLN D 125 0.83 -81.78 -24.68
N ILE E 19 -1.55 -67.07 -51.10
CA ILE E 19 -2.04 -66.56 -49.82
C ILE E 19 -1.00 -65.67 -49.19
N CYS E 20 -1.37 -64.42 -48.91
CA CYS E 20 -0.45 -63.46 -48.33
C CYS E 20 -1.19 -62.54 -47.37
N ILE E 21 -0.58 -62.31 -46.21
CA ILE E 21 -1.05 -61.35 -45.23
C ILE E 21 0.08 -60.37 -44.94
N GLY E 22 -0.24 -59.09 -44.93
CA GLY E 22 0.80 -58.11 -44.71
C GLY E 22 0.23 -56.71 -44.54
N TYR E 23 1.14 -55.74 -44.60
CA TYR E 23 0.80 -54.34 -44.39
C TYR E 23 0.33 -53.69 -45.68
N HIS E 24 -0.31 -52.53 -45.54
CA HIS E 24 -0.72 -51.70 -46.66
C HIS E 24 0.34 -50.62 -46.85
N ALA E 25 1.45 -51.00 -47.50
CA ALA E 25 2.60 -50.13 -47.61
C ALA E 25 2.31 -48.93 -48.50
N ASN E 26 3.29 -48.02 -48.57
CA ASN E 26 3.17 -46.77 -49.31
C ASN E 26 4.58 -46.20 -49.49
N ASN E 27 4.67 -45.09 -50.20
CA ASN E 27 5.95 -44.43 -50.47
C ASN E 27 5.83 -42.92 -50.26
N SER E 28 5.24 -42.52 -49.15
CA SER E 28 5.17 -41.11 -48.78
C SER E 28 6.41 -40.72 -47.99
N THR E 29 6.42 -39.52 -47.43
CA THR E 29 7.54 -39.06 -46.62
C THR E 29 7.05 -38.09 -45.57
N GLU E 30 7.26 -38.44 -44.29
CA GLU E 30 6.92 -37.61 -43.15
C GLU E 30 7.49 -38.26 -41.90
N GLN E 31 7.88 -37.43 -40.94
CA GLN E 31 8.57 -37.88 -39.74
C GLN E 31 7.74 -37.62 -38.49
N VAL E 32 7.75 -38.58 -37.56
CA VAL E 32 7.09 -38.46 -36.28
C VAL E 32 8.07 -38.81 -35.18
N ASP E 33 7.66 -38.58 -33.94
CA ASP E 33 8.47 -38.86 -32.77
C ASP E 33 7.75 -39.85 -31.85
N THR E 34 8.52 -40.71 -31.20
CA THR E 34 7.99 -41.65 -30.22
C THR E 34 8.96 -41.72 -29.04
N ILE E 35 8.62 -42.52 -28.03
CA ILE E 35 9.30 -42.44 -26.75
C ILE E 35 10.74 -42.95 -26.86
N MET E 36 10.98 -44.00 -27.64
CA MET E 36 12.32 -44.57 -27.77
C MET E 36 12.89 -44.55 -29.18
N GLU E 37 12.23 -43.91 -30.13
CA GLU E 37 12.80 -43.67 -31.45
C GLU E 37 12.65 -42.18 -31.76
N LYS E 38 13.77 -41.52 -32.06
CA LYS E 38 13.75 -40.07 -32.20
C LYS E 38 13.08 -39.63 -33.49
N ASN E 39 13.38 -40.30 -34.60
CA ASN E 39 12.80 -39.96 -35.90
C ASN E 39 12.31 -41.23 -36.57
N VAL E 40 11.06 -41.22 -37.02
CA VAL E 40 10.44 -42.40 -37.62
C VAL E 40 9.64 -41.95 -38.83
N THR E 41 9.72 -42.74 -39.91
CA THR E 41 8.98 -42.46 -41.14
C THR E 41 7.57 -43.02 -41.05
N VAL E 42 6.62 -42.26 -41.60
CA VAL E 42 5.21 -42.64 -41.60
C VAL E 42 4.62 -42.39 -42.98
N THR E 43 3.41 -42.90 -43.18
CA THR E 43 2.69 -42.72 -44.44
C THR E 43 1.73 -41.53 -44.36
N HIS E 44 0.79 -41.57 -43.43
CA HIS E 44 -0.13 -40.46 -43.19
C HIS E 44 0.21 -39.80 -41.85
N ALA E 45 0.10 -38.48 -41.83
CA ALA E 45 0.34 -37.72 -40.61
C ALA E 45 -0.50 -36.46 -40.63
N GLN E 46 -0.73 -35.90 -39.44
CA GLN E 46 -1.58 -34.73 -39.30
C GLN E 46 -0.93 -33.77 -38.32
N ASP E 47 -0.86 -32.50 -38.70
CA ASP E 47 -0.24 -31.49 -37.86
C ASP E 47 -1.30 -30.85 -36.96
N ILE E 48 -0.84 -30.29 -35.84
CA ILE E 48 -1.71 -29.62 -34.89
C ILE E 48 -1.25 -28.21 -34.56
N LEU E 49 0.02 -27.88 -34.80
CA LEU E 49 0.61 -26.61 -34.39
C LEU E 49 0.62 -25.67 -35.58
N GLU E 50 -0.15 -24.59 -35.50
CA GLU E 50 -0.10 -23.54 -36.50
C GLU E 50 1.09 -22.63 -36.22
N LYS E 51 1.66 -22.08 -37.29
CA LYS E 51 2.85 -21.25 -37.15
C LYS E 51 2.82 -20.00 -38.02
N THR E 52 1.69 -19.65 -38.62
CA THR E 52 1.61 -18.53 -39.55
C THR E 52 0.62 -17.48 -39.05
N HIS E 53 0.85 -16.25 -39.49
CA HIS E 53 -0.02 -15.13 -39.14
C HIS E 53 -0.02 -14.13 -40.29
N ASN E 54 -1.10 -13.35 -40.38
CA ASN E 54 -1.25 -12.38 -41.45
C ASN E 54 -0.46 -11.10 -41.21
N GLY E 55 -0.03 -10.84 -39.97
CA GLY E 55 0.82 -9.71 -39.68
C GLY E 55 0.21 -8.34 -39.88
N LYS E 56 -1.04 -8.15 -39.46
CA LYS E 56 -1.68 -6.84 -39.53
C LYS E 56 -2.84 -6.80 -38.55
N LEU E 57 -3.27 -5.58 -38.23
CA LEU E 57 -4.37 -5.37 -37.30
C LEU E 57 -5.69 -5.42 -38.05
N CYS E 58 -6.61 -6.25 -37.58
CA CYS E 58 -7.85 -6.54 -38.28
C CYS E 58 -9.03 -6.22 -37.38
N ASP E 59 -10.23 -6.38 -37.94
CA ASP E 59 -11.45 -6.24 -37.18
C ASP E 59 -11.75 -7.52 -36.39
N LEU E 60 -12.76 -7.46 -35.53
CA LEU E 60 -13.12 -8.57 -34.66
C LEU E 60 -14.64 -8.65 -34.61
N ASN E 61 -15.21 -9.56 -35.40
CA ASN E 61 -16.66 -9.77 -35.48
C ASN E 61 -17.41 -8.54 -35.98
N GLY E 62 -16.72 -7.68 -36.73
CA GLY E 62 -17.38 -6.57 -37.39
C GLY E 62 -17.39 -5.26 -36.65
N VAL E 63 -16.63 -5.12 -35.56
CA VAL E 63 -16.54 -3.87 -34.82
C VAL E 63 -15.09 -3.42 -34.81
N LYS E 64 -14.85 -2.19 -35.27
CA LYS E 64 -13.50 -1.69 -35.42
C LYS E 64 -12.87 -1.42 -34.05
N PRO E 65 -11.57 -1.61 -33.91
CA PRO E 65 -10.89 -1.30 -32.65
C PRO E 65 -10.60 0.20 -32.55
N LEU E 66 -9.91 0.57 -31.48
CA LEU E 66 -9.48 1.94 -31.25
C LEU E 66 -7.97 2.00 -31.37
N ILE E 67 -7.47 2.82 -32.29
CA ILE E 67 -6.05 2.98 -32.53
C ILE E 67 -5.65 4.34 -31.99
N LEU E 68 -4.96 4.35 -30.85
CA LEU E 68 -4.54 5.60 -30.23
C LEU E 68 -3.38 6.26 -30.97
N LYS E 69 -2.73 5.55 -31.89
CA LYS E 69 -1.69 6.12 -32.74
C LYS E 69 -0.51 6.62 -31.93
N ASP E 70 -0.49 7.92 -31.65
CA ASP E 70 0.64 8.54 -30.97
C ASP E 70 0.19 9.24 -29.69
N CYS E 71 -0.65 8.58 -28.90
CA CYS E 71 -1.15 9.15 -27.67
C CYS E 71 -1.20 8.06 -26.60
N SER E 72 -1.43 8.49 -25.37
CA SER E 72 -1.56 7.59 -24.23
C SER E 72 -2.98 7.63 -23.69
N VAL E 73 -3.28 6.72 -22.77
CA VAL E 73 -4.62 6.64 -22.20
C VAL E 73 -4.92 7.88 -21.36
N ALA E 74 -3.96 8.29 -20.53
CA ALA E 74 -4.15 9.48 -19.70
C ALA E 74 -4.28 10.72 -20.57
N GLY E 75 -3.47 10.84 -21.62
CA GLY E 75 -3.57 11.98 -22.51
C GLY E 75 -4.90 12.04 -23.23
N TRP E 76 -5.47 10.88 -23.57
CA TRP E 76 -6.80 10.85 -24.18
C TRP E 76 -7.87 11.25 -23.17
N LEU E 77 -7.78 10.72 -21.94
CA LEU E 77 -8.82 10.98 -20.97
C LEU E 77 -8.74 12.40 -20.40
N LEU E 78 -7.61 13.08 -20.57
CA LEU E 78 -7.47 14.46 -20.14
C LEU E 78 -7.50 15.45 -21.28
N GLY E 79 -7.48 15.00 -22.53
CA GLY E 79 -7.63 15.88 -23.67
C GLY E 79 -6.41 16.73 -23.99
N ASN E 80 -5.34 16.10 -24.43
CA ASN E 80 -4.15 16.84 -24.85
C ASN E 80 -4.49 17.72 -26.05
N PRO E 81 -3.92 18.92 -26.14
CA PRO E 81 -4.19 19.77 -27.31
C PRO E 81 -3.78 19.14 -28.63
N MET E 82 -2.74 18.32 -28.63
CA MET E 82 -2.26 17.66 -29.84
C MET E 82 -2.96 16.33 -30.10
N CYS E 83 -3.98 16.00 -29.32
CA CYS E 83 -4.72 14.75 -29.43
C CYS E 83 -6.21 15.03 -29.58
N ASP E 84 -6.54 15.98 -30.46
CA ASP E 84 -7.90 16.45 -30.60
C ASP E 84 -8.73 15.65 -31.59
N GLU E 85 -8.17 14.58 -32.16
CA GLU E 85 -8.91 13.72 -33.07
C GLU E 85 -9.88 12.80 -32.32
N PHE E 86 -9.68 12.60 -31.03
CA PHE E 86 -10.45 11.67 -30.22
C PHE E 86 -11.40 12.39 -29.27
N ILE E 87 -11.98 13.51 -29.70
CA ILE E 87 -12.95 14.20 -28.85
C ILE E 87 -14.24 13.40 -28.74
N ARG E 88 -14.72 12.86 -29.86
CA ARG E 88 -15.87 11.96 -29.89
C ARG E 88 -15.43 10.63 -30.47
N VAL E 89 -15.81 9.54 -29.81
CA VAL E 89 -15.32 8.21 -30.19
C VAL E 89 -16.48 7.22 -30.20
N PRO E 90 -16.61 6.40 -31.25
CA PRO E 90 -17.68 5.39 -31.27
C PRO E 90 -17.31 4.12 -30.52
N GLU E 91 -18.19 3.12 -30.59
CA GLU E 91 -17.96 1.86 -29.89
C GLU E 91 -16.76 1.12 -30.49
N TRP E 92 -16.01 0.44 -29.62
CA TRP E 92 -14.80 -0.27 -30.00
C TRP E 92 -14.82 -1.68 -29.43
N SER E 93 -13.76 -2.44 -29.71
CA SER E 93 -13.61 -3.80 -29.21
C SER E 93 -12.34 -4.00 -28.41
N TYR E 94 -11.22 -3.42 -28.83
CA TYR E 94 -9.99 -3.45 -28.04
C TYR E 94 -9.19 -2.19 -28.35
N ILE E 95 -8.29 -1.86 -27.42
CA ILE E 95 -7.50 -0.63 -27.49
C ILE E 95 -6.07 -0.99 -27.86
N VAL E 96 -5.50 -0.28 -28.83
CA VAL E 96 -4.13 -0.47 -29.27
C VAL E 96 -3.33 0.75 -28.89
N GLU E 97 -2.22 0.54 -28.18
CA GLU E 97 -1.35 1.62 -27.72
C GLU E 97 0.07 1.33 -28.16
N ARG E 98 0.73 2.34 -28.71
CA ARG E 98 2.11 2.21 -29.15
C ARG E 98 3.04 2.09 -27.95
N ALA E 99 4.21 1.52 -28.18
CA ALA E 99 5.25 1.45 -27.16
C ALA E 99 5.93 2.80 -27.03
N ASN E 100 6.05 3.29 -25.80
CA ASN E 100 6.65 4.58 -25.50
C ASN E 100 5.93 5.72 -26.22
N PRO E 101 4.69 6.08 -25.81
CA PRO E 101 4.03 7.25 -26.39
C PRO E 101 4.90 8.51 -26.40
N ALA E 102 4.53 9.48 -27.23
CA ALA E 102 5.29 10.71 -27.37
C ALA E 102 4.58 11.93 -26.79
N ASN E 103 3.25 11.98 -26.87
CA ASN E 103 2.53 13.15 -26.39
C ASN E 103 2.33 13.10 -24.88
N ASP E 104 1.58 12.11 -24.40
CA ASP E 104 1.34 11.90 -22.97
C ASP E 104 0.90 13.17 -22.24
N LEU E 105 1.41 13.38 -21.03
CA LEU E 105 1.07 14.54 -20.23
C LEU E 105 2.14 15.61 -20.44
N CYS E 106 1.76 16.70 -21.12
CA CYS E 106 2.72 17.76 -21.43
C CYS E 106 3.25 18.41 -20.16
N PHE E 107 2.38 18.71 -19.21
CA PHE E 107 2.82 19.28 -17.94
C PHE E 107 3.35 18.19 -17.03
N PRO E 108 4.55 18.33 -16.48
CA PRO E 108 5.11 17.27 -15.63
C PRO E 108 4.25 17.05 -14.39
N GLY E 109 4.17 15.80 -13.97
CA GLY E 109 3.35 15.43 -12.83
C GLY E 109 3.06 13.95 -12.83
N SER E 110 1.91 13.60 -12.25
CA SER E 110 1.51 12.20 -12.15
C SER E 110 0.01 12.12 -12.00
N LEU E 111 -0.54 10.96 -12.29
CA LEU E 111 -1.95 10.65 -12.08
C LEU E 111 -2.06 9.64 -10.95
N ASN E 112 -2.73 10.02 -9.87
CA ASN E 112 -2.77 9.19 -8.68
C ASN E 112 -3.56 7.92 -8.94
N ASP E 113 -3.12 6.83 -8.30
CA ASP E 113 -3.76 5.52 -8.42
C ASP E 113 -3.81 5.06 -9.88
N TYR E 114 -2.75 5.37 -10.62
CA TYR E 114 -2.62 4.87 -11.98
C TYR E 114 -2.43 3.35 -11.95
N GLU E 115 -2.52 2.73 -13.13
CA GLU E 115 -2.39 1.29 -13.31
C GLU E 115 -3.53 0.52 -12.65
N GLU E 116 -4.45 1.25 -12.01
CA GLU E 116 -5.71 0.68 -11.53
C GLU E 116 -6.90 1.19 -12.34
N LEU E 117 -6.78 2.37 -12.93
CA LEU E 117 -7.78 2.82 -13.89
C LEU E 117 -7.77 1.94 -15.13
N LYS E 118 -6.59 1.46 -15.53
CA LYS E 118 -6.50 0.55 -16.67
C LYS E 118 -7.25 -0.75 -16.41
N HIS E 119 -7.37 -1.15 -15.14
CA HIS E 119 -8.19 -2.30 -14.80
C HIS E 119 -9.68 -1.98 -14.88
N MET E 120 -10.06 -0.75 -14.57
CA MET E 120 -11.45 -0.33 -14.78
C MET E 120 -11.81 -0.35 -16.26
N LEU E 121 -10.87 0.09 -17.10
CA LEU E 121 -11.01 -0.14 -18.54
C LEU E 121 -10.82 -1.62 -18.84
N SER E 122 -10.86 -1.96 -20.12
CA SER E 122 -10.88 -3.34 -20.62
C SER E 122 -12.18 -4.06 -20.23
N ARG E 123 -13.10 -3.38 -19.55
CA ARG E 123 -14.44 -3.90 -19.30
C ARG E 123 -15.51 -2.89 -19.73
N ILE E 124 -15.11 -1.81 -20.38
CA ILE E 124 -16.03 -0.79 -20.88
C ILE E 124 -15.88 -0.72 -22.39
N ASN E 125 -17.00 -0.80 -23.11
CA ASN E 125 -16.98 -0.86 -24.56
C ASN E 125 -17.54 0.41 -25.21
N HIS E 126 -18.03 1.37 -24.43
CA HIS E 126 -18.59 2.59 -25.01
C HIS E 126 -18.72 3.64 -23.92
N PHE E 127 -18.33 4.87 -24.26
CA PHE E 127 -18.41 6.00 -23.35
C PHE E 127 -19.33 7.07 -23.92
N GLU E 128 -19.85 7.90 -23.04
CA GLU E 128 -20.63 9.07 -23.41
C GLU E 128 -20.19 10.24 -22.56
N LYS E 129 -20.11 11.42 -23.17
CA LYS E 129 -19.54 12.60 -22.53
C LYS E 129 -20.64 13.58 -22.13
N ILE E 130 -20.52 14.13 -20.92
CA ILE E 130 -21.53 15.02 -20.35
C ILE E 130 -20.85 16.25 -19.79
N GLN E 131 -21.46 17.41 -20.04
CA GLN E 131 -21.01 18.68 -19.49
C GLN E 131 -21.66 18.85 -18.12
N ILE E 132 -20.85 18.73 -17.05
CA ILE E 132 -21.36 18.77 -15.69
C ILE E 132 -21.30 20.18 -15.10
N ILE E 133 -20.24 20.93 -15.39
CA ILE E 133 -20.11 22.30 -14.90
C ILE E 133 -19.68 23.18 -16.07
N PRO E 134 -20.56 24.03 -16.59
CA PRO E 134 -20.20 24.86 -17.74
C PRO E 134 -19.09 25.85 -17.40
N LYS E 135 -18.29 26.17 -18.43
CA LYS E 135 -17.20 27.10 -18.26
C LYS E 135 -17.68 28.53 -18.03
N SER E 136 -18.93 28.82 -18.40
CA SER E 136 -19.51 30.15 -18.22
C SER E 136 -20.17 30.32 -16.85
N SER E 137 -20.05 29.33 -15.97
CA SER E 137 -20.67 29.37 -14.65
C SER E 137 -19.74 29.95 -13.58
N TRP E 138 -18.60 30.51 -13.97
CA TRP E 138 -17.68 31.13 -13.04
C TRP E 138 -17.62 32.62 -13.28
N PRO E 139 -18.58 33.39 -12.76
CA PRO E 139 -18.58 34.85 -13.00
C PRO E 139 -17.59 35.62 -12.15
N ASN E 140 -16.99 35.00 -11.13
CA ASN E 140 -16.10 35.70 -10.20
C ASN E 140 -14.70 35.12 -10.21
N HIS E 141 -14.28 34.53 -11.32
CA HIS E 141 -12.94 34.00 -11.49
C HIS E 141 -12.47 34.34 -12.90
N GLU E 142 -11.36 33.73 -13.32
CA GLU E 142 -10.81 33.95 -14.64
C GLU E 142 -10.40 32.63 -15.25
N THR E 143 -10.93 32.33 -16.43
CA THR E 143 -10.69 31.06 -17.11
C THR E 143 -9.98 31.24 -18.45
N SER E 144 -9.34 32.38 -18.68
CA SER E 144 -8.77 32.70 -19.98
C SER E 144 -7.25 32.64 -20.01
N LEU E 145 -6.58 33.24 -19.02
CA LEU E 145 -5.13 33.39 -19.06
C LEU E 145 -4.40 32.19 -18.46
N GLY E 146 -5.10 31.15 -18.06
CA GLY E 146 -4.46 29.99 -17.50
C GLY E 146 -3.87 29.06 -18.55
N VAL E 147 -2.80 29.50 -19.21
CA VAL E 147 -2.14 28.72 -20.25
C VAL E 147 -0.65 28.66 -19.96
N SER E 148 -0.01 27.63 -20.52
CA SER E 148 1.42 27.41 -20.31
C SER E 148 2.08 27.07 -21.63
N ALA E 149 3.39 27.27 -21.68
CA ALA E 149 4.17 27.04 -22.89
C ALA E 149 4.62 25.60 -23.06
N ALA E 150 4.32 24.72 -22.10
CA ALA E 150 4.67 23.32 -22.20
C ALA E 150 3.63 22.48 -22.92
N CYS E 151 2.48 23.05 -23.25
CA CYS E 151 1.42 22.37 -23.99
C CYS E 151 1.02 23.23 -25.18
N PRO E 152 1.86 23.30 -26.20
CA PRO E 152 1.58 24.19 -27.32
C PRO E 152 0.58 23.60 -28.30
N TYR E 153 -0.18 24.49 -28.94
CA TYR E 153 -1.12 24.12 -29.99
C TYR E 153 -0.83 24.99 -31.21
N GLN E 154 -0.23 24.40 -32.24
CA GLN E 154 0.13 25.10 -33.47
C GLN E 154 1.04 26.29 -33.17
N GLY E 155 2.00 26.09 -32.29
CA GLY E 155 2.99 27.11 -31.98
C GLY E 155 2.57 28.16 -30.98
N ALA E 156 1.48 27.94 -30.26
CA ALA E 156 1.01 28.88 -29.25
C ALA E 156 0.66 28.15 -27.97
N PRO E 157 0.83 28.80 -26.82
CA PRO E 157 0.50 28.13 -25.55
C PRO E 157 -0.96 27.75 -25.45
N SER E 158 -1.22 26.63 -24.78
CA SER E 158 -2.58 26.11 -24.60
C SER E 158 -2.60 25.26 -23.33
N PHE E 159 -3.68 24.50 -23.17
CA PHE E 159 -3.89 23.69 -21.97
C PHE E 159 -4.82 22.54 -22.35
N PHE E 160 -5.10 21.67 -21.38
CA PHE E 160 -6.04 20.58 -21.59
C PHE E 160 -7.42 21.13 -21.91
N ARG E 161 -8.29 20.25 -22.40
CA ARG E 161 -9.62 20.65 -22.84
C ARG E 161 -10.74 20.13 -21.95
N ASN E 162 -10.47 19.17 -21.07
CA ASN E 162 -11.47 18.62 -20.18
C ASN E 162 -11.40 19.18 -18.76
N VAL E 163 -10.47 20.10 -18.49
CA VAL E 163 -10.31 20.69 -17.16
C VAL E 163 -10.10 22.19 -17.31
N VAL E 164 -10.37 22.91 -16.23
CA VAL E 164 -10.26 24.37 -16.20
C VAL E 164 -9.28 24.76 -15.09
N TRP E 165 -8.34 25.63 -15.43
CA TRP E 165 -7.38 26.17 -14.47
C TRP E 165 -7.85 27.57 -14.07
N LEU E 166 -8.06 27.77 -12.77
CA LEU E 166 -8.70 28.98 -12.26
C LEU E 166 -7.65 29.91 -11.66
N ILE E 167 -7.73 31.19 -12.02
CA ILE E 167 -6.80 32.21 -11.57
C ILE E 167 -7.62 33.39 -11.06
N LYS E 168 -7.03 34.11 -10.10
CA LYS E 168 -7.72 35.23 -9.46
C LYS E 168 -8.16 36.27 -10.48
N LYS E 169 -9.25 36.95 -10.16
CA LYS E 169 -9.78 38.04 -10.98
C LYS E 169 -10.03 39.25 -10.10
N ASN E 170 -9.58 40.42 -10.54
CA ASN E 170 -9.72 41.68 -9.80
C ASN E 170 -9.06 41.61 -8.43
N ASP E 171 -7.99 40.83 -8.33
CA ASP E 171 -7.22 40.66 -7.09
C ASP E 171 -8.12 40.13 -5.96
N ALA E 172 -8.64 38.93 -6.18
CA ALA E 172 -9.48 38.26 -5.20
C ALA E 172 -9.65 36.80 -5.61
N TYR E 173 -10.05 35.98 -4.65
CA TYR E 173 -10.28 34.57 -4.85
C TYR E 173 -11.23 34.03 -3.78
N PRO E 174 -12.54 34.20 -3.97
CA PRO E 174 -13.49 33.74 -2.95
C PRO E 174 -13.54 32.21 -2.88
N THR E 175 -14.10 31.74 -1.78
CA THR E 175 -14.24 30.31 -1.55
C THR E 175 -15.26 29.71 -2.52
N ILE E 176 -15.15 28.40 -2.73
CA ILE E 176 -15.96 27.69 -3.70
C ILE E 176 -16.76 26.61 -2.98
N LYS E 177 -18.07 26.59 -3.23
CA LYS E 177 -18.96 25.54 -2.74
C LYS E 177 -19.79 25.03 -3.91
N ILE E 178 -19.49 23.83 -4.38
CA ILE E 178 -20.10 23.27 -5.58
C ILE E 178 -20.53 21.84 -5.30
N SER E 179 -21.75 21.51 -5.70
CA SER E 179 -22.27 20.15 -5.58
C SER E 179 -22.95 19.72 -6.87
N TYR E 180 -22.88 18.43 -7.16
CA TYR E 180 -23.51 17.86 -8.34
C TYR E 180 -24.31 16.63 -7.93
N ASN E 181 -25.56 16.57 -8.35
CA ASN E 181 -26.47 15.49 -7.99
C ASN E 181 -26.70 14.61 -9.21
N ASN E 182 -26.37 13.32 -9.08
CA ASN E 182 -26.55 12.39 -10.18
C ASN E 182 -28.02 12.00 -10.30
N THR E 183 -28.53 12.00 -11.53
CA THR E 183 -29.92 11.69 -11.79
C THR E 183 -30.13 10.69 -12.92
N ASN E 184 -29.07 10.25 -13.58
CA ASN E 184 -29.18 9.27 -14.65
C ASN E 184 -29.33 7.87 -14.05
N ARG E 185 -29.31 6.86 -14.93
CA ARG E 185 -29.42 5.47 -14.53
C ARG E 185 -28.10 4.71 -14.70
N GLU E 186 -27.00 5.41 -14.99
CA GLU E 186 -25.70 4.80 -15.16
C GLU E 186 -24.66 5.58 -14.37
N ASP E 187 -23.48 4.98 -14.22
CA ASP E 187 -22.43 5.55 -13.39
C ASP E 187 -21.75 6.72 -14.11
N LEU E 188 -20.73 7.27 -13.46
CA LEU E 188 -19.97 8.39 -13.99
C LEU E 188 -18.49 8.19 -13.68
N LEU E 189 -17.68 9.12 -14.17
CA LEU E 189 -16.24 9.13 -13.93
C LEU E 189 -15.76 10.58 -13.96
N ILE E 190 -15.20 11.05 -12.85
CA ILE E 190 -14.85 12.46 -12.67
C ILE E 190 -13.38 12.57 -12.36
N LEU E 191 -12.73 13.60 -12.90
CA LEU E 191 -11.31 13.85 -12.69
C LEU E 191 -11.10 15.28 -12.21
N TRP E 192 -10.18 15.46 -11.26
CA TRP E 192 -9.80 16.77 -10.76
C TRP E 192 -8.34 16.73 -10.34
N GLY E 193 -7.80 17.87 -9.93
CA GLY E 193 -6.37 17.92 -9.67
C GLY E 193 -5.95 19.05 -8.76
N ILE E 194 -4.64 19.09 -8.51
CA ILE E 194 -4.01 20.07 -7.63
C ILE E 194 -2.74 20.59 -8.31
N HIS E 195 -2.29 21.77 -7.87
CA HIS E 195 -1.11 22.42 -8.43
C HIS E 195 -0.11 22.71 -7.32
N HIS E 196 1.14 22.36 -7.55
CA HIS E 196 2.23 22.63 -6.62
C HIS E 196 3.10 23.75 -7.18
N SER E 197 3.39 24.75 -6.34
CA SER E 197 4.10 25.93 -6.78
C SER E 197 5.61 25.77 -6.55
N ASN E 198 6.35 26.85 -6.70
CA ASN E 198 7.80 26.87 -6.51
C ASN E 198 8.25 27.73 -5.34
N ASN E 199 7.65 28.91 -5.16
CA ASN E 199 8.00 29.79 -4.05
C ASN E 199 6.77 30.60 -3.66
N ALA E 200 6.95 31.45 -2.65
CA ALA E 200 5.82 32.20 -2.09
C ALA E 200 5.37 33.31 -3.04
N GLU E 201 6.31 33.97 -3.72
CA GLU E 201 5.95 35.08 -4.59
C GLU E 201 5.09 34.61 -5.75
N GLU E 202 5.41 33.46 -6.34
CA GLU E 202 4.57 32.91 -7.40
C GLU E 202 3.18 32.57 -6.87
N GLN E 203 3.11 32.00 -5.66
CA GLN E 203 1.82 31.65 -5.08
C GLN E 203 0.96 32.88 -4.85
N THR E 204 1.55 33.97 -4.35
CA THR E 204 0.79 35.19 -4.14
C THR E 204 0.57 35.99 -5.42
N ASN E 205 1.25 35.64 -6.52
CA ASN E 205 0.98 36.29 -7.79
C ASN E 205 -0.10 35.58 -8.59
N LEU E 206 -0.18 34.25 -8.53
CA LEU E 206 -1.24 33.53 -9.21
C LEU E 206 -2.54 33.57 -8.41
N TYR E 207 -2.52 33.03 -7.19
CA TYR E 207 -3.61 33.18 -6.25
C TYR E 207 -3.23 34.27 -5.25
N LYS E 208 -4.06 34.46 -4.22
CA LYS E 208 -3.77 35.50 -3.25
C LYS E 208 -3.52 34.97 -1.85
N ASN E 209 -4.32 34.03 -1.37
CA ASN E 209 -4.11 33.50 -0.03
C ASN E 209 -2.85 32.65 0.02
N PRO E 210 -2.06 32.74 1.10
CA PRO E 210 -0.81 31.98 1.17
C PRO E 210 -0.98 30.57 1.73
N ILE E 211 -2.09 30.32 2.42
CA ILE E 211 -2.39 29.00 2.98
C ILE E 211 -3.66 28.49 2.30
N THR E 212 -3.54 27.36 1.62
CA THR E 212 -4.61 26.85 0.77
C THR E 212 -4.85 25.37 1.05
N TYR E 213 -6.01 24.88 0.60
CA TYR E 213 -6.40 23.50 0.82
C TYR E 213 -7.51 23.14 -0.16
N ILE E 214 -7.76 21.84 -0.29
CA ILE E 214 -8.87 21.30 -1.08
C ILE E 214 -9.53 20.18 -0.29
N SER E 215 -10.86 20.15 -0.30
CA SER E 215 -11.63 19.11 0.38
C SER E 215 -12.68 18.55 -0.55
N VAL E 216 -12.75 17.22 -0.65
CA VAL E 216 -13.72 16.53 -1.48
C VAL E 216 -14.39 15.45 -0.64
N GLY E 217 -15.71 15.37 -0.73
CA GLY E 217 -16.45 14.38 0.04
C GLY E 217 -17.64 13.84 -0.72
N THR E 218 -17.95 12.58 -0.47
CA THR E 218 -19.14 11.93 -1.02
C THR E 218 -19.59 10.86 -0.02
N SER E 219 -20.46 9.96 -0.48
CA SER E 219 -21.02 8.96 0.42
C SER E 219 -20.00 7.91 0.86
N THR E 220 -18.89 7.76 0.14
CA THR E 220 -17.90 6.75 0.51
C THR E 220 -16.46 7.23 0.38
N LEU E 221 -16.23 8.54 0.23
CA LEU E 221 -14.88 9.07 0.11
C LEU E 221 -14.75 10.33 0.95
N ASN E 222 -13.60 10.47 1.60
CA ASN E 222 -13.28 11.64 2.40
C ASN E 222 -11.81 11.97 2.20
N GLN E 223 -11.52 13.22 1.86
CA GLN E 223 -10.17 13.59 1.45
C GLN E 223 -9.90 15.06 1.72
N ARG E 224 -8.69 15.36 2.19
CA ARG E 224 -8.21 16.72 2.34
C ARG E 224 -6.76 16.78 1.88
N LEU E 225 -6.40 17.88 1.20
CA LEU E 225 -5.09 18.01 0.59
C LEU E 225 -4.55 19.42 0.82
N ALA E 226 -3.23 19.52 0.77
CA ALA E 226 -2.53 20.79 0.90
C ALA E 226 -1.35 20.81 -0.07
N PRO E 227 -0.98 21.97 -0.59
CA PRO E 227 0.11 22.04 -1.55
C PRO E 227 1.48 21.94 -0.90
N LYS E 228 2.47 21.57 -1.72
CA LYS E 228 3.86 21.50 -1.32
C LYS E 228 4.65 22.54 -2.11
N ILE E 229 5.44 23.34 -1.40
CA ILE E 229 6.26 24.38 -2.02
C ILE E 229 7.73 24.05 -1.71
N ALA E 230 8.52 23.89 -2.76
CA ALA E 230 9.92 23.51 -2.61
C ALA E 230 10.65 23.85 -3.91
N THR E 231 11.88 23.37 -4.05
CA THR E 231 12.70 23.57 -5.23
C THR E 231 12.99 22.23 -5.88
N ARG E 232 12.76 22.14 -7.19
CA ARG E 232 12.99 20.92 -7.94
C ARG E 232 13.77 21.27 -9.21
N SER E 233 14.05 20.24 -10.01
CA SER E 233 14.80 20.41 -11.25
C SER E 233 13.85 20.78 -12.38
N GLN E 234 14.34 20.75 -13.61
CA GLN E 234 13.57 21.12 -14.79
C GLN E 234 13.17 19.88 -15.57
N VAL E 235 11.88 19.78 -15.88
CA VAL E 235 11.36 18.77 -16.80
C VAL E 235 10.50 19.51 -17.82
N ASN E 236 10.85 19.38 -19.11
CA ASN E 236 10.14 20.04 -20.20
C ASN E 236 10.11 21.55 -20.03
N GLY E 237 11.14 22.11 -19.39
CA GLY E 237 11.26 23.54 -19.24
C GLY E 237 10.47 24.15 -18.10
N GLN E 238 9.74 23.36 -17.33
CA GLN E 238 8.95 23.85 -16.22
C GLN E 238 9.54 23.35 -14.89
N ARG E 239 9.16 24.05 -13.81
CA ARG E 239 9.62 23.69 -12.48
C ARG E 239 8.47 23.47 -11.50
N GLY E 240 7.24 23.27 -12.00
CA GLY E 240 6.11 22.97 -11.17
C GLY E 240 5.60 21.55 -11.39
N ARG E 241 4.56 21.21 -10.64
CA ARG E 241 4.00 19.87 -10.69
C ARG E 241 2.48 19.93 -10.62
N MET E 242 1.84 18.87 -11.10
CA MET E 242 0.40 18.71 -11.03
C MET E 242 0.07 17.25 -10.72
N ASP E 243 -0.93 17.05 -9.85
CA ASP E 243 -1.38 15.72 -9.48
C ASP E 243 -2.88 15.62 -9.74
N PHE E 244 -3.31 14.46 -10.24
CA PHE E 244 -4.69 14.25 -10.67
C PHE E 244 -5.27 13.02 -9.98
N PHE E 245 -6.59 13.04 -9.79
CA PHE E 245 -7.30 11.98 -9.09
C PHE E 245 -8.54 11.59 -9.90
N TRP E 246 -9.20 10.52 -9.46
CA TRP E 246 -10.41 10.04 -10.14
C TRP E 246 -11.27 9.26 -9.15
N THR E 247 -12.56 9.16 -9.50
CA THR E 247 -13.51 8.40 -8.71
C THR E 247 -14.69 8.02 -9.58
N ILE E 248 -15.50 7.08 -9.08
CA ILE E 248 -16.68 6.60 -9.77
C ILE E 248 -17.90 6.87 -8.89
N LEU E 249 -18.93 7.48 -9.48
CA LEU E 249 -20.09 7.96 -8.74
C LEU E 249 -21.29 7.08 -9.03
N LYS E 250 -22.06 6.78 -7.98
CA LYS E 250 -23.23 5.91 -8.08
C LYS E 250 -24.44 6.68 -8.61
N PRO E 251 -25.48 5.96 -9.07
CA PRO E 251 -26.61 6.64 -9.73
C PRO E 251 -27.29 7.70 -8.88
N ASP E 252 -27.45 7.51 -7.57
CA ASP E 252 -28.22 8.43 -6.75
C ASP E 252 -27.38 9.21 -5.75
N ASP E 253 -26.05 9.11 -5.82
CA ASP E 253 -25.18 9.78 -4.86
C ASP E 253 -24.95 11.23 -5.27
N ALA E 254 -24.05 11.91 -4.57
CA ALA E 254 -23.69 13.28 -4.89
C ALA E 254 -22.23 13.50 -4.56
N ILE E 255 -21.63 14.49 -5.21
CA ILE E 255 -20.22 14.83 -5.00
C ILE E 255 -20.13 16.32 -4.66
N HIS E 256 -19.30 16.63 -3.66
CA HIS E 256 -19.18 17.99 -3.15
C HIS E 256 -17.74 18.47 -3.28
N PHE E 257 -17.58 19.78 -3.45
CA PHE E 257 -16.27 20.40 -3.61
C PHE E 257 -16.15 21.63 -2.74
N GLU E 258 -14.98 21.81 -2.15
CA GLU E 258 -14.64 22.99 -1.36
C GLU E 258 -13.16 23.29 -1.56
N SER E 259 -12.84 24.54 -1.87
CA SER E 259 -11.46 24.89 -2.18
C SER E 259 -11.21 26.35 -1.84
N ASN E 260 -9.93 26.67 -1.71
CA ASN E 260 -9.48 28.04 -1.44
C ASN E 260 -8.35 28.46 -2.37
N GLY E 261 -7.86 27.56 -3.20
CA GLY E 261 -6.77 27.86 -4.12
C GLY E 261 -6.15 26.60 -4.63
N ASN E 262 -5.33 26.76 -5.67
CA ASN E 262 -4.61 25.64 -6.30
C ASN E 262 -5.57 24.55 -6.75
N PHE E 263 -6.62 24.95 -7.47
CA PHE E 263 -7.69 24.05 -7.86
C PHE E 263 -7.81 23.98 -9.37
N ILE E 264 -7.87 22.77 -9.90
CA ILE E 264 -8.10 22.51 -11.32
C ILE E 264 -9.48 21.89 -11.44
N ALA E 265 -10.48 22.71 -11.74
CA ALA E 265 -11.87 22.30 -11.71
C ALA E 265 -12.22 21.36 -12.86
N PRO E 266 -13.16 20.44 -12.64
CA PRO E 266 -13.64 19.59 -13.73
C PRO E 266 -14.77 20.22 -14.51
N GLU E 267 -14.79 19.94 -15.81
CA GLU E 267 -15.83 20.45 -16.70
C GLU E 267 -16.61 19.34 -17.38
N TYR E 268 -15.93 18.31 -17.90
CA TYR E 268 -16.60 17.20 -18.56
C TYR E 268 -16.46 15.93 -17.73
N ALA E 269 -17.41 15.02 -17.91
CA ALA E 269 -17.41 13.72 -17.25
C ALA E 269 -17.83 12.65 -18.24
N TYR E 270 -17.38 11.43 -18.01
CA TYR E 270 -17.64 10.31 -18.89
C TYR E 270 -18.71 9.40 -18.29
N LYS E 271 -19.65 8.97 -19.13
CA LYS E 271 -20.77 8.13 -18.70
C LYS E 271 -20.59 6.73 -19.26
N ILE E 272 -20.75 5.73 -18.41
CA ILE E 272 -20.59 4.34 -18.80
C ILE E 272 -21.93 3.83 -19.31
N VAL E 273 -21.97 3.37 -20.56
CA VAL E 273 -23.22 2.98 -21.19
C VAL E 273 -23.23 1.52 -21.65
N LYS E 274 -22.08 0.89 -21.84
CA LYS E 274 -22.04 -0.52 -22.23
C LYS E 274 -20.82 -1.18 -21.60
N LYS E 275 -20.99 -2.42 -21.14
CA LYS E 275 -19.93 -3.17 -20.50
C LYS E 275 -19.78 -4.52 -21.18
N GLY E 276 -18.55 -5.04 -21.16
CA GLY E 276 -18.27 -6.31 -21.80
C GLY E 276 -16.86 -6.81 -21.59
N ASP E 277 -16.26 -7.35 -22.66
CA ASP E 277 -14.91 -7.88 -22.62
C ASP E 277 -14.02 -7.13 -23.59
N SER E 278 -12.82 -6.77 -23.14
CA SER E 278 -11.89 -5.99 -23.94
C SER E 278 -10.48 -6.25 -23.43
N THR E 279 -9.52 -5.51 -23.97
CA THR E 279 -8.12 -5.64 -23.58
C THR E 279 -7.36 -4.39 -24.03
N ILE E 280 -6.13 -4.28 -23.55
CA ILE E 280 -5.21 -3.22 -23.94
C ILE E 280 -3.95 -3.88 -24.50
N MET E 281 -3.56 -3.49 -25.70
CA MET E 281 -2.46 -4.11 -26.42
C MET E 281 -1.27 -3.15 -26.49
N LYS E 282 -0.12 -3.71 -26.87
CA LYS E 282 1.10 -2.93 -27.11
C LYS E 282 1.78 -3.49 -28.35
N SER E 283 1.70 -2.76 -29.45
CA SER E 283 2.25 -3.23 -30.71
C SER E 283 2.50 -2.02 -31.62
N GLY E 284 3.14 -2.30 -32.75
CA GLY E 284 3.43 -1.25 -33.72
C GLY E 284 3.07 -1.65 -35.14
N VAL E 285 2.17 -2.62 -35.28
CA VAL E 285 1.74 -3.08 -36.59
C VAL E 285 0.73 -2.11 -37.17
N GLU E 286 0.78 -1.91 -38.48
CA GLU E 286 -0.09 -0.97 -39.16
C GLU E 286 -1.50 -1.54 -39.32
N TYR E 287 -2.44 -0.64 -39.62
CA TYR E 287 -3.84 -1.03 -39.75
C TYR E 287 -4.14 -1.54 -41.15
N GLY E 288 -5.07 -2.49 -41.22
CA GLY E 288 -5.50 -3.03 -42.50
C GLY E 288 -6.99 -3.30 -42.48
N HIS E 289 -7.59 -3.27 -43.67
CA HIS E 289 -9.03 -3.43 -43.84
C HIS E 289 -9.30 -4.89 -44.17
N CYS E 290 -9.70 -5.65 -43.15
CA CYS E 290 -9.99 -7.07 -43.31
C CYS E 290 -10.80 -7.53 -42.10
N ASN E 291 -11.22 -8.79 -42.13
CA ASN E 291 -12.02 -9.35 -41.07
C ASN E 291 -11.39 -10.65 -40.58
N THR E 292 -11.51 -10.89 -39.28
CA THR E 292 -11.01 -12.10 -38.64
C THR E 292 -11.82 -12.32 -37.37
N LYS E 293 -11.48 -13.39 -36.65
CA LYS E 293 -12.23 -13.76 -35.48
C LYS E 293 -11.32 -14.11 -34.31
N CYS E 294 -10.00 -14.12 -34.51
CA CYS E 294 -9.03 -14.19 -33.44
C CYS E 294 -7.95 -13.14 -33.70
N GLN E 295 -7.28 -12.70 -32.64
CA GLN E 295 -6.30 -11.64 -32.76
C GLN E 295 -5.14 -11.87 -31.80
N THR E 296 -3.94 -11.53 -32.27
CA THR E 296 -2.71 -11.52 -31.50
C THR E 296 -2.00 -10.19 -31.72
N PRO E 297 -1.15 -9.78 -30.78
CA PRO E 297 -0.47 -8.47 -30.94
C PRO E 297 0.51 -8.39 -32.09
N VAL E 298 0.66 -9.45 -32.89
CA VAL E 298 1.55 -9.42 -34.04
C VAL E 298 0.88 -9.93 -35.32
N GLY E 299 -0.39 -10.31 -35.26
CA GLY E 299 -1.07 -10.77 -36.45
C GLY E 299 -2.47 -11.25 -36.11
N ALA E 300 -3.02 -12.07 -37.00
CA ALA E 300 -4.33 -12.68 -36.82
C ALA E 300 -4.26 -14.15 -37.20
N ILE E 301 -5.23 -14.92 -36.72
CA ILE E 301 -5.26 -16.37 -36.92
C ILE E 301 -6.58 -16.74 -37.59
N ASN E 302 -6.50 -17.55 -38.64
CA ASN E 302 -7.67 -18.02 -39.39
C ASN E 302 -7.52 -19.53 -39.62
N SER E 303 -7.28 -20.27 -38.54
CA SER E 303 -7.10 -21.71 -38.62
C SER E 303 -8.01 -22.40 -37.62
N SER E 304 -8.21 -23.70 -37.82
CA SER E 304 -9.06 -24.50 -36.96
C SER E 304 -8.28 -25.48 -36.09
N MET E 305 -6.95 -25.52 -36.23
CA MET E 305 -6.16 -26.41 -35.40
C MET E 305 -6.12 -25.89 -33.95
N PRO E 306 -6.08 -26.79 -32.97
CA PRO E 306 -6.20 -26.38 -31.56
C PRO E 306 -4.92 -25.96 -30.87
N PHE E 307 -3.84 -25.63 -31.58
CA PHE E 307 -2.60 -25.21 -30.94
C PHE E 307 -1.90 -24.15 -31.77
N HIS E 308 -1.14 -23.30 -31.09
CA HIS E 308 -0.38 -22.23 -31.76
C HIS E 308 0.76 -21.80 -30.84
N ASN E 309 1.76 -21.14 -31.44
CA ASN E 309 2.94 -20.70 -30.71
C ASN E 309 3.35 -19.29 -31.13
N ILE E 310 2.38 -18.38 -31.26
CA ILE E 310 2.66 -17.03 -31.74
C ILE E 310 2.95 -16.10 -30.57
N HIS E 311 1.97 -15.93 -29.68
CA HIS E 311 2.10 -14.98 -28.57
C HIS E 311 1.10 -15.35 -27.50
N PRO E 312 1.48 -15.33 -26.22
CA PRO E 312 0.57 -15.83 -25.18
C PRO E 312 -0.59 -14.91 -24.84
N LEU E 313 -0.61 -13.67 -25.34
CA LEU E 313 -1.71 -12.74 -25.09
C LEU E 313 -2.61 -12.67 -26.31
N THR E 314 -3.90 -12.92 -26.11
CA THR E 314 -4.84 -13.05 -27.20
C THR E 314 -6.16 -12.39 -26.83
N ILE E 315 -7.12 -12.45 -27.76
CA ILE E 315 -8.46 -11.92 -27.55
C ILE E 315 -9.40 -12.64 -28.52
N GLY E 316 -10.59 -12.94 -28.05
CA GLY E 316 -11.50 -13.79 -28.79
C GLY E 316 -11.32 -15.24 -28.39
N GLU E 317 -11.95 -16.14 -29.15
CA GLU E 317 -11.70 -17.55 -28.93
C GLU E 317 -10.48 -17.97 -29.75
N CYS E 318 -9.54 -18.63 -29.08
CA CYS E 318 -8.24 -18.89 -29.68
C CYS E 318 -7.81 -20.31 -29.39
N PRO E 319 -7.00 -20.91 -30.26
CA PRO E 319 -6.39 -22.19 -29.92
C PRO E 319 -5.41 -22.04 -28.76
N LYS E 320 -5.12 -23.17 -28.12
CA LYS E 320 -4.30 -23.16 -26.93
C LYS E 320 -2.84 -22.84 -27.28
N TYR E 321 -2.07 -22.48 -26.25
CA TYR E 321 -0.70 -22.03 -26.41
C TYR E 321 0.29 -23.03 -25.81
N VAL E 322 1.37 -23.27 -26.55
CA VAL E 322 2.50 -24.05 -26.09
C VAL E 322 3.77 -23.39 -26.61
N LYS E 323 4.90 -23.70 -25.96
CA LYS E 323 6.18 -23.14 -26.36
C LYS E 323 6.92 -24.01 -27.37
N SER E 324 6.41 -25.19 -27.69
CA SER E 324 7.10 -26.10 -28.59
C SER E 324 7.02 -25.58 -30.04
N ASN E 325 7.68 -26.31 -30.94
CA ASN E 325 7.69 -25.93 -32.35
C ASN E 325 7.49 -27.13 -33.27
N LYS E 326 7.03 -28.26 -32.74
CA LYS E 326 6.77 -29.45 -33.56
C LYS E 326 5.83 -30.36 -32.79
N LEU E 327 4.64 -30.59 -33.33
CA LEU E 327 3.66 -31.46 -32.68
C LEU E 327 2.84 -32.14 -33.77
N VAL E 328 3.25 -33.36 -34.13
CA VAL E 328 2.56 -34.17 -35.13
C VAL E 328 2.33 -35.55 -34.53
N LEU E 329 1.08 -36.01 -34.55
CA LEU E 329 0.74 -37.35 -34.08
C LEU E 329 0.52 -38.26 -35.28
N ALA E 330 1.10 -39.45 -35.21
CA ALA E 330 1.08 -40.37 -36.35
C ALA E 330 -0.25 -41.10 -36.41
N THR E 331 -0.80 -41.23 -37.62
CA THR E 331 -1.99 -42.01 -37.91
C THR E 331 -1.73 -42.94 -39.07
N GLY E 332 -0.51 -43.46 -39.16
CA GLY E 332 -0.11 -44.26 -40.30
C GLY E 332 0.36 -45.66 -40.00
N LEU E 333 1.38 -46.12 -40.72
CA LEU E 333 1.83 -47.50 -40.65
C LEU E 333 3.36 -47.49 -40.62
N ARG E 334 3.95 -48.67 -40.81
CA ARG E 334 5.41 -48.87 -40.79
C ARG E 334 5.99 -48.67 -39.41
N THR F 49 -9.26 -44.27 -37.67
CA THR F 49 -10.64 -43.87 -37.92
C THR F 49 -11.14 -42.89 -36.86
N ASN F 50 -10.87 -41.61 -37.07
CA ASN F 50 -11.36 -40.52 -36.23
C ASN F 50 -10.93 -40.68 -34.77
N LYS F 51 -9.60 -40.59 -34.60
CA LYS F 51 -8.99 -40.61 -33.27
C LYS F 51 -8.54 -39.24 -32.77
N VAL F 52 -8.52 -38.23 -33.66
CA VAL F 52 -7.89 -36.96 -33.31
C VAL F 52 -8.72 -36.21 -32.26
N ASN F 53 -10.04 -36.27 -32.35
CA ASN F 53 -10.89 -35.49 -31.46
C ASN F 53 -10.70 -35.86 -30.00
N SER F 54 -10.18 -37.05 -29.71
CA SER F 54 -9.92 -37.46 -28.34
C SER F 54 -8.78 -36.67 -27.69
N ILE F 55 -8.21 -35.69 -28.36
CA ILE F 55 -7.11 -34.89 -27.83
C ILE F 55 -7.58 -33.50 -27.41
N ILE F 56 -8.36 -32.83 -28.26
CA ILE F 56 -8.81 -31.48 -27.94
C ILE F 56 -9.78 -31.50 -26.77
N ASP F 57 -10.64 -32.54 -26.70
CA ASP F 57 -11.65 -32.58 -25.65
C ASP F 57 -11.02 -32.65 -24.27
N LYS F 58 -9.85 -33.28 -24.14
CA LYS F 58 -9.18 -33.34 -22.85
C LYS F 58 -8.57 -31.99 -22.47
N MET F 59 -8.08 -31.23 -23.45
CA MET F 59 -7.42 -29.95 -23.21
C MET F 59 -8.36 -28.78 -23.46
N ASN F 60 -9.65 -28.92 -23.13
CA ASN F 60 -10.59 -27.82 -23.33
C ASN F 60 -10.22 -26.61 -22.48
N THR F 61 -9.84 -26.84 -21.22
CA THR F 61 -9.54 -25.75 -20.29
C THR F 61 -8.05 -25.67 -20.02
N GLN F 62 -7.50 -24.46 -20.09
CA GLN F 62 -6.10 -24.21 -19.83
C GLN F 62 -5.97 -22.81 -19.26
N PHE F 63 -4.73 -22.42 -18.96
CA PHE F 63 -4.47 -21.12 -18.36
C PHE F 63 -4.36 -20.06 -19.45
N GLU F 64 -5.16 -19.01 -19.32
CA GLU F 64 -5.15 -17.88 -20.24
C GLU F 64 -4.57 -16.67 -19.53
N ALA F 65 -3.48 -16.13 -20.06
CA ALA F 65 -2.80 -15.01 -19.43
C ALA F 65 -3.56 -13.71 -19.67
N VAL F 66 -3.37 -12.76 -18.75
CA VAL F 66 -3.97 -11.44 -18.84
C VAL F 66 -2.90 -10.40 -18.53
N GLY F 67 -3.16 -9.16 -18.91
CA GLY F 67 -2.20 -8.08 -18.75
C GLY F 67 -2.44 -7.31 -17.46
N ARG F 68 -1.34 -7.05 -16.74
CA ARG F 68 -1.37 -6.26 -15.53
C ARG F 68 -0.18 -5.32 -15.52
N GLU F 69 -0.37 -4.15 -14.89
CA GLU F 69 0.66 -3.13 -14.84
C GLU F 69 0.94 -2.73 -13.40
N PHE F 70 2.22 -2.57 -13.08
CA PHE F 70 2.66 -2.15 -11.75
C PHE F 70 3.66 -1.02 -11.90
N ASN F 71 3.68 -0.14 -10.90
CA ASN F 71 4.60 0.99 -10.91
C ASN F 71 5.99 0.53 -10.49
N ASN F 72 6.91 1.47 -10.30
CA ASN F 72 8.32 1.14 -10.07
C ASN F 72 8.66 0.93 -8.60
N LEU F 73 7.68 1.01 -7.70
CA LEU F 73 7.91 0.79 -6.29
C LEU F 73 7.20 -0.45 -5.76
N GLU F 74 6.71 -1.32 -6.64
CA GLU F 74 6.06 -2.56 -6.23
C GLU F 74 6.57 -3.73 -7.08
N ARG F 75 7.89 -3.83 -7.19
CA ARG F 75 8.48 -4.87 -8.04
C ARG F 75 8.36 -6.27 -7.45
N ARG F 76 8.01 -6.39 -6.16
CA ARG F 76 7.91 -7.70 -5.55
C ARG F 76 6.70 -8.48 -6.03
N ILE F 77 5.75 -7.82 -6.70
CA ILE F 77 4.52 -8.47 -7.16
C ILE F 77 4.66 -8.81 -8.65
N GLU F 78 5.44 -7.99 -9.37
CA GLU F 78 5.71 -8.28 -10.77
C GLU F 78 6.45 -9.60 -10.92
N ASN F 79 7.41 -9.87 -10.03
CA ASN F 79 8.10 -11.15 -10.04
C ASN F 79 7.13 -12.30 -9.79
N LEU F 80 6.21 -12.12 -8.84
CA LEU F 80 5.19 -13.14 -8.58
C LEU F 80 4.41 -13.46 -9.85
N ASN F 81 3.91 -12.41 -10.51
CA ASN F 81 3.10 -12.58 -11.71
C ASN F 81 3.89 -13.31 -12.80
N LYS F 82 5.11 -12.85 -13.07
CA LYS F 82 5.90 -13.44 -14.14
C LYS F 82 6.22 -14.90 -13.86
N LYS F 83 6.62 -15.21 -12.62
CA LYS F 83 6.96 -16.58 -12.27
C LYS F 83 5.74 -17.50 -12.39
N MET F 84 4.58 -17.03 -11.92
CA MET F 84 3.38 -17.85 -12.01
C MET F 84 3.01 -18.15 -13.46
N GLU F 85 3.05 -17.13 -14.32
CA GLU F 85 2.70 -17.34 -15.72
C GLU F 85 3.66 -18.32 -16.39
N ASP F 86 4.97 -18.12 -16.18
CA ASP F 86 5.95 -18.99 -16.81
C ASP F 86 5.81 -20.43 -16.31
N GLY F 87 5.58 -20.61 -15.02
CA GLY F 87 5.41 -21.95 -14.49
C GLY F 87 4.21 -22.67 -15.06
N PHE F 88 3.08 -21.96 -15.17
CA PHE F 88 1.90 -22.59 -15.75
C PHE F 88 2.13 -22.98 -17.21
N LEU F 89 2.79 -22.11 -17.97
CA LEU F 89 3.08 -22.45 -19.37
C LEU F 89 3.98 -23.68 -19.45
N ASP F 90 5.00 -23.77 -18.58
CA ASP F 90 5.89 -24.92 -18.59
C ASP F 90 5.14 -26.21 -18.29
N VAL F 91 4.27 -26.18 -17.27
CA VAL F 91 3.50 -27.37 -16.92
C VAL F 91 2.66 -27.83 -18.10
N TRP F 92 1.97 -26.88 -18.76
CA TRP F 92 1.06 -27.26 -19.82
C TRP F 92 1.80 -27.80 -21.04
N THR F 93 2.94 -27.20 -21.41
CA THR F 93 3.68 -27.71 -22.55
C THR F 93 4.24 -29.10 -22.27
N TYR F 94 4.72 -29.34 -21.04
CA TYR F 94 5.18 -30.67 -20.68
C TYR F 94 4.06 -31.69 -20.82
N ASN F 95 2.86 -31.36 -20.32
CA ASN F 95 1.75 -32.29 -20.40
C ASN F 95 1.39 -32.61 -21.84
N ALA F 96 1.33 -31.57 -22.69
CA ALA F 96 0.94 -31.79 -24.09
C ALA F 96 1.95 -32.67 -24.81
N GLU F 97 3.24 -32.38 -24.64
CA GLU F 97 4.25 -33.16 -25.35
C GLU F 97 4.25 -34.62 -24.89
N LEU F 98 4.13 -34.85 -23.58
CA LEU F 98 4.11 -36.22 -23.08
C LEU F 98 2.89 -36.97 -23.61
N LEU F 99 1.73 -36.31 -23.65
CA LEU F 99 0.54 -36.95 -24.19
C LEU F 99 0.74 -37.34 -25.64
N VAL F 100 1.32 -36.44 -26.44
CA VAL F 100 1.53 -36.75 -27.85
C VAL F 100 2.46 -37.94 -28.03
N LEU F 101 3.55 -37.97 -27.26
CA LEU F 101 4.50 -39.07 -27.40
C LEU F 101 3.87 -40.41 -27.02
N MET F 102 3.14 -40.44 -25.90
CA MET F 102 2.51 -41.69 -25.47
C MET F 102 1.46 -42.15 -26.48
N GLU F 103 0.67 -41.22 -27.01
CA GLU F 103 -0.34 -41.58 -28.00
C GLU F 103 0.30 -42.15 -29.25
N ASN F 104 1.40 -41.55 -29.70
CA ASN F 104 2.09 -42.08 -30.88
C ASN F 104 2.61 -43.49 -30.61
N GLU F 105 3.20 -43.72 -29.43
CA GLU F 105 3.72 -45.05 -29.12
C GLU F 105 2.60 -46.09 -29.15
N ARG F 106 1.46 -45.77 -28.52
CA ARG F 106 0.34 -46.70 -28.52
C ARG F 106 -0.20 -46.93 -29.93
N THR F 107 -0.26 -45.86 -30.74
CA THR F 107 -0.80 -45.99 -32.09
C THR F 107 0.08 -46.91 -32.94
N LEU F 108 1.39 -46.75 -32.85
CA LEU F 108 2.26 -47.66 -33.61
C LEU F 108 2.29 -49.05 -33.00
N ASP F 109 1.92 -49.19 -31.73
CA ASP F 109 1.74 -50.54 -31.19
C ASP F 109 0.47 -51.20 -31.70
N PHE F 110 -0.56 -50.40 -32.02
CA PHE F 110 -1.84 -50.96 -32.45
C PHE F 110 -1.69 -51.77 -33.73
N HIS F 111 -1.10 -51.18 -34.77
CA HIS F 111 -1.10 -51.82 -36.08
C HIS F 111 -0.12 -52.99 -36.13
N ASP F 112 1.01 -52.88 -35.44
CA ASP F 112 1.97 -53.98 -35.43
C ASP F 112 1.48 -55.18 -34.62
N SER F 113 0.39 -55.02 -33.87
CA SER F 113 -0.17 -56.10 -33.06
C SER F 113 -1.35 -56.79 -33.74
N ASN F 114 -2.21 -56.03 -34.41
CA ASN F 114 -3.39 -56.61 -35.03
C ASN F 114 -3.04 -57.55 -36.18
N VAL F 115 -2.02 -57.20 -36.97
CA VAL F 115 -1.70 -57.98 -38.16
C VAL F 115 -1.45 -59.45 -37.80
N LYS F 116 -0.87 -59.71 -36.62
CA LYS F 116 -0.64 -61.09 -36.21
C LYS F 116 -1.95 -61.84 -36.03
N ASN F 117 -2.95 -61.21 -35.42
CA ASN F 117 -4.21 -61.94 -35.19
C ASN F 117 -5.04 -62.06 -36.46
N LEU F 118 -5.08 -61.03 -37.31
CA LEU F 118 -5.72 -61.29 -38.61
C LEU F 118 -4.93 -62.30 -39.43
N TYR F 119 -3.64 -62.49 -39.16
CA TYR F 119 -2.92 -63.58 -39.81
C TYR F 119 -3.34 -64.94 -39.27
N ASP F 120 -3.44 -65.06 -37.95
CA ASP F 120 -3.66 -66.36 -37.34
C ASP F 120 -5.12 -66.78 -37.33
N LYS F 121 -6.06 -65.87 -37.59
CA LYS F 121 -7.44 -66.31 -37.76
C LYS F 121 -7.67 -66.92 -39.13
N VAL F 122 -6.69 -66.88 -40.03
CA VAL F 122 -6.80 -67.52 -41.33
C VAL F 122 -5.59 -68.44 -41.53
N ARG F 123 -4.86 -68.70 -40.45
CA ARG F 123 -3.66 -69.53 -40.52
C ARG F 123 -3.87 -70.94 -39.96
N LEU F 124 -4.30 -71.04 -38.70
CA LEU F 124 -4.27 -72.33 -38.01
C LEU F 124 -5.43 -73.24 -38.38
N GLN F 125 -6.49 -72.73 -39.01
CA GLN F 125 -7.53 -73.63 -39.52
C GLN F 125 -6.99 -74.50 -40.65
N LEU F 126 -6.10 -73.95 -41.48
CA LEU F 126 -5.51 -74.73 -42.56
C LEU F 126 -4.67 -75.88 -41.99
N ARG F 127 -4.79 -77.04 -42.62
CA ARG F 127 -4.11 -78.24 -42.14
C ARG F 127 -3.01 -78.66 -43.11
N GLN G 1 43.86 22.33 28.80
CA GLN G 1 44.14 22.78 27.44
C GLN G 1 44.61 21.63 26.57
N VAL G 2 44.93 21.94 25.32
CA VAL G 2 45.43 20.96 24.35
C VAL G 2 46.89 21.30 24.06
N GLN G 3 47.78 20.34 24.31
CA GLN G 3 49.19 20.52 24.03
C GLN G 3 49.79 19.20 23.61
N LEU G 4 50.84 19.28 22.79
CA LEU G 4 51.57 18.11 22.33
C LEU G 4 53.06 18.35 22.54
N VAL G 5 53.73 17.41 23.17
CA VAL G 5 55.16 17.50 23.46
C VAL G 5 55.86 16.34 22.75
N GLU G 6 57.11 16.59 22.33
CA GLU G 6 57.90 15.60 21.62
C GLU G 6 59.32 15.58 22.19
N SER G 7 59.89 14.38 22.29
CA SER G 7 61.23 14.19 22.82
C SER G 7 61.88 13.03 22.09
N GLY G 8 63.13 13.23 21.67
CA GLY G 8 63.78 12.21 20.87
C GLY G 8 65.28 12.37 20.88
N GLY G 9 65.92 11.72 19.91
CA GLY G 9 67.37 11.64 19.89
C GLY G 9 68.04 12.95 19.56
N GLY G 10 69.31 13.03 19.94
CA GLY G 10 70.11 14.23 19.71
C GLY G 10 71.06 14.14 18.53
N VAL G 11 71.81 13.05 18.42
CA VAL G 11 72.86 12.91 17.41
C VAL G 11 73.04 11.43 17.08
N VAL G 12 73.29 11.15 15.80
CA VAL G 12 73.45 9.78 15.32
C VAL G 12 74.41 9.80 14.14
N GLN G 13 75.23 8.75 14.03
CA GLN G 13 76.15 8.59 12.91
C GLN G 13 75.49 7.81 11.79
N PRO G 14 76.00 7.92 10.56
CA PRO G 14 75.34 7.26 9.43
C PRO G 14 75.25 5.75 9.60
N GLY G 15 74.16 5.19 9.10
CA GLY G 15 73.93 3.76 9.07
C GLY G 15 73.13 3.20 10.21
N ARG G 16 72.99 3.93 11.32
CA ARG G 16 72.33 3.43 12.50
C ARG G 16 70.84 3.80 12.48
N SER G 17 70.16 3.61 13.61
CA SER G 17 68.73 3.88 13.72
C SER G 17 68.48 4.85 14.86
N LEU G 18 67.23 5.29 14.98
CA LEU G 18 66.85 6.26 15.99
C LEU G 18 65.34 6.15 16.20
N ARG G 19 64.88 6.61 17.37
CA ARG G 19 63.47 6.57 17.73
C ARG G 19 63.04 7.92 18.30
N VAL G 20 61.86 8.38 17.88
CA VAL G 20 61.29 9.64 18.35
C VAL G 20 59.90 9.35 18.91
N SER G 21 59.44 10.25 19.78
CA SER G 21 58.17 10.07 20.46
C SER G 21 57.40 11.38 20.47
N CYS G 22 56.08 11.27 20.67
CA CYS G 22 55.20 12.44 20.71
C CYS G 22 54.00 12.08 21.58
N ALA G 23 53.91 12.69 22.75
CA ALA G 23 52.85 12.39 23.71
C ALA G 23 51.81 13.51 23.72
N ALA G 24 50.55 13.12 23.72
CA ALA G 24 49.44 14.07 23.68
C ALA G 24 48.54 13.86 24.89
N SER G 25 47.97 14.95 25.41
CA SER G 25 47.09 14.89 26.56
C SER G 25 46.25 16.14 26.59
N GLY G 26 44.92 15.98 26.67
CA GLY G 26 44.02 17.12 26.70
C GLY G 26 42.75 16.87 25.94
N PHE G 27 42.73 15.81 25.13
CA PHE G 27 41.56 15.43 24.35
C PHE G 27 41.55 13.91 24.24
N ILE G 28 40.56 13.39 23.50
CA ILE G 28 40.46 11.95 23.29
C ILE G 28 41.38 11.57 22.14
N PHE G 29 42.24 10.58 22.37
CA PHE G 29 43.32 10.28 21.43
C PHE G 29 42.96 9.17 20.46
N SER G 30 41.90 8.42 20.73
CA SER G 30 41.51 7.29 19.90
C SER G 30 40.42 7.65 18.89
N ASN G 31 40.41 8.89 18.42
CA ASN G 31 39.41 9.32 17.45
C ASN G 31 39.98 10.22 16.36
N TYR G 32 41.30 10.37 16.27
CA TYR G 32 41.90 11.36 15.38
C TYR G 32 43.06 10.74 14.62
N GLY G 33 43.32 11.28 13.42
CA GLY G 33 44.50 10.90 12.67
C GLY G 33 45.67 11.85 12.92
N MET G 34 46.87 11.35 12.69
CA MET G 34 48.08 12.08 13.01
C MET G 34 49.04 12.10 11.81
N HIS G 35 49.98 13.04 11.86
CA HIS G 35 50.87 13.31 10.74
C HIS G 35 52.30 13.52 11.25
N TRP G 36 53.25 13.51 10.32
CA TRP G 36 54.65 13.83 10.57
C TRP G 36 55.14 14.76 9.46
N VAL G 37 55.93 15.77 9.84
CA VAL G 37 56.36 16.80 8.90
C VAL G 37 57.82 17.17 9.21
N ARG G 38 58.60 17.42 8.16
CA ARG G 38 60.03 17.69 8.27
C ARG G 38 60.35 19.07 7.72
N GLN G 39 61.53 19.58 8.09
CA GLN G 39 61.97 20.89 7.63
C GLN G 39 63.49 20.92 7.69
N ALA G 40 64.14 20.90 6.53
CA ALA G 40 65.59 20.93 6.46
C ALA G 40 66.11 22.29 6.94
N PRO G 41 67.37 22.35 7.40
CA PRO G 41 67.92 23.64 7.90
C PRO G 41 68.29 24.62 6.79
N GLY G 42 67.28 25.35 6.32
CA GLY G 42 67.48 26.34 5.28
C GLY G 42 66.53 26.17 4.11
N LYS G 43 65.89 25.01 4.04
CA LYS G 43 64.95 24.67 2.97
C LYS G 43 63.53 24.80 3.51
N GLY G 44 62.56 24.39 2.70
CA GLY G 44 61.16 24.51 3.02
C GLY G 44 60.63 23.31 3.78
N LEU G 45 59.32 23.09 3.65
CA LEU G 45 58.60 22.06 4.38
C LEU G 45 58.30 20.88 3.45
N GLU G 46 58.24 19.68 4.02
CA GLU G 46 57.91 18.48 3.26
C GLU G 46 57.14 17.51 4.14
N TRP G 47 56.55 16.51 3.50
CA TRP G 47 55.60 15.61 4.13
C TRP G 47 56.19 14.21 4.20
N VAL G 48 55.87 13.46 5.27
CA VAL G 48 56.49 12.17 5.49
C VAL G 48 55.45 11.04 5.50
N ALA G 49 54.54 11.05 6.48
CA ALA G 49 53.64 9.91 6.63
C ALA G 49 52.44 10.31 7.47
N LEU G 50 51.38 9.50 7.37
CA LEU G 50 50.18 9.68 8.17
C LEU G 50 49.56 8.31 8.44
N THR G 51 48.83 8.22 9.55
CA THR G 51 48.13 7.01 9.94
C THR G 51 46.68 7.35 10.25
N TRP G 52 45.85 6.31 10.31
CA TRP G 52 44.42 6.48 10.57
C TRP G 52 44.18 6.56 12.08
N TYR G 53 42.91 6.53 12.48
CA TYR G 53 42.55 6.67 13.89
C TYR G 53 42.77 5.37 14.65
N ASP G 54 42.34 4.24 14.08
CA ASP G 54 42.51 2.96 14.76
C ASP G 54 43.87 2.35 14.46
N GLY G 55 44.35 2.48 13.22
CA GLY G 55 45.70 2.10 12.92
C GLY G 55 45.90 1.03 11.86
N ARG G 56 44.97 0.91 10.91
CA ARG G 56 45.11 -0.12 9.88
C ARG G 56 45.94 0.36 8.69
N ASN G 57 45.47 1.41 8.03
CA ASN G 57 46.10 1.85 6.79
C ASN G 57 47.21 2.87 7.07
N LYS G 58 48.22 2.87 6.21
CA LYS G 58 49.38 3.74 6.35
C LYS G 58 49.84 4.20 4.98
N TYR G 59 50.43 5.39 4.93
CA TYR G 59 50.92 5.99 3.69
C TYR G 59 52.25 6.69 3.95
N TYR G 60 53.18 6.57 3.01
CA TYR G 60 54.49 7.20 3.12
C TYR G 60 54.83 7.91 1.82
N ALA G 61 55.75 8.87 1.91
CA ALA G 61 56.22 9.59 0.74
C ALA G 61 57.20 8.72 -0.03
N ASP G 62 57.78 9.28 -1.11
CA ASP G 62 58.70 8.52 -1.95
C ASP G 62 60.15 8.66 -1.53
N SER G 63 60.50 9.69 -0.77
CA SER G 63 61.86 9.87 -0.29
C SER G 63 62.08 9.26 1.09
N VAL G 64 61.05 8.65 1.69
CA VAL G 64 61.18 7.98 2.98
C VAL G 64 60.52 6.60 2.90
N LYS G 65 60.26 6.14 1.68
CA LYS G 65 59.55 4.89 1.49
C LYS G 65 60.47 3.70 1.79
N GLY G 66 59.95 2.75 2.57
CA GLY G 66 60.66 1.53 2.88
C GLY G 66 61.59 1.61 4.08
N ARG G 67 62.09 2.81 4.39
CA ARG G 67 63.04 2.98 5.48
C ARG G 67 62.41 3.46 6.78
N PHE G 68 61.21 4.03 6.74
CA PHE G 68 60.57 4.58 7.92
C PHE G 68 59.29 3.81 8.24
N THR G 69 58.87 3.91 9.50
CA THR G 69 57.65 3.25 9.98
C THR G 69 56.96 4.13 11.02
N ILE G 70 55.66 3.89 11.20
CA ILE G 70 54.83 4.64 12.13
C ILE G 70 54.00 3.67 12.97
N SER G 71 53.60 4.13 14.14
CA SER G 71 52.82 3.29 15.05
C SER G 71 52.07 4.19 16.04
N ARG G 72 50.93 3.68 16.53
CA ARG G 72 50.03 4.47 17.37
C ARG G 72 50.26 4.23 18.86
N ASP G 73 50.07 2.99 19.32
CA ASP G 73 50.24 2.61 20.73
C ASP G 73 49.30 3.42 21.63
N ASN G 74 48.01 3.14 21.48
CA ASN G 74 46.98 3.77 22.29
C ASN G 74 47.14 3.36 23.76
N SER G 75 46.30 3.94 24.62
CA SER G 75 46.24 3.67 26.06
C SER G 75 47.46 4.18 26.80
N LYS G 76 48.44 4.69 26.06
CA LYS G 76 49.55 5.44 26.64
C LYS G 76 49.67 6.84 26.07
N ASN G 77 48.88 7.16 25.04
CA ASN G 77 48.82 8.49 24.44
C ASN G 77 50.19 8.90 23.90
N THR G 78 50.69 8.12 22.96
CA THR G 78 52.01 8.34 22.37
C THR G 78 51.92 8.15 20.86
N LEU G 79 53.03 8.44 20.19
CA LEU G 79 53.21 8.14 18.77
C LEU G 79 54.70 7.98 18.52
N TYR G 80 55.05 7.11 17.56
CA TYR G 80 56.42 6.69 17.37
C TYR G 80 56.85 6.84 15.92
N LEU G 81 58.14 7.09 15.73
CA LEU G 81 58.78 7.09 14.42
C LEU G 81 60.08 6.30 14.52
N GLN G 82 60.28 5.36 13.61
CA GLN G 82 61.48 4.53 13.58
C GLN G 82 62.17 4.73 12.24
N MET G 83 63.44 5.13 12.28
CA MET G 83 64.22 5.43 11.10
C MET G 83 65.29 4.37 10.91
N ASN G 84 65.26 3.70 9.77
CA ASN G 84 66.27 2.71 9.39
C ASN G 84 67.09 3.22 8.22
N SER G 85 68.33 2.75 8.13
CA SER G 85 69.27 3.10 7.08
C SER G 85 69.32 4.61 6.87
N LEU G 86 69.64 5.32 7.95
CA LEU G 86 69.70 6.78 7.90
C LEU G 86 70.78 7.25 6.94
N ARG G 87 70.44 8.28 6.16
CA ARG G 87 71.36 8.90 5.22
C ARG G 87 71.86 10.21 5.82
N ALA G 88 72.59 11.00 5.02
CA ALA G 88 73.18 12.24 5.50
C ALA G 88 72.28 13.45 5.33
N GLU G 89 71.35 13.41 4.38
CA GLU G 89 70.49 14.56 4.10
C GLU G 89 69.25 14.62 4.99
N ASP G 90 69.04 13.63 5.86
CA ASP G 90 67.86 13.58 6.71
C ASP G 90 67.96 14.46 7.94
N THR G 91 68.94 15.37 7.99
CA THR G 91 69.06 16.29 9.12
C THR G 91 68.01 17.38 8.99
N ALA G 92 67.11 17.46 9.95
CA ALA G 92 65.98 18.40 9.89
C ALA G 92 65.34 18.47 11.27
N VAL G 93 64.19 19.15 11.33
CA VAL G 93 63.39 19.26 12.54
C VAL G 93 62.02 18.63 12.27
N TYR G 94 61.51 17.90 13.25
CA TYR G 94 60.30 17.10 13.08
C TYR G 94 59.16 17.67 13.90
N TYR G 95 57.94 17.61 13.34
CA TYR G 95 56.75 18.18 13.95
C TYR G 95 55.63 17.15 13.95
N CYS G 96 54.80 17.18 14.99
CA CYS G 96 53.59 16.38 15.06
C CYS G 96 52.38 17.26 14.76
N ALA G 97 51.36 16.67 14.13
CA ALA G 97 50.15 17.38 13.80
C ALA G 97 48.98 16.40 13.78
N ARG G 98 47.77 16.94 13.95
CA ARG G 98 46.57 16.13 14.01
C ARG G 98 45.48 16.76 13.15
N ASP G 99 44.47 15.95 12.84
CA ASP G 99 43.37 16.39 12.00
C ASP G 99 42.48 17.36 12.75
N GLY G 100 41.59 18.02 12.00
CA GLY G 100 40.68 18.99 12.60
C GLY G 100 39.31 18.43 12.91
N PHE G 101 38.99 17.26 12.37
CA PHE G 101 37.69 16.64 12.55
C PHE G 101 37.86 15.15 12.77
N PRO G 102 36.98 14.53 13.56
CA PRO G 102 37.19 13.13 13.94
C PRO G 102 36.71 12.14 12.88
N ASN G 103 37.20 10.92 13.01
CA ASN G 103 36.71 9.75 12.29
C ASN G 103 36.80 9.94 10.77
N CYS G 104 38.04 10.03 10.30
CA CYS G 104 38.32 10.03 8.87
C CYS G 104 38.42 8.59 8.37
N ILE G 105 37.63 8.26 7.36
CA ILE G 105 37.57 6.89 6.85
C ILE G 105 37.93 6.86 5.37
N SER G 106 38.75 7.81 4.93
CA SER G 106 39.19 7.88 3.54
C SER G 106 40.63 8.37 3.50
N ALA G 107 41.30 8.09 2.38
CA ALA G 107 42.68 8.52 2.20
C ALA G 107 42.79 10.04 2.19
N THR G 108 41.97 10.69 1.37
CA THR G 108 41.89 12.14 1.30
C THR G 108 40.51 12.56 1.80
N CYS G 109 40.45 13.07 3.03
CA CYS G 109 39.19 13.36 3.69
C CYS G 109 38.70 14.78 3.46
N GLY G 110 39.59 15.73 3.22
CA GLY G 110 39.24 17.13 3.13
C GLY G 110 39.55 17.93 4.38
N TYR G 111 39.73 17.27 5.51
CA TYR G 111 40.11 17.95 6.74
C TYR G 111 41.59 18.34 6.70
N ALA G 112 41.93 19.39 7.43
CA ALA G 112 43.27 19.93 7.44
C ALA G 112 43.95 19.68 8.79
N MET G 113 45.15 20.23 8.96
CA MET G 113 45.91 20.11 10.19
C MET G 113 45.63 21.33 11.07
N ASP G 114 45.33 21.09 12.34
CA ASP G 114 44.89 22.14 13.25
C ASP G 114 45.91 22.48 14.34
N VAL G 115 46.41 21.47 15.06
CA VAL G 115 47.28 21.68 16.21
C VAL G 115 48.66 21.12 15.91
N TRP G 116 49.69 21.88 16.25
CA TRP G 116 51.07 21.53 15.98
C TRP G 116 51.87 21.46 17.28
N GLY G 117 52.95 20.69 17.25
CA GLY G 117 53.85 20.57 18.37
C GLY G 117 54.96 21.60 18.30
N GLN G 118 55.93 21.44 19.23
CA GLN G 118 57.04 22.37 19.30
C GLN G 118 58.21 21.95 18.41
N GLY G 119 58.70 20.72 18.57
CA GLY G 119 59.72 20.23 17.67
C GLY G 119 60.94 19.62 18.33
N THR G 120 61.54 18.65 17.65
CA THR G 120 62.79 18.01 18.06
C THR G 120 63.78 18.06 16.91
N THR G 121 65.07 17.96 17.25
CA THR G 121 66.14 18.07 16.28
C THR G 121 66.87 16.75 16.15
N VAL G 122 67.16 16.36 14.91
CA VAL G 122 67.89 15.12 14.60
C VAL G 122 68.98 15.46 13.60
N THR G 123 70.21 15.03 13.88
CA THR G 123 71.35 15.34 13.04
C THR G 123 72.17 14.08 12.76
N VAL G 124 72.77 14.05 11.58
CA VAL G 124 73.66 12.97 11.16
C VAL G 124 75.04 13.56 10.95
N SER G 125 76.05 12.98 11.61
CA SER G 125 77.39 13.55 11.60
C SER G 125 78.42 12.45 11.83
N SER G 126 79.67 12.77 11.51
CA SER G 126 80.80 11.88 11.70
C SER G 126 80.61 10.53 11.00
N GLN H 1 -38.78 14.56 40.41
CA GLN H 1 -37.37 14.24 40.53
C GLN H 1 -37.15 12.73 40.58
N VAL H 2 -36.05 12.32 41.21
CA VAL H 2 -35.72 10.91 41.35
C VAL H 2 -36.14 10.45 42.73
N GLN H 3 -36.99 9.42 42.78
CA GLN H 3 -37.44 8.88 44.06
C GLN H 3 -37.82 7.43 43.87
N LEU H 4 -37.78 6.68 44.98
CA LEU H 4 -38.19 5.28 45.01
C LEU H 4 -39.04 5.04 46.25
N VAL H 5 -40.12 4.29 46.08
CA VAL H 5 -41.02 3.95 47.18
C VAL H 5 -41.15 2.44 47.27
N GLU H 6 -41.40 1.95 48.48
CA GLU H 6 -41.56 0.53 48.74
C GLU H 6 -42.82 0.30 49.57
N SER H 7 -43.41 -0.89 49.41
CA SER H 7 -44.62 -1.26 50.12
C SER H 7 -44.80 -2.76 50.06
N GLY H 8 -45.39 -3.32 51.11
CA GLY H 8 -45.67 -4.74 51.13
C GLY H 8 -45.32 -5.44 52.43
N GLY H 9 -44.93 -4.67 53.44
CA GLY H 9 -44.56 -5.26 54.71
C GLY H 9 -45.76 -5.65 55.54
N GLY H 10 -45.47 -6.35 56.65
CA GLY H 10 -46.54 -6.80 57.53
C GLY H 10 -46.03 -7.79 58.54
N VAL H 11 -46.92 -8.69 58.96
CA VAL H 11 -46.62 -9.71 59.95
C VAL H 11 -46.88 -11.08 59.31
N VAL H 12 -45.91 -11.98 59.43
CA VAL H 12 -45.99 -13.31 58.83
C VAL H 12 -45.39 -14.33 59.78
N GLN H 13 -46.08 -15.45 59.92
CA GLN H 13 -45.65 -16.55 60.77
C GLN H 13 -44.71 -17.48 60.03
N PRO H 14 -43.90 -18.27 60.74
CA PRO H 14 -42.89 -19.10 60.07
C PRO H 14 -43.49 -20.09 59.09
N GLY H 15 -42.73 -20.38 58.04
CA GLY H 15 -43.08 -21.37 57.05
C GLY H 15 -43.79 -20.84 55.82
N ARG H 16 -44.36 -19.64 55.89
CA ARG H 16 -45.14 -19.09 54.80
C ARG H 16 -44.26 -18.25 53.88
N SER H 17 -44.88 -17.48 52.99
CA SER H 17 -44.17 -16.67 52.02
C SER H 17 -44.69 -15.24 52.06
N LEU H 18 -44.01 -14.35 51.34
CA LEU H 18 -44.33 -12.94 51.34
C LEU H 18 -43.70 -12.28 50.13
N ARG H 19 -44.34 -11.22 49.64
CA ARG H 19 -43.87 -10.49 48.46
C ARG H 19 -43.72 -9.01 48.78
N VAL H 20 -42.64 -8.41 48.28
CA VAL H 20 -42.35 -7.00 48.49
C VAL H 20 -42.18 -6.34 47.12
N SER H 21 -42.36 -5.03 47.09
CA SER H 21 -42.34 -4.27 45.85
C SER H 21 -41.48 -3.02 46.01
N CYS H 22 -41.10 -2.45 44.86
CA CYS H 22 -40.28 -1.24 44.83
C CYS H 22 -40.52 -0.57 43.48
N ALA H 23 -41.16 0.59 43.50
CA ALA H 23 -41.55 1.30 42.29
C ALA H 23 -40.72 2.56 42.11
N ALA H 24 -40.46 2.91 40.85
CA ALA H 24 -39.61 4.04 40.51
C ALA H 24 -40.31 4.96 39.53
N SER H 25 -39.90 6.23 39.56
CA SER H 25 -40.45 7.24 38.66
C SER H 25 -39.40 8.32 38.48
N GLY H 26 -38.97 8.53 37.24
CA GLY H 26 -37.85 9.43 36.99
C GLY H 26 -36.97 8.96 35.85
N PHE H 27 -35.70 8.72 36.18
CA PHE H 27 -34.73 8.17 35.23
C PHE H 27 -35.30 6.97 34.50
N ILE H 28 -34.78 6.74 33.28
CA ILE H 28 -35.17 5.55 32.54
C ILE H 28 -34.79 4.31 33.32
N PHE H 29 -35.73 3.37 33.42
CA PHE H 29 -35.58 2.23 34.30
C PHE H 29 -34.93 1.03 33.62
N SER H 30 -34.93 0.97 32.29
CA SER H 30 -34.44 -0.18 31.55
C SER H 30 -32.97 -0.03 31.15
N ASN H 31 -32.18 0.71 31.93
CA ASN H 31 -30.77 0.86 31.64
C ASN H 31 -29.89 0.82 32.88
N TYR H 32 -30.39 0.29 34.00
CA TYR H 32 -29.68 0.35 35.27
C TYR H 32 -29.84 -0.98 36.02
N GLY H 33 -28.83 -1.33 36.81
CA GLY H 33 -28.94 -2.46 37.71
C GLY H 33 -29.59 -2.08 39.03
N MET H 34 -30.00 -3.10 39.78
CA MET H 34 -30.70 -2.88 41.04
C MET H 34 -30.20 -3.87 42.09
N HIS H 35 -30.35 -3.48 43.35
CA HIS H 35 -29.83 -4.25 44.49
C HIS H 35 -30.89 -4.35 45.57
N TRP H 36 -30.67 -5.26 46.52
CA TRP H 36 -31.45 -5.37 47.75
C TRP H 36 -30.50 -5.47 48.94
N VAL H 37 -30.87 -4.83 50.04
CA VAL H 37 -30.04 -4.76 51.25
C VAL H 37 -30.93 -4.86 52.48
N ARG H 38 -30.49 -5.61 53.48
CA ARG H 38 -31.21 -5.75 54.74
C ARG H 38 -30.43 -5.11 55.88
N GLN H 39 -31.11 -4.97 57.03
CA GLN H 39 -30.50 -4.47 58.25
C GLN H 39 -31.28 -5.03 59.43
N ALA H 40 -30.69 -5.98 60.14
CA ALA H 40 -31.35 -6.56 61.30
C ALA H 40 -31.44 -5.52 62.43
N PRO H 41 -32.44 -5.64 63.32
CA PRO H 41 -32.56 -4.66 64.40
C PRO H 41 -31.46 -4.78 65.44
N GLY H 42 -30.58 -3.77 65.48
CA GLY H 42 -29.45 -3.76 66.38
C GLY H 42 -28.14 -4.20 65.75
N LYS H 43 -28.18 -4.81 64.57
CA LYS H 43 -27.00 -5.29 63.87
C LYS H 43 -26.68 -4.37 62.69
N GLY H 44 -25.69 -4.76 61.90
CA GLY H 44 -25.22 -3.99 60.78
C GLY H 44 -25.93 -4.32 59.48
N LEU H 45 -25.28 -3.94 58.38
CA LEU H 45 -25.85 -4.11 57.05
C LEU H 45 -25.38 -5.40 56.41
N GLU H 46 -26.13 -5.86 55.41
CA GLU H 46 -25.83 -7.09 54.70
C GLU H 46 -26.35 -6.98 53.27
N TRP H 47 -25.87 -7.87 52.42
CA TRP H 47 -26.13 -7.84 50.98
C TRP H 47 -26.84 -9.12 50.57
N VAL H 48 -27.80 -9.00 49.64
CA VAL H 48 -28.67 -10.12 49.31
C VAL H 48 -28.59 -10.50 47.83
N ALA H 49 -29.00 -9.61 46.94
CA ALA H 49 -29.19 -9.98 45.54
C ALA H 49 -28.83 -8.84 44.61
N LEU H 50 -28.59 -9.21 43.35
CA LEU H 50 -28.23 -8.27 42.30
C LEU H 50 -28.77 -8.80 40.98
N THR H 51 -29.30 -7.90 40.16
CA THR H 51 -29.78 -8.25 38.82
C THR H 51 -29.20 -7.28 37.80
N TRP H 52 -29.13 -7.73 36.55
CA TRP H 52 -28.59 -6.92 35.48
C TRP H 52 -29.64 -5.95 34.97
N TYR H 53 -29.36 -5.27 33.87
CA TYR H 53 -30.30 -4.29 33.32
C TYR H 53 -31.43 -4.99 32.57
N ASP H 54 -31.09 -5.87 31.62
CA ASP H 54 -32.11 -6.61 30.89
C ASP H 54 -32.76 -7.66 31.78
N GLY H 55 -31.94 -8.45 32.50
CA GLY H 55 -32.49 -9.41 33.42
C GLY H 55 -31.99 -10.84 33.28
N ARG H 56 -30.87 -11.03 32.59
CA ARG H 56 -30.39 -12.38 32.30
C ARG H 56 -29.75 -13.04 33.52
N ASN H 57 -28.66 -12.47 34.01
CA ASN H 57 -27.92 -13.11 35.09
C ASN H 57 -28.33 -12.57 36.45
N LYS H 58 -28.24 -13.42 37.46
CA LYS H 58 -28.64 -13.08 38.82
C LYS H 58 -27.65 -13.68 39.80
N TYR H 59 -27.50 -13.03 40.96
CA TYR H 59 -26.56 -13.46 41.98
C TYR H 59 -27.20 -13.35 43.36
N TYR H 60 -26.93 -14.33 44.23
CA TYR H 60 -27.46 -14.35 45.57
C TYR H 60 -26.34 -14.68 46.56
N ALA H 61 -26.57 -14.29 47.82
CA ALA H 61 -25.60 -14.54 48.89
C ALA H 61 -25.69 -15.99 49.34
N ASP H 62 -24.97 -16.33 50.41
CA ASP H 62 -24.92 -17.70 50.91
C ASP H 62 -25.95 -18.00 51.99
N SER H 63 -26.30 -17.02 52.82
CA SER H 63 -27.40 -17.16 53.77
C SER H 63 -28.76 -16.95 53.11
N VAL H 64 -28.77 -16.77 51.79
CA VAL H 64 -29.98 -16.55 51.02
C VAL H 64 -30.07 -17.50 49.83
N LYS H 65 -29.03 -18.28 49.56
CA LYS H 65 -28.93 -19.04 48.32
C LYS H 65 -30.06 -20.05 48.19
N GLY H 66 -30.65 -20.09 47.00
CA GLY H 66 -31.67 -21.07 46.68
C GLY H 66 -32.96 -20.95 47.45
N ARG H 67 -33.24 -19.78 48.03
CA ARG H 67 -34.45 -19.60 48.82
C ARG H 67 -35.24 -18.34 48.48
N PHE H 68 -34.59 -17.29 47.97
CA PHE H 68 -35.30 -16.10 47.53
C PHE H 68 -35.10 -15.92 46.03
N THR H 69 -35.88 -15.01 45.45
CA THR H 69 -35.82 -14.71 44.01
C THR H 69 -36.02 -13.23 43.77
N ILE H 70 -35.57 -12.77 42.60
CA ILE H 70 -35.63 -11.37 42.21
C ILE H 70 -36.01 -11.29 40.74
N SER H 71 -36.89 -10.34 40.41
CA SER H 71 -37.34 -10.16 39.02
C SER H 71 -37.63 -8.69 38.77
N ARG H 72 -37.55 -8.28 37.51
CA ARG H 72 -37.68 -6.88 37.11
C ARG H 72 -39.09 -6.52 36.68
N ASP H 73 -39.60 -7.15 35.61
CA ASP H 73 -40.92 -6.86 35.07
C ASP H 73 -41.04 -5.39 34.66
N ASN H 74 -40.27 -5.04 33.62
CA ASN H 74 -40.26 -3.68 33.08
C ASN H 74 -41.63 -3.27 32.53
N SER H 75 -41.73 -2.03 32.05
CA SER H 75 -42.92 -1.39 31.49
C SER H 75 -43.93 -1.01 32.56
N LYS H 76 -43.71 -1.39 33.82
CA LYS H 76 -44.50 -0.87 34.93
C LYS H 76 -43.62 -0.27 36.01
N ASN H 77 -42.29 -0.30 35.86
CA ASN H 77 -41.34 0.34 36.76
C ASN H 77 -41.49 -0.18 38.19
N THR H 78 -41.21 -1.47 38.34
CA THR H 78 -41.32 -2.14 39.63
C THR H 78 -40.18 -3.14 39.78
N LEU H 79 -39.94 -3.55 41.03
CA LEU H 79 -39.04 -4.65 41.34
C LEU H 79 -39.70 -5.54 42.40
N TYR H 80 -39.35 -6.82 42.40
CA TYR H 80 -40.01 -7.80 43.25
C TYR H 80 -38.98 -8.62 44.01
N LEU H 81 -39.44 -9.18 45.13
CA LEU H 81 -38.65 -10.13 45.92
C LEU H 81 -39.61 -11.14 46.53
N GLN H 82 -39.48 -12.40 46.12
CA GLN H 82 -40.29 -13.49 46.64
C GLN H 82 -39.51 -14.24 47.70
N MET H 83 -40.05 -14.30 48.92
CA MET H 83 -39.36 -14.90 50.05
C MET H 83 -40.11 -16.15 50.48
N ASN H 84 -39.45 -17.30 50.36
CA ASN H 84 -39.98 -18.58 50.81
C ASN H 84 -39.22 -19.06 52.04
N SER H 85 -39.81 -20.03 52.73
CA SER H 85 -39.17 -20.69 53.87
C SER H 85 -38.69 -19.69 54.91
N LEU H 86 -39.58 -18.79 55.29
CA LEU H 86 -39.21 -17.71 56.20
C LEU H 86 -38.88 -18.25 57.58
N ARG H 87 -37.64 -18.05 58.02
CA ARG H 87 -37.19 -18.45 59.34
C ARG H 87 -37.39 -17.28 60.32
N ALA H 88 -36.78 -17.39 61.50
CA ALA H 88 -36.96 -16.39 62.54
C ALA H 88 -35.93 -15.27 62.51
N GLU H 89 -34.72 -15.54 61.99
CA GLU H 89 -33.66 -14.54 61.99
C GLU H 89 -33.78 -13.54 60.86
N ASP H 90 -34.69 -13.75 59.90
CA ASP H 90 -34.83 -12.87 58.75
C ASP H 90 -35.61 -11.60 59.04
N THR H 91 -35.84 -11.27 60.31
CA THR H 91 -36.53 -10.03 60.65
C THR H 91 -35.57 -8.85 60.49
N ALA H 92 -35.91 -7.91 59.62
CA ALA H 92 -35.03 -6.79 59.31
C ALA H 92 -35.83 -5.74 58.55
N VAL H 93 -35.14 -4.74 58.04
CA VAL H 93 -35.71 -3.73 57.14
C VAL H 93 -35.02 -3.86 55.79
N TYR H 94 -35.74 -3.53 54.73
CA TYR H 94 -35.27 -3.79 53.37
C TYR H 94 -35.19 -2.49 52.57
N TYR H 95 -34.17 -2.40 51.71
CA TYR H 95 -33.88 -1.19 50.96
C TYR H 95 -33.62 -1.54 49.51
N CYS H 96 -33.99 -0.63 48.61
CA CYS H 96 -33.61 -0.71 47.20
C CYS H 96 -32.53 0.31 46.89
N ALA H 97 -31.70 -0.01 45.90
CA ALA H 97 -30.61 0.87 45.50
C ALA H 97 -30.20 0.55 44.07
N ARG H 98 -29.97 1.59 43.28
CA ARG H 98 -29.57 1.45 41.89
C ARG H 98 -28.10 1.80 41.71
N ASP H 99 -27.56 1.42 40.56
CA ASP H 99 -26.17 1.71 40.25
C ASP H 99 -26.00 3.20 39.92
N GLY H 100 -24.75 3.60 39.69
CA GLY H 100 -24.45 4.99 39.43
C GLY H 100 -24.11 5.30 37.99
N PHE H 101 -23.92 4.27 37.17
CA PHE H 101 -23.63 4.45 35.76
C PHE H 101 -24.36 3.38 34.96
N PRO H 102 -24.74 3.70 33.72
CA PRO H 102 -25.63 2.80 32.97
C PRO H 102 -24.89 1.66 32.29
N ASN H 103 -25.66 0.62 31.99
CA ASN H 103 -25.26 -0.49 31.13
C ASN H 103 -24.00 -1.20 31.65
N CYS H 104 -24.17 -1.82 32.81
CA CYS H 104 -23.13 -2.69 33.36
C CYS H 104 -23.27 -4.08 32.74
N ILE H 105 -22.21 -4.56 32.10
CA ILE H 105 -22.22 -5.84 31.42
C ILE H 105 -21.23 -6.81 32.04
N SER H 106 -20.84 -6.60 33.29
CA SER H 106 -19.93 -7.48 34.01
C SER H 106 -20.48 -7.75 35.40
N ALA H 107 -19.87 -8.74 36.07
CA ALA H 107 -20.31 -9.09 37.42
C ALA H 107 -19.93 -7.99 38.42
N THR H 108 -18.64 -7.69 38.51
CA THR H 108 -18.14 -6.61 39.36
C THR H 108 -17.68 -5.49 38.45
N CYS H 109 -18.58 -4.53 38.21
CA CYS H 109 -18.34 -3.47 37.22
C CYS H 109 -17.42 -2.38 37.73
N GLY H 110 -17.45 -2.10 39.03
CA GLY H 110 -16.74 -0.97 39.59
C GLY H 110 -17.63 0.22 39.91
N TYR H 111 -18.87 0.23 39.44
CA TYR H 111 -19.81 1.28 39.81
C TYR H 111 -20.36 1.03 41.20
N ALA H 112 -20.94 2.06 41.79
CA ALA H 112 -21.45 2.00 43.15
C ALA H 112 -22.94 2.34 43.18
N MET H 113 -23.49 2.41 44.39
CA MET H 113 -24.90 2.74 44.60
C MET H 113 -25.04 4.21 44.92
N ASP H 114 -25.97 4.88 44.24
CA ASP H 114 -26.13 6.33 44.35
C ASP H 114 -27.45 6.73 45.02
N VAL H 115 -28.57 6.21 44.55
CA VAL H 115 -29.89 6.61 45.04
C VAL H 115 -30.47 5.47 45.85
N TRP H 116 -30.96 5.78 47.04
CA TRP H 116 -31.49 4.80 47.98
C TRP H 116 -32.98 5.02 48.19
N GLY H 117 -33.66 3.99 48.69
CA GLY H 117 -35.06 4.05 49.00
C GLY H 117 -35.31 4.60 50.38
N GLN H 118 -36.44 4.21 50.96
CA GLN H 118 -36.84 4.66 52.29
C GLN H 118 -36.93 3.53 53.30
N GLY H 119 -37.59 2.43 52.96
CA GLY H 119 -37.60 1.27 53.83
C GLY H 119 -38.96 0.68 54.15
N THR H 120 -39.04 -0.64 54.21
CA THR H 120 -40.23 -1.36 54.63
C THR H 120 -39.82 -2.45 55.61
N THR H 121 -40.66 -2.67 56.62
CA THR H 121 -40.36 -3.61 57.69
C THR H 121 -41.08 -4.93 57.48
N VAL H 122 -40.38 -6.02 57.78
CA VAL H 122 -40.91 -7.38 57.69
C VAL H 122 -40.53 -8.12 58.96
N THR H 123 -41.51 -8.77 59.59
CA THR H 123 -41.29 -9.43 60.86
C THR H 123 -41.87 -10.84 60.84
N VAL H 124 -41.25 -11.71 61.64
CA VAL H 124 -41.72 -13.08 61.84
C VAL H 124 -42.08 -13.25 63.31
N SER H 125 -43.29 -13.74 63.57
CA SER H 125 -43.82 -13.77 64.92
C SER H 125 -44.81 -14.91 65.05
N SER H 126 -45.13 -15.25 66.30
CA SER H 126 -46.11 -16.28 66.65
C SER H 126 -45.78 -17.63 66.01
N GLN I 1 -8.32 47.45 -30.63
CA GLN I 1 -9.68 47.08 -30.23
C GLN I 1 -10.16 45.84 -30.98
N VAL I 2 -11.42 45.48 -30.74
CA VAL I 2 -12.05 44.34 -31.40
C VAL I 2 -13.13 44.88 -32.33
N GLN I 3 -13.05 44.51 -33.61
CA GLN I 3 -14.02 44.97 -34.59
C GLN I 3 -14.15 43.92 -35.69
N LEU I 4 -15.30 43.95 -36.36
CA LEU I 4 -15.60 43.06 -37.48
C LEU I 4 -16.24 43.87 -38.59
N VAL I 5 -15.77 43.67 -39.81
CA VAL I 5 -16.29 44.38 -40.98
C VAL I 5 -16.68 43.35 -42.03
N GLU I 6 -17.77 43.63 -42.74
CA GLU I 6 -18.27 42.74 -43.78
C GLU I 6 -18.56 43.52 -45.05
N SER I 7 -18.39 42.86 -46.18
CA SER I 7 -18.61 43.48 -47.48
C SER I 7 -18.85 42.39 -48.52
N GLY I 8 -19.56 42.76 -49.59
CA GLY I 8 -19.84 41.82 -50.65
C GLY I 8 -21.29 41.80 -51.10
N GLY I 9 -22.07 42.78 -50.68
CA GLY I 9 -23.47 42.83 -51.04
C GLY I 9 -23.70 43.41 -52.42
N GLY I 10 -24.96 43.32 -52.86
CA GLY I 10 -25.32 43.83 -54.17
C GLY I 10 -26.72 43.38 -54.55
N VAL I 11 -26.98 43.39 -55.86
CA VAL I 11 -28.26 43.00 -56.41
C VAL I 11 -28.06 41.80 -57.33
N VAL I 12 -28.83 40.75 -57.12
CA VAL I 12 -28.72 39.50 -57.89
C VAL I 12 -30.12 39.01 -58.22
N GLN I 13 -30.35 38.65 -59.47
CA GLN I 13 -31.61 38.12 -59.92
C GLN I 13 -31.77 36.66 -59.49
N PRO I 14 -32.98 36.12 -59.53
CA PRO I 14 -33.18 34.72 -59.13
C PRO I 14 -32.29 33.76 -59.92
N GLY I 15 -31.86 32.70 -59.25
CA GLY I 15 -30.83 31.84 -59.78
C GLY I 15 -29.45 32.35 -59.42
N ARG I 16 -28.44 31.72 -60.03
CA ARG I 16 -27.04 32.10 -59.85
C ARG I 16 -26.60 31.97 -58.40
N SER I 17 -25.56 32.69 -58.00
CA SER I 17 -24.97 32.54 -56.67
C SER I 17 -24.42 33.88 -56.21
N LEU I 18 -23.85 33.87 -55.00
CA LEU I 18 -23.28 35.06 -54.39
C LEU I 18 -22.31 34.63 -53.30
N ARG I 19 -21.49 35.58 -52.84
CA ARG I 19 -20.52 35.31 -51.79
C ARG I 19 -20.34 36.57 -50.93
N VAL I 20 -20.32 36.37 -49.61
CA VAL I 20 -20.15 37.44 -48.64
C VAL I 20 -18.98 37.07 -47.74
N SER I 21 -18.35 38.09 -47.16
CA SER I 21 -17.16 37.86 -46.33
C SER I 21 -17.18 38.76 -45.10
N CYS I 22 -16.71 38.22 -43.98
CA CYS I 22 -16.45 38.97 -42.76
C CYS I 22 -14.98 38.83 -42.40
N ALA I 23 -14.34 39.94 -42.05
CA ALA I 23 -12.93 39.97 -41.71
C ALA I 23 -12.77 40.51 -40.29
N ALA I 24 -11.88 39.88 -39.52
CA ALA I 24 -11.71 40.21 -38.12
C ALA I 24 -10.24 40.52 -37.82
N SER I 25 -10.03 41.35 -36.80
CA SER I 25 -8.68 41.74 -36.39
C SER I 25 -8.76 42.28 -34.97
N GLY I 26 -7.99 41.68 -34.05
CA GLY I 26 -7.98 42.13 -32.68
C GLY I 26 -7.90 41.01 -31.67
N PHE I 27 -8.12 39.78 -32.12
CA PHE I 27 -8.11 38.62 -31.25
C PHE I 27 -7.69 37.41 -32.07
N ILE I 28 -7.31 36.34 -31.36
CA ILE I 28 -6.93 35.10 -32.01
C ILE I 28 -8.15 34.52 -32.71
N PHE I 29 -8.11 34.50 -34.05
CA PHE I 29 -9.23 34.03 -34.84
C PHE I 29 -9.36 32.51 -34.89
N SER I 30 -8.33 31.78 -34.47
CA SER I 30 -8.32 30.32 -34.56
C SER I 30 -8.64 29.65 -33.23
N ASN I 31 -9.49 30.28 -32.41
CA ASN I 31 -9.88 29.70 -31.14
C ASN I 31 -11.36 29.90 -30.83
N TYR I 32 -12.16 30.36 -31.79
CA TYR I 32 -13.53 30.77 -31.52
C TYR I 32 -14.46 30.23 -32.61
N GLY I 33 -15.72 30.00 -32.23
CA GLY I 33 -16.74 29.67 -33.20
C GLY I 33 -17.45 30.92 -33.72
N MET I 34 -18.05 30.79 -34.90
CA MET I 34 -18.71 31.92 -35.55
C MET I 34 -20.07 31.49 -36.07
N HIS I 35 -20.98 32.45 -36.16
CA HIS I 35 -22.36 32.20 -36.57
C HIS I 35 -22.79 33.23 -37.62
N TRP I 36 -23.90 32.94 -38.29
CA TRP I 36 -24.57 33.85 -39.20
C TRP I 36 -26.01 34.06 -38.77
N VAL I 37 -26.50 35.29 -38.95
CA VAL I 37 -27.85 35.68 -38.55
C VAL I 37 -28.43 36.58 -39.63
N ARG I 38 -29.69 36.36 -39.97
CA ARG I 38 -30.37 37.09 -41.04
C ARG I 38 -31.65 37.73 -40.53
N GLN I 39 -31.91 38.96 -40.98
CA GLN I 39 -33.09 39.73 -40.57
C GLN I 39 -33.79 40.28 -41.79
N ALA I 40 -34.97 39.75 -42.11
CA ALA I 40 -35.74 40.24 -43.24
C ALA I 40 -36.33 41.62 -42.92
N PRO I 41 -36.61 42.42 -43.96
CA PRO I 41 -37.20 43.75 -43.71
C PRO I 41 -38.65 43.63 -43.28
N GLY I 42 -39.00 44.31 -42.20
CA GLY I 42 -40.33 44.25 -41.65
C GLY I 42 -40.60 43.04 -40.77
N LYS I 43 -39.62 42.15 -40.59
CA LYS I 43 -39.80 40.96 -39.78
C LYS I 43 -38.72 40.87 -38.71
N GLY I 44 -38.65 39.73 -38.03
CA GLY I 44 -37.77 39.53 -36.90
C GLY I 44 -36.44 38.89 -37.29
N LEU I 45 -35.82 38.25 -36.30
CA LEU I 45 -34.50 37.65 -36.44
C LEU I 45 -34.62 36.14 -36.57
N GLU I 46 -33.65 35.53 -37.25
CA GLU I 46 -33.60 34.08 -37.38
C GLU I 46 -32.15 33.63 -37.50
N TRP I 47 -31.95 32.31 -37.50
CA TRP I 47 -30.64 31.69 -37.37
C TRP I 47 -30.34 30.84 -38.60
N VAL I 48 -29.08 30.81 -39.01
CA VAL I 48 -28.72 30.17 -40.27
C VAL I 48 -27.68 29.05 -40.10
N ALA I 49 -26.49 29.39 -39.65
CA ALA I 49 -25.36 28.45 -39.71
C ALA I 49 -24.51 28.55 -38.45
N LEU I 50 -23.64 27.55 -38.28
CA LEU I 50 -22.73 27.47 -37.14
C LEU I 50 -21.56 26.59 -37.54
N THR I 51 -20.34 27.01 -37.18
CA THR I 51 -19.13 26.24 -37.43
C THR I 51 -18.29 26.21 -36.16
N TRP I 52 -17.32 25.29 -36.14
CA TRP I 52 -16.47 25.09 -34.98
C TRP I 52 -15.22 25.96 -35.09
N TYR I 53 -14.30 25.78 -34.15
CA TYR I 53 -13.08 26.60 -34.13
C TYR I 53 -12.10 26.16 -35.21
N ASP I 54 -12.00 24.85 -35.46
CA ASP I 54 -11.08 24.38 -36.49
C ASP I 54 -11.79 24.18 -37.82
N GLY I 55 -12.99 23.61 -37.82
CA GLY I 55 -13.76 23.53 -39.04
C GLY I 55 -14.33 22.16 -39.38
N ARG I 56 -14.35 21.22 -38.43
CA ARG I 56 -14.79 19.87 -38.75
C ARG I 56 -16.30 19.80 -38.89
N ASN I 57 -17.03 20.09 -37.81
CA ASN I 57 -18.48 19.91 -37.78
C ASN I 57 -19.19 21.19 -38.19
N LYS I 58 -20.37 21.02 -38.78
CA LYS I 58 -21.16 22.14 -39.28
C LYS I 58 -22.64 21.82 -39.12
N TYR I 59 -23.45 22.88 -38.96
CA TYR I 59 -24.88 22.74 -38.75
C TYR I 59 -25.62 23.83 -39.51
N TYR I 60 -26.78 23.47 -40.06
CA TYR I 60 -27.61 24.40 -40.83
C TYR I 60 -29.06 24.28 -40.39
N ALA I 61 -29.82 25.35 -40.61
CA ALA I 61 -31.24 25.35 -40.31
C ALA I 61 -32.00 24.59 -41.40
N ASP I 62 -33.32 24.45 -41.20
CA ASP I 62 -34.16 23.68 -42.12
C ASP I 62 -34.70 24.52 -43.27
N SER I 63 -34.43 25.83 -43.29
CA SER I 63 -34.85 26.67 -44.40
C SER I 63 -33.72 27.02 -45.35
N VAL I 64 -32.48 26.68 -45.01
CA VAL I 64 -31.33 26.88 -45.89
C VAL I 64 -30.55 25.59 -45.98
N LYS I 65 -31.20 24.46 -45.69
CA LYS I 65 -30.51 23.18 -45.62
C LYS I 65 -30.15 22.68 -47.01
N GLY I 66 -28.90 22.25 -47.19
CA GLY I 66 -28.46 21.63 -48.41
C GLY I 66 -28.24 22.61 -49.55
N ARG I 67 -28.58 23.87 -49.31
CA ARG I 67 -28.51 24.91 -50.32
C ARG I 67 -27.48 25.99 -50.00
N PHE I 68 -27.01 26.05 -48.76
CA PHE I 68 -26.00 27.01 -48.34
C PHE I 68 -24.74 26.28 -47.87
N THR I 69 -23.63 27.00 -47.84
CA THR I 69 -22.37 26.46 -47.34
C THR I 69 -21.62 27.53 -46.56
N ILE I 70 -20.88 27.08 -45.54
CA ILE I 70 -20.11 27.96 -44.67
C ILE I 70 -18.72 27.35 -44.49
N SER I 71 -17.69 28.20 -44.58
CA SER I 71 -16.32 27.74 -44.43
C SER I 71 -15.44 28.86 -43.89
N ARG I 72 -14.36 28.46 -43.23
CA ARG I 72 -13.38 29.39 -42.68
C ARG I 72 -12.11 29.40 -43.52
N ASP I 73 -11.21 30.30 -43.17
CA ASP I 73 -9.86 30.30 -43.75
C ASP I 73 -8.96 31.08 -42.82
N ASN I 74 -8.04 30.38 -42.14
CA ASN I 74 -7.08 31.03 -41.27
C ASN I 74 -5.96 31.66 -42.10
N SER I 75 -5.05 32.34 -41.40
CA SER I 75 -3.89 33.00 -42.00
C SER I 75 -4.31 34.21 -42.83
N LYS I 76 -5.62 34.41 -42.97
CA LYS I 76 -6.17 35.62 -43.59
C LYS I 76 -7.32 36.22 -42.80
N ASN I 77 -7.86 35.51 -41.82
CA ASN I 77 -8.93 36.01 -40.94
C ASN I 77 -10.17 36.41 -41.75
N THR I 78 -10.75 35.41 -42.41
CA THR I 78 -11.94 35.63 -43.23
C THR I 78 -12.94 34.50 -43.01
N LEU I 79 -14.21 34.81 -43.20
CA LEU I 79 -15.29 33.84 -43.20
C LEU I 79 -16.14 34.05 -44.44
N TYR I 80 -16.64 32.96 -45.02
CA TYR I 80 -17.36 33.02 -46.28
C TYR I 80 -18.71 32.34 -46.17
N LEU I 81 -19.65 32.80 -46.99
CA LEU I 81 -20.95 32.16 -47.15
C LEU I 81 -21.30 32.14 -48.63
N GLN I 82 -21.63 30.95 -49.13
CA GLN I 82 -21.98 30.76 -50.54
C GLN I 82 -23.44 30.39 -50.65
N MET I 83 -24.19 31.16 -51.45
CA MET I 83 -25.63 31.01 -51.57
C MET I 83 -25.97 30.51 -52.97
N ASN I 84 -26.46 29.28 -53.07
CA ASN I 84 -26.95 28.74 -54.32
C ASN I 84 -28.47 28.77 -54.35
N SER I 85 -29.03 28.57 -55.54
CA SER I 85 -30.48 28.42 -55.74
C SER I 85 -31.26 29.52 -55.03
N LEU I 86 -30.91 30.77 -55.32
CA LEU I 86 -31.50 31.89 -54.62
C LEU I 86 -32.97 32.04 -54.97
N ARG I 87 -33.83 32.08 -53.95
CA ARG I 87 -35.24 32.38 -54.13
C ARG I 87 -35.47 33.88 -53.96
N ALA I 88 -36.74 34.28 -53.81
CA ALA I 88 -37.09 35.69 -53.70
C ALA I 88 -37.25 36.16 -52.26
N GLU I 89 -37.40 35.23 -51.31
CA GLU I 89 -37.63 35.59 -49.91
C GLU I 89 -36.35 35.74 -49.10
N ASP I 90 -35.18 35.58 -49.73
CA ASP I 90 -33.90 35.73 -49.05
C ASP I 90 -33.38 37.16 -49.06
N THR I 91 -34.25 38.14 -49.31
CA THR I 91 -33.86 39.54 -49.29
C THR I 91 -33.83 40.01 -47.85
N ALA I 92 -32.65 40.31 -47.33
CA ALA I 92 -32.50 40.66 -45.92
C ALA I 92 -31.11 41.24 -45.68
N VAL I 93 -30.77 41.41 -44.40
CA VAL I 93 -29.48 41.90 -43.96
C VAL I 93 -28.79 40.79 -43.16
N TYR I 94 -27.48 40.65 -43.34
CA TYR I 94 -26.73 39.55 -42.77
C TYR I 94 -25.71 40.04 -41.76
N TYR I 95 -25.54 39.28 -40.67
CA TYR I 95 -24.63 39.61 -39.58
C TYR I 95 -23.70 38.44 -39.31
N CYS I 96 -22.52 38.74 -38.76
CA CYS I 96 -21.59 37.73 -38.28
C CYS I 96 -21.21 38.02 -36.84
N ALA I 97 -21.30 36.99 -35.99
CA ALA I 97 -21.02 37.14 -34.56
C ALA I 97 -20.27 35.91 -34.08
N ARG I 98 -19.51 36.10 -33.00
CA ARG I 98 -18.65 35.05 -32.45
C ARG I 98 -19.17 34.60 -31.09
N ASP I 99 -18.52 33.58 -30.55
CA ASP I 99 -18.84 33.07 -29.22
C ASP I 99 -18.22 33.95 -28.14
N GLY I 100 -18.59 33.69 -26.90
CA GLY I 100 -18.09 34.47 -25.79
C GLY I 100 -17.00 33.79 -24.98
N PHE I 101 -16.75 32.52 -25.27
CA PHE I 101 -15.74 31.75 -24.56
C PHE I 101 -15.05 30.82 -25.53
N PRO I 102 -13.78 30.49 -25.31
CA PRO I 102 -13.02 29.74 -26.31
C PRO I 102 -13.23 28.23 -26.22
N ASN I 103 -12.95 27.57 -27.35
CA ASN I 103 -12.83 26.12 -27.44
C ASN I 103 -14.13 25.42 -27.02
N CYS I 104 -15.16 25.65 -27.82
CA CYS I 104 -16.39 24.87 -27.71
C CYS I 104 -16.23 23.56 -28.47
N ILE I 105 -16.34 22.44 -27.76
CA ILE I 105 -16.15 21.13 -28.37
C ILE I 105 -17.43 20.33 -28.30
N SER I 106 -18.58 21.01 -28.34
CA SER I 106 -19.87 20.36 -28.34
C SER I 106 -20.84 21.18 -29.19
N ALA I 107 -22.00 20.60 -29.49
CA ALA I 107 -22.98 21.29 -30.33
C ALA I 107 -23.60 22.47 -29.60
N THR I 108 -24.05 22.24 -28.37
CA THR I 108 -24.68 23.28 -27.54
C THR I 108 -23.91 23.35 -26.23
N CYS I 109 -22.89 24.21 -26.19
CA CYS I 109 -21.97 24.27 -25.06
C CYS I 109 -22.32 25.36 -24.06
N GLY I 110 -23.40 26.09 -24.28
CA GLY I 110 -23.88 27.06 -23.30
C GLY I 110 -23.34 28.46 -23.44
N TYR I 111 -22.34 28.69 -24.27
CA TYR I 111 -21.82 30.04 -24.48
C TYR I 111 -22.74 30.80 -25.43
N ALA I 112 -22.70 32.12 -25.32
CA ALA I 112 -23.56 33.00 -26.09
C ALA I 112 -22.74 33.84 -27.08
N MET I 113 -23.41 34.76 -27.75
CA MET I 113 -22.78 35.66 -28.72
C MET I 113 -22.47 36.99 -28.04
N ASP I 114 -21.23 37.45 -28.19
CA ASP I 114 -20.76 38.64 -27.48
C ASP I 114 -20.49 39.82 -28.40
N VAL I 115 -19.87 39.60 -29.55
CA VAL I 115 -19.43 40.67 -30.45
C VAL I 115 -20.17 40.53 -31.78
N TRP I 116 -20.73 41.64 -32.25
CA TRP I 116 -21.50 41.67 -33.49
C TRP I 116 -20.89 42.63 -34.49
N GLY I 117 -21.13 42.35 -35.78
CA GLY I 117 -20.69 43.23 -36.85
C GLY I 117 -21.72 44.28 -37.18
N GLN I 118 -21.45 45.01 -38.27
CA GLN I 118 -22.34 46.08 -38.71
C GLN I 118 -23.42 45.57 -39.65
N GLY I 119 -23.05 44.94 -40.76
CA GLY I 119 -24.03 44.32 -41.63
C GLY I 119 -23.92 44.68 -43.10
N THR I 120 -24.41 43.80 -43.97
CA THR I 120 -24.45 44.02 -45.41
C THR I 120 -25.81 43.61 -45.93
N THR I 121 -26.20 44.19 -47.05
CA THR I 121 -27.52 43.99 -47.64
C THR I 121 -27.43 43.14 -48.89
N VAL I 122 -28.39 42.23 -49.05
CA VAL I 122 -28.50 41.37 -50.22
C VAL I 122 -29.94 41.43 -50.70
N THR I 123 -30.13 41.67 -52.01
CA THR I 123 -31.46 41.82 -52.57
C THR I 123 -31.62 40.99 -53.83
N VAL I 124 -32.85 40.57 -54.09
CA VAL I 124 -33.22 39.83 -55.28
C VAL I 124 -34.30 40.61 -56.02
N SER I 125 -34.09 40.84 -57.31
CA SER I 125 -34.98 41.70 -58.08
C SER I 125 -34.89 41.33 -59.55
N SER I 126 -35.86 41.81 -60.32
CA SER I 126 -35.91 41.62 -61.77
C SER I 126 -35.90 40.14 -62.16
N ASP J 1 52.00 12.60 -8.50
CA ASP J 1 52.82 13.79 -8.32
C ASP J 1 52.17 15.00 -8.97
N THR J 2 52.38 16.18 -8.36
CA THR J 2 51.81 17.41 -8.88
C THR J 2 52.70 18.56 -8.44
N VAL J 3 53.37 19.20 -9.39
CA VAL J 3 54.28 20.30 -9.07
C VAL J 3 53.46 21.55 -8.78
N MET J 4 53.78 22.21 -7.67
CA MET J 4 53.09 23.42 -7.25
C MET J 4 54.04 24.60 -7.38
N THR J 5 53.68 25.57 -8.22
CA THR J 5 54.49 26.76 -8.45
C THR J 5 53.81 27.96 -7.82
N GLN J 6 54.59 28.75 -7.09
CA GLN J 6 54.07 29.87 -6.32
C GLN J 6 55.00 31.05 -6.48
N SER J 7 54.47 32.18 -6.94
CA SER J 7 55.25 33.37 -7.22
C SER J 7 54.59 34.58 -6.59
N PRO J 8 55.38 35.60 -6.23
CA PRO J 8 56.84 35.70 -6.31
C PRO J 8 57.52 35.24 -5.02
N LEU J 9 58.83 35.40 -4.91
CA LEU J 9 59.59 34.92 -3.77
C LEU J 9 59.84 35.99 -2.72
N SER J 10 59.34 37.21 -2.92
CA SER J 10 59.55 38.29 -1.98
C SER J 10 58.54 39.39 -2.24
N LEU J 11 57.86 39.85 -1.18
CA LEU J 11 56.87 40.91 -1.28
C LEU J 11 57.18 42.00 -0.25
N PRO J 12 58.09 42.92 -0.58
CA PRO J 12 58.38 44.04 0.32
C PRO J 12 57.36 45.18 0.18
N VAL J 13 56.20 45.00 0.79
CA VAL J 13 55.13 46.00 0.71
C VAL J 13 54.46 46.10 2.08
N THR J 14 54.79 47.14 2.84
CA THR J 14 54.18 47.48 4.12
C THR J 14 54.24 48.99 4.28
N PRO J 15 53.38 49.57 5.13
CA PRO J 15 52.18 49.01 5.75
C PRO J 15 50.91 49.67 5.18
N GLY J 16 49.74 49.21 5.58
CA GLY J 16 48.49 49.84 5.17
C GLY J 16 47.90 49.39 3.84
N GLU J 17 48.72 49.37 2.79
CA GLU J 17 48.24 48.98 1.48
C GLU J 17 47.92 47.49 1.44
N PRO J 18 47.02 47.06 0.57
CA PRO J 18 46.70 45.64 0.45
C PRO J 18 47.83 44.86 -0.21
N ALA J 19 47.66 43.54 -0.24
CA ALA J 19 48.65 42.65 -0.82
C ALA J 19 47.96 41.42 -1.38
N SER J 20 48.65 40.71 -2.26
CA SER J 20 48.09 39.52 -2.89
C SER J 20 49.21 38.56 -3.27
N ILE J 21 48.95 37.27 -3.11
CA ILE J 21 49.87 36.21 -3.49
C ILE J 21 49.10 35.18 -4.30
N SER J 22 49.82 34.43 -5.13
CA SER J 22 49.21 33.44 -5.99
C SER J 22 50.04 32.16 -6.02
N CYS J 23 49.36 31.02 -6.06
CA CYS J 23 49.99 29.72 -6.24
C CYS J 23 49.18 28.91 -7.23
N ARG J 24 49.88 28.26 -8.17
CA ARG J 24 49.25 27.57 -9.28
C ARG J 24 49.77 26.14 -9.36
N SER J 25 48.88 25.22 -9.71
CA SER J 25 49.18 23.80 -9.80
C SER J 25 49.30 23.37 -11.26
N SER J 26 49.66 22.10 -11.46
CA SER J 26 49.80 21.54 -12.79
C SER J 26 48.61 20.67 -13.20
N GLN J 27 47.76 20.30 -12.26
CA GLN J 27 46.54 19.55 -12.53
C GLN J 27 45.35 20.32 -11.99
N SER J 28 44.16 19.88 -12.37
CA SER J 28 42.93 20.47 -11.86
C SER J 28 42.64 19.93 -10.47
N LEU J 29 42.46 20.84 -9.51
CA LEU J 29 42.23 20.48 -8.11
C LEU J 29 40.78 20.60 -7.72
N LEU J 30 39.87 20.26 -8.63
CA LEU J 30 38.44 20.34 -8.40
C LEU J 30 37.86 18.94 -8.34
N HIS J 31 37.10 18.67 -7.27
CA HIS J 31 36.54 17.35 -7.03
C HIS J 31 35.31 17.13 -7.91
N SER J 32 34.58 16.06 -7.67
CA SER J 32 33.34 15.79 -8.37
C SER J 32 32.14 16.46 -7.72
N ASN J 33 32.31 17.07 -6.55
CA ASN J 33 31.22 17.70 -5.82
C ASN J 33 31.36 19.21 -5.71
N GLY J 34 32.16 19.84 -6.57
CA GLY J 34 32.25 21.28 -6.60
C GLY J 34 33.04 21.93 -5.48
N TYR J 35 34.09 21.29 -5.01
CA TYR J 35 34.95 21.87 -3.97
C TYR J 35 36.41 21.72 -4.37
N ASN J 36 37.24 22.66 -3.91
CA ASN J 36 38.66 22.69 -4.21
C ASN J 36 39.45 22.32 -2.97
N TYR J 37 40.46 21.46 -3.15
CA TYR J 37 41.26 20.95 -2.04
C TYR J 37 42.60 21.70 -2.04
N LEU J 38 42.60 22.87 -1.39
CA LEU J 38 43.76 23.74 -1.36
C LEU J 38 43.79 24.44 -0.01
N GLU J 39 44.97 24.44 0.62
CA GLU J 39 45.14 24.97 1.97
C GLU J 39 46.26 25.99 1.99
N TRP J 40 46.22 26.86 2.99
CA TRP J 40 47.24 27.89 3.20
C TRP J 40 47.72 27.83 4.64
N TYR J 41 49.03 27.93 4.82
CA TYR J 41 49.65 27.85 6.14
C TYR J 41 50.53 29.07 6.36
N LEU J 42 51.15 29.15 7.54
CA LEU J 42 51.97 30.28 7.92
C LEU J 42 52.88 29.89 9.07
N GLN J 43 54.14 30.30 9.01
CA GLN J 43 55.11 30.05 10.07
C GLN J 43 55.83 31.35 10.37
N LYS J 44 55.63 31.88 11.57
CA LYS J 44 56.34 33.06 12.01
C LYS J 44 57.76 32.69 12.40
N PRO J 45 58.68 33.66 12.41
CA PRO J 45 60.10 33.34 12.69
C PRO J 45 60.31 32.68 14.04
N GLY J 46 60.76 31.43 14.03
CA GLY J 46 61.12 30.74 15.25
C GLY J 46 59.97 30.15 16.04
N GLN J 47 59.02 29.51 15.37
CA GLN J 47 57.93 28.81 16.06
C GLN J 47 57.26 27.87 15.06
N SER J 48 56.26 27.15 15.55
CA SER J 48 55.55 26.16 14.76
C SER J 48 54.52 26.82 13.85
N PRO J 49 54.16 26.18 12.74
CA PRO J 49 53.18 26.78 11.82
C PRO J 49 51.78 26.92 12.40
N GLN J 50 50.87 27.50 11.61
CA GLN J 50 49.50 27.75 12.04
C GLN J 50 48.60 27.82 10.81
N LEU J 51 47.46 27.15 10.86
CA LEU J 51 46.59 27.02 9.71
C LEU J 51 45.76 28.28 9.48
N LEU J 52 45.46 28.56 8.21
CA LEU J 52 44.68 29.72 7.82
C LEU J 52 43.35 29.37 7.17
N ILE J 53 43.35 28.53 6.13
CA ILE J 53 42.17 28.25 5.33
C ILE J 53 42.15 26.76 4.97
N TYR J 54 40.97 26.13 5.08
CA TYR J 54 40.89 24.68 4.83
C TYR J 54 40.62 24.40 3.35
N LEU J 55 39.46 24.81 2.87
CA LEU J 55 39.05 24.60 1.48
C LEU J 55 39.42 25.84 0.67
N GLY J 56 38.80 26.01 -0.49
CA GLY J 56 39.11 27.19 -1.30
C GLY J 56 38.87 28.50 -0.58
N SER J 57 37.81 28.57 0.23
CA SER J 57 37.40 29.85 0.80
C SER J 57 37.24 29.85 2.32
N ILE J 58 36.80 28.73 2.90
CA ILE J 58 36.42 28.72 4.31
C ILE J 58 37.64 29.00 5.19
N ARG J 59 37.47 29.93 6.13
CA ARG J 59 38.55 30.36 7.02
C ARG J 59 38.52 29.55 8.31
N ALA J 60 39.46 29.86 9.20
CA ALA J 60 39.69 29.11 10.42
C ALA J 60 39.19 29.89 11.64
N SER J 61 39.42 29.32 12.82
CA SER J 61 39.00 29.93 14.08
C SER J 61 40.22 30.59 14.72
N GLY J 62 40.31 31.91 14.57
CA GLY J 62 41.43 32.65 15.11
C GLY J 62 41.99 33.66 14.11
N VAL J 63 41.80 33.38 12.83
CA VAL J 63 42.30 34.30 11.80
C VAL J 63 41.43 35.54 11.78
N PRO J 64 41.99 36.73 11.50
CA PRO J 64 41.17 37.94 11.47
C PRO J 64 40.22 38.00 10.29
N ASP J 65 39.43 39.08 10.23
CA ASP J 65 38.49 39.27 9.14
C ASP J 65 39.18 39.63 7.84
N ARG J 66 40.42 40.12 7.91
CA ARG J 66 41.09 40.66 6.72
C ARG J 66 41.38 39.57 5.69
N LEU J 67 41.89 38.43 6.14
CA LEU J 67 42.33 37.39 5.20
C LEU J 67 41.14 36.75 4.50
N SER J 68 41.30 36.52 3.19
CA SER J 68 40.28 35.87 2.39
C SER J 68 40.92 35.33 1.12
N GLY J 69 40.35 34.24 0.60
CA GLY J 69 40.86 33.61 -0.59
C GLY J 69 39.75 33.28 -1.56
N SER J 70 40.14 33.17 -2.84
CA SER J 70 39.17 32.90 -3.89
C SER J 70 39.91 32.38 -5.12
N GLY J 71 39.33 31.37 -5.76
CA GLY J 71 39.92 30.79 -6.95
C GLY J 71 39.22 29.50 -7.30
N SER J 72 39.60 28.95 -8.44
CA SER J 72 39.00 27.70 -8.91
C SER J 72 39.86 27.11 -10.02
N GLY J 73 39.89 25.78 -10.06
CA GLY J 73 40.50 25.05 -11.16
C GLY J 73 42.01 24.91 -11.10
N THR J 74 42.73 25.99 -11.44
CA THR J 74 44.19 25.94 -11.46
C THR J 74 44.85 27.15 -10.81
N ASP J 75 44.17 28.29 -10.71
CA ASP J 75 44.77 29.51 -10.18
C ASP J 75 44.08 29.88 -8.89
N PHE J 76 44.87 30.22 -7.87
CA PHE J 76 44.36 30.54 -6.55
C PHE J 76 45.04 31.80 -6.04
N THR J 77 44.37 32.52 -5.15
CA THR J 77 44.87 33.82 -4.71
C THR J 77 44.47 34.04 -3.25
N LEU J 78 45.42 34.55 -2.47
CA LEU J 78 45.19 35.02 -1.11
C LEU J 78 45.32 36.54 -1.08
N LYS J 79 44.45 37.19 -0.33
CA LYS J 79 44.40 38.65 -0.31
C LYS J 79 44.32 39.14 1.12
N ILE J 80 45.11 40.15 1.45
CA ILE J 80 45.08 40.81 2.75
C ILE J 80 44.62 42.24 2.53
N SER J 81 43.54 42.63 3.22
CA SER J 81 42.99 43.97 3.04
C SER J 81 43.96 45.03 3.55
N ARG J 82 44.44 44.89 4.78
CA ARG J 82 45.42 45.80 5.36
C ARG J 82 46.51 44.99 6.06
N VAL J 83 47.72 45.52 6.05
CA VAL J 83 48.90 44.84 6.59
C VAL J 83 49.38 45.59 7.81
N GLU J 84 49.57 44.87 8.91
CA GLU J 84 50.11 45.41 10.15
C GLU J 84 51.58 45.01 10.27
N ALA J 85 52.19 45.32 11.41
CA ALA J 85 53.58 45.01 11.65
C ALA J 85 53.80 43.61 12.19
N GLU J 86 52.73 42.89 12.53
CA GLU J 86 52.83 41.53 13.05
C GLU J 86 52.49 40.47 12.01
N ASP J 87 52.37 40.86 10.75
CA ASP J 87 52.03 39.94 9.66
C ASP J 87 53.26 39.54 8.86
N VAL J 88 54.41 39.50 9.50
CA VAL J 88 55.64 39.05 8.86
C VAL J 88 55.72 37.53 9.01
N GLY J 89 56.30 36.87 8.01
CA GLY J 89 56.42 35.43 8.06
C GLY J 89 56.57 34.86 6.65
N VAL J 90 56.38 33.55 6.58
CA VAL J 90 56.46 32.80 5.33
C VAL J 90 55.14 32.09 5.10
N TYR J 91 54.60 32.21 3.89
CA TYR J 91 53.30 31.66 3.54
C TYR J 91 53.48 30.50 2.57
N TYR J 92 52.81 29.39 2.85
CA TYR J 92 52.96 28.17 2.07
C TYR J 92 51.64 27.77 1.44
N CYS J 93 51.73 27.17 0.25
CA CYS J 93 50.57 26.72 -0.50
C CYS J 93 50.65 25.20 -0.63
N MET J 94 49.61 24.51 -0.18
CA MET J 94 49.62 23.06 -0.08
C MET J 94 48.37 22.47 -0.73
N GLN J 95 48.52 21.28 -1.30
CA GLN J 95 47.44 20.58 -1.98
C GLN J 95 47.16 19.25 -1.29
N GLY J 96 45.91 18.81 -1.36
CA GLY J 96 45.51 17.60 -0.67
C GLY J 96 44.54 16.70 -1.40
N LEU J 97 44.60 16.69 -2.73
CA LEU J 97 43.69 15.84 -3.50
C LEU J 97 44.25 14.45 -3.76
N GLU J 98 45.56 14.33 -3.95
CA GLU J 98 46.19 13.07 -4.24
C GLU J 98 46.78 12.47 -2.96
N THR J 99 47.11 11.18 -3.02
CA THR J 99 47.61 10.47 -1.83
C THR J 99 48.91 11.06 -1.30
N PRO J 100 49.96 11.31 -2.11
CA PRO J 100 51.14 12.00 -1.58
C PRO J 100 50.93 13.50 -1.53
N PHE J 101 50.80 14.04 -0.31
CA PHE J 101 50.59 15.47 -0.15
C PHE J 101 51.87 16.23 -0.45
N THR J 102 51.74 17.38 -1.11
CA THR J 102 52.88 18.16 -1.54
C THR J 102 52.71 19.62 -1.13
N PHE J 103 53.82 20.24 -0.76
CA PHE J 103 53.89 21.66 -0.45
C PHE J 103 54.48 22.41 -1.65
N GLY J 104 54.76 23.69 -1.45
CA GLY J 104 55.42 24.49 -2.45
C GLY J 104 56.70 25.10 -1.94
N PRO J 105 57.26 26.07 -2.69
CA PRO J 105 58.48 26.72 -2.24
C PRO J 105 58.27 27.82 -1.21
N GLY J 106 57.06 28.37 -1.09
CA GLY J 106 56.78 29.39 -0.12
C GLY J 106 57.05 30.79 -0.63
N THR J 107 56.69 31.77 0.19
CA THR J 107 56.87 33.18 -0.15
C THR J 107 57.08 33.97 1.13
N LYS J 108 58.09 34.83 1.12
CA LYS J 108 58.46 35.63 2.28
C LYS J 108 57.90 37.04 2.16
N VAL J 109 57.51 37.62 3.29
CA VAL J 109 57.03 38.99 3.38
C VAL J 109 57.97 39.76 4.30
N GLU J 110 58.40 40.94 3.87
CA GLU J 110 59.35 41.72 4.63
C GLU J 110 58.91 43.18 4.68
N ILE J 111 59.34 43.87 5.73
CA ILE J 111 58.93 45.24 6.01
C ILE J 111 59.75 46.22 5.17
N LYS J 112 59.06 47.12 4.49
CA LYS J 112 59.69 48.26 3.83
C LYS J 112 58.64 49.29 3.44
N ASP K 1 -14.85 -15.81 49.64
CA ASP K 1 -15.15 -15.06 50.85
C ASP K 1 -13.96 -14.23 51.30
N THR K 2 -14.23 -13.08 51.89
CA THR K 2 -13.17 -12.19 52.37
C THR K 2 -13.69 -11.45 53.60
N VAL K 3 -12.97 -11.58 54.70
CA VAL K 3 -13.34 -10.93 55.94
C VAL K 3 -12.86 -9.49 55.91
N MET K 4 -13.61 -8.60 56.55
CA MET K 4 -13.29 -7.18 56.59
C MET K 4 -13.29 -6.73 58.03
N THR K 5 -12.14 -6.25 58.50
CA THR K 5 -11.97 -5.82 59.88
C THR K 5 -11.82 -4.31 59.94
N GLN K 6 -12.39 -3.71 60.98
CA GLN K 6 -12.46 -2.26 61.10
C GLN K 6 -12.30 -1.87 62.57
N SER K 7 -11.37 -0.96 62.83
CA SER K 7 -11.09 -0.49 64.17
C SER K 7 -10.88 1.01 64.15
N PRO K 8 -11.22 1.72 65.24
CA PRO K 8 -11.83 1.24 66.49
C PRO K 8 -13.36 1.13 66.40
N LEU K 9 -13.99 0.44 67.35
CA LEU K 9 -15.43 0.29 67.32
C LEU K 9 -16.16 1.56 67.75
N SER K 10 -15.53 2.39 68.57
CA SER K 10 -16.10 3.65 69.01
C SER K 10 -15.03 4.72 68.93
N LEU K 11 -15.46 5.97 68.77
CA LEU K 11 -14.50 7.05 68.56
C LEU K 11 -15.09 8.39 68.98
N PRO K 12 -14.83 8.85 70.20
CA PRO K 12 -15.32 10.16 70.63
C PRO K 12 -14.37 11.28 70.24
N VAL K 13 -14.96 12.36 69.70
CA VAL K 13 -14.22 13.52 69.26
C VAL K 13 -14.94 14.79 69.72
N THR K 14 -14.27 15.92 69.56
CA THR K 14 -14.79 17.24 69.83
C THR K 14 -14.55 18.13 68.62
N PRO K 15 -15.41 19.12 68.38
CA PRO K 15 -15.23 19.97 67.20
C PRO K 15 -13.90 20.69 67.20
N GLY K 16 -13.30 20.79 66.02
CA GLY K 16 -12.07 21.55 65.86
C GLY K 16 -10.90 20.78 65.27
N GLU K 17 -10.74 19.52 65.65
CA GLU K 17 -9.56 18.75 65.27
C GLU K 17 -9.93 17.61 64.33
N PRO K 18 -8.97 17.12 63.53
CA PRO K 18 -9.27 16.05 62.58
C PRO K 18 -9.47 14.69 63.22
N ALA K 19 -9.84 13.70 62.41
CA ALA K 19 -10.05 12.34 62.86
C ALA K 19 -9.70 11.38 61.74
N SER K 20 -9.49 10.12 62.10
CA SER K 20 -9.08 9.11 61.14
C SER K 20 -9.69 7.77 61.49
N ILE K 21 -10.01 6.98 60.46
CA ILE K 21 -10.54 5.64 60.60
C ILE K 21 -9.76 4.72 59.67
N SER K 22 -9.84 3.42 59.95
CA SER K 22 -9.11 2.42 59.17
C SER K 22 -10.02 1.23 58.89
N CYS K 23 -9.70 0.52 57.81
CA CYS K 23 -10.43 -0.68 57.42
C CYS K 23 -9.45 -1.62 56.73
N ARG K 24 -9.51 -2.90 57.09
CA ARG K 24 -8.51 -3.88 56.69
C ARG K 24 -9.20 -5.10 56.09
N SER K 25 -8.48 -5.80 55.22
CA SER K 25 -9.02 -6.97 54.52
C SER K 25 -7.96 -8.07 54.52
N SER K 26 -8.43 -9.30 54.33
CA SER K 26 -7.58 -10.48 54.30
C SER K 26 -7.12 -10.83 52.89
N GLN K 27 -7.44 -10.01 51.90
CA GLN K 27 -7.01 -10.24 50.52
C GLN K 27 -6.64 -8.90 49.90
N SER K 28 -5.84 -8.97 48.85
CA SER K 28 -5.39 -7.77 48.15
C SER K 28 -6.48 -7.29 47.21
N LEU K 29 -7.07 -6.14 47.51
CA LEU K 29 -8.15 -5.56 46.71
C LEU K 29 -7.61 -4.65 45.62
N LEU K 30 -6.70 -5.18 44.80
CA LEU K 30 -6.06 -4.40 43.75
C LEU K 30 -6.16 -5.17 42.43
N HIS K 31 -6.83 -4.56 41.46
CA HIS K 31 -7.03 -5.18 40.15
C HIS K 31 -5.77 -4.94 39.31
N SER K 32 -5.76 -5.43 38.07
CA SER K 32 -4.63 -5.21 37.18
C SER K 32 -4.63 -3.81 36.58
N ASN K 33 -5.76 -3.11 36.62
CA ASN K 33 -5.81 -1.75 36.09
C ASN K 33 -4.99 -0.78 36.91
N GLY K 34 -4.73 -1.09 38.17
CA GLY K 34 -4.15 -0.17 39.10
C GLY K 34 -5.14 0.61 39.92
N TYR K 35 -6.35 0.08 40.10
CA TYR K 35 -7.40 0.73 40.88
C TYR K 35 -7.87 -0.22 41.98
N ASN K 36 -8.23 0.35 43.12
CA ASN K 36 -8.69 -0.42 44.26
C ASN K 36 -10.22 -0.39 44.32
N TYR K 37 -10.83 -1.55 44.53
CA TYR K 37 -12.28 -1.67 44.53
C TYR K 37 -12.77 -1.66 45.98
N LEU K 38 -12.90 -0.45 46.52
CA LEU K 38 -13.33 -0.27 47.90
C LEU K 38 -14.15 1.01 48.01
N GLU K 39 -15.19 0.97 48.81
CA GLU K 39 -16.17 2.04 48.92
C GLU K 39 -16.33 2.50 50.37
N TRP K 40 -17.09 3.57 50.57
CA TRP K 40 -17.38 4.10 51.89
C TRP K 40 -18.81 4.63 51.90
N TYR K 41 -19.56 4.29 52.94
CA TYR K 41 -20.95 4.69 53.08
C TYR K 41 -21.17 5.31 54.45
N LEU K 42 -22.36 5.86 54.66
CA LEU K 42 -22.70 6.54 55.91
C LEU K 42 -24.20 6.50 56.12
N GLN K 43 -24.62 6.30 57.37
CA GLN K 43 -26.03 6.24 57.73
C GLN K 43 -26.27 7.09 58.98
N LYS K 44 -26.88 8.25 58.79
CA LYS K 44 -27.26 9.09 59.91
C LYS K 44 -28.44 8.45 60.66
N PRO K 45 -28.64 8.80 61.92
CA PRO K 45 -29.69 8.15 62.72
C PRO K 45 -31.07 8.34 62.10
N GLY K 46 -31.80 7.23 61.99
CA GLY K 46 -33.16 7.25 61.49
C GLY K 46 -33.30 7.69 60.04
N GLN K 47 -32.45 7.16 59.16
CA GLN K 47 -32.48 7.53 57.76
C GLN K 47 -31.90 6.38 56.93
N SER K 48 -31.79 6.61 55.63
CA SER K 48 -31.22 5.70 54.66
C SER K 48 -29.77 6.05 54.39
N PRO K 49 -28.95 5.09 53.98
CA PRO K 49 -27.53 5.36 53.78
C PRO K 49 -27.27 6.38 52.68
N GLN K 50 -25.99 6.74 52.56
CA GLN K 50 -25.57 7.77 51.61
C GLN K 50 -24.11 7.55 51.26
N LEU K 51 -23.83 7.41 49.97
CA LEU K 51 -22.50 7.03 49.50
C LEU K 51 -21.53 8.19 49.62
N LEU K 52 -20.26 7.85 49.92
CA LEU K 52 -19.22 8.84 50.13
C LEU K 52 -18.11 8.80 49.10
N ILE K 53 -17.47 7.65 48.88
CA ILE K 53 -16.26 7.59 48.07
C ILE K 53 -16.30 6.37 47.14
N TYR K 54 -15.94 6.59 45.87
CA TYR K 54 -15.73 5.55 44.86
C TYR K 54 -14.36 4.90 45.05
N LEU K 55 -13.78 4.38 43.96
CA LEU K 55 -12.65 3.46 44.02
C LEU K 55 -11.43 4.18 44.58
N GLY K 56 -11.30 4.15 45.90
CA GLY K 56 -10.13 4.65 46.56
C GLY K 56 -10.19 6.10 46.98
N SER K 57 -10.22 7.03 46.03
CA SER K 57 -10.12 8.44 46.35
C SER K 57 -11.05 9.36 45.56
N ILE K 58 -11.93 8.82 44.72
CA ILE K 58 -12.80 9.66 43.90
C ILE K 58 -14.03 10.02 44.73
N ARG K 59 -14.28 11.31 44.88
CA ARG K 59 -15.38 11.80 45.70
C ARG K 59 -16.71 11.64 44.98
N ALA K 60 -17.79 11.84 45.74
CA ALA K 60 -19.14 11.77 45.20
C ALA K 60 -19.61 13.17 44.82
N SER K 61 -20.88 13.29 44.46
CA SER K 61 -21.48 14.56 44.05
C SER K 61 -22.34 15.08 45.20
N GLY K 62 -21.74 15.88 46.07
CA GLY K 62 -22.44 16.43 47.20
C GLY K 62 -21.63 16.46 48.47
N VAL K 63 -20.63 15.58 48.56
CA VAL K 63 -19.78 15.50 49.74
C VAL K 63 -18.87 16.72 49.77
N PRO K 64 -18.54 17.24 50.96
CA PRO K 64 -17.71 18.45 51.04
C PRO K 64 -16.26 18.20 50.63
N ASP K 65 -15.44 19.24 50.72
CA ASP K 65 -14.02 19.15 50.39
C ASP K 65 -13.17 18.71 51.56
N ARG K 66 -13.78 18.22 52.63
CA ARG K 66 -13.04 17.84 53.83
C ARG K 66 -12.75 16.34 53.90
N LEU K 67 -13.51 15.52 53.20
CA LEU K 67 -13.32 14.07 53.23
C LEU K 67 -12.38 13.62 52.12
N SER K 68 -11.45 12.75 52.48
CA SER K 68 -10.50 12.20 51.53
C SER K 68 -10.08 10.82 51.98
N GLY K 69 -9.64 10.01 51.03
CA GLY K 69 -9.22 8.65 51.32
C GLY K 69 -8.00 8.25 50.53
N SER K 70 -7.13 7.44 51.13
CA SER K 70 -5.90 7.05 50.46
C SER K 70 -5.41 5.73 51.05
N GLY K 71 -5.03 4.80 50.18
CA GLY K 71 -4.50 3.52 50.62
C GLY K 71 -4.17 2.67 49.42
N SER K 72 -3.63 1.49 49.70
CA SER K 72 -3.27 0.56 48.65
C SER K 72 -3.09 -0.83 49.22
N GLY K 73 -3.55 -1.83 48.49
CA GLY K 73 -3.30 -3.23 48.81
C GLY K 73 -4.20 -3.83 49.86
N THR K 74 -3.93 -3.54 51.14
CA THR K 74 -4.72 -4.10 52.23
C THR K 74 -4.98 -3.13 53.37
N ASP K 75 -4.53 -1.88 53.28
CA ASP K 75 -4.74 -0.90 54.34
C ASP K 75 -5.32 0.36 53.72
N PHE K 76 -6.44 0.82 54.26
CA PHE K 76 -7.14 2.00 53.76
C PHE K 76 -7.49 2.91 54.91
N THR K 77 -7.63 4.20 54.62
CA THR K 77 -7.83 5.19 55.67
C THR K 77 -8.70 6.33 55.16
N LEU K 78 -9.60 6.80 56.02
CA LEU K 78 -10.39 8.00 55.77
C LEU K 78 -9.91 9.12 56.70
N LYS K 79 -9.98 10.35 56.21
CA LYS K 79 -9.52 11.52 56.96
C LYS K 79 -10.55 12.62 56.85
N ILE K 80 -11.00 13.12 58.00
CA ILE K 80 -11.87 14.29 58.07
C ILE K 80 -11.02 15.45 58.57
N SER K 81 -10.91 16.51 57.77
CA SER K 81 -10.05 17.63 58.13
C SER K 81 -10.59 18.37 59.36
N ARG K 82 -11.87 18.73 59.35
CA ARG K 82 -12.51 19.39 60.46
C ARG K 82 -13.86 18.75 60.74
N VAL K 83 -14.23 18.69 62.01
CA VAL K 83 -15.43 17.99 62.45
C VAL K 83 -16.46 19.01 62.91
N GLU K 84 -17.70 18.84 62.47
CA GLU K 84 -18.83 19.67 62.85
C GLU K 84 -19.85 18.81 63.60
N ALA K 85 -20.96 19.44 63.97
CA ALA K 85 -22.02 18.72 64.68
C ALA K 85 -22.92 17.91 63.77
N GLU K 86 -22.88 18.16 62.45
CA GLU K 86 -23.67 17.38 61.51
C GLU K 86 -23.05 16.02 61.26
N ASP K 87 -21.73 15.90 61.37
CA ASP K 87 -21.02 14.65 61.08
C ASP K 87 -21.09 13.73 62.30
N VAL K 88 -22.26 13.09 62.45
CA VAL K 88 -22.47 12.10 63.48
C VAL K 88 -23.31 10.98 62.88
N GLY K 89 -22.78 9.76 62.89
CA GLY K 89 -23.48 8.62 62.32
C GLY K 89 -22.69 7.34 62.42
N VAL K 90 -22.82 6.46 61.43
CA VAL K 90 -22.07 5.22 61.37
C VAL K 90 -21.44 5.10 59.99
N TYR K 91 -20.17 4.68 59.96
CA TYR K 91 -19.40 4.58 58.74
C TYR K 91 -19.07 3.13 58.46
N TYR K 92 -19.34 2.67 57.24
CA TYR K 92 -19.16 1.28 56.85
C TYR K 92 -18.15 1.18 55.73
N CYS K 93 -17.44 0.06 55.69
CA CYS K 93 -16.41 -0.21 54.69
C CYS K 93 -16.82 -1.43 53.87
N MET K 94 -16.73 -1.30 52.55
CA MET K 94 -17.31 -2.30 51.65
C MET K 94 -16.33 -2.63 50.54
N GLN K 95 -16.31 -3.91 50.13
CA GLN K 95 -15.50 -4.39 49.02
C GLN K 95 -16.36 -4.71 47.83
N GLY K 96 -15.74 -4.70 46.65
CA GLY K 96 -16.47 -4.99 45.42
C GLY K 96 -15.69 -5.77 44.38
N LEU K 97 -14.70 -6.55 44.79
CA LEU K 97 -13.87 -7.27 43.83
C LEU K 97 -14.47 -8.61 43.42
N GLU K 98 -14.92 -9.41 44.39
CA GLU K 98 -15.52 -10.70 44.12
C GLU K 98 -17.05 -10.58 44.15
N THR K 99 -17.71 -11.60 43.61
CA THR K 99 -19.16 -11.53 43.44
C THR K 99 -19.94 -11.38 44.74
N PRO K 100 -19.64 -12.10 45.84
CA PRO K 100 -20.38 -11.84 47.09
C PRO K 100 -19.83 -10.61 47.79
N PHE K 101 -20.59 -9.51 47.72
CA PHE K 101 -20.16 -8.28 48.34
C PHE K 101 -20.30 -8.36 49.86
N THR K 102 -19.32 -7.83 50.58
CA THR K 102 -19.27 -7.92 52.03
C THR K 102 -19.07 -6.54 52.64
N PHE K 103 -19.82 -6.26 53.71
CA PHE K 103 -19.67 -5.05 54.49
C PHE K 103 -18.72 -5.31 55.65
N GLY K 104 -18.69 -4.37 56.61
CA GLY K 104 -17.87 -4.53 57.79
C GLY K 104 -18.64 -4.22 59.06
N PRO K 105 -17.99 -4.42 60.21
CA PRO K 105 -18.68 -4.18 61.49
C PRO K 105 -19.24 -2.77 61.64
N GLY K 106 -18.54 -1.75 61.16
CA GLY K 106 -18.97 -0.37 61.30
C GLY K 106 -18.23 0.34 62.42
N THR K 107 -18.55 1.63 62.55
CA THR K 107 -17.91 2.49 63.54
C THR K 107 -18.81 3.69 63.83
N LYS K 108 -18.97 4.01 65.11
CA LYS K 108 -19.78 5.14 65.54
C LYS K 108 -18.90 6.33 65.88
N VAL K 109 -19.46 7.52 65.67
CA VAL K 109 -18.79 8.77 66.01
C VAL K 109 -19.74 9.55 66.91
N GLU K 110 -19.42 9.60 68.21
CA GLU K 110 -20.23 10.28 69.20
C GLU K 110 -19.49 11.51 69.70
N ILE K 111 -20.19 12.66 69.72
CA ILE K 111 -19.57 13.90 70.15
C ILE K 111 -19.25 13.83 71.64
N LYS K 112 -18.23 14.57 72.05
CA LYS K 112 -17.84 14.65 73.46
C LYS K 112 -17.05 15.90 73.76
N ASP L 1 -37.58 20.95 -33.16
CA ASP L 1 -38.30 22.23 -33.21
C ASP L 1 -38.93 22.55 -31.86
N THR L 2 -39.04 23.83 -31.55
CA THR L 2 -39.63 24.28 -30.29
C THR L 2 -40.13 25.70 -30.48
N VAL L 3 -41.44 25.88 -30.39
CA VAL L 3 -42.03 27.21 -30.57
C VAL L 3 -41.83 28.03 -29.31
N MET L 4 -41.61 29.32 -29.50
CA MET L 4 -41.41 30.25 -28.39
C MET L 4 -42.46 31.35 -28.47
N THR L 5 -43.23 31.52 -27.41
CA THR L 5 -44.24 32.55 -27.33
C THR L 5 -43.76 33.68 -26.41
N GLN L 6 -44.20 34.89 -26.72
CA GLN L 6 -43.70 36.07 -26.03
C GLN L 6 -44.81 37.13 -26.06
N SER L 7 -45.37 37.43 -24.90
CA SER L 7 -46.45 38.40 -24.77
C SER L 7 -46.13 39.39 -23.67
N PRO L 8 -46.61 40.63 -23.79
CA PRO L 8 -47.38 41.21 -24.90
C PRO L 8 -46.49 41.76 -26.01
N LEU L 9 -47.08 42.21 -27.12
CA LEU L 9 -46.33 42.72 -28.25
C LEU L 9 -46.07 44.23 -28.16
N SER L 10 -46.55 44.89 -27.11
CA SER L 10 -46.32 46.31 -26.92
C SER L 10 -46.40 46.64 -25.44
N LEU L 11 -45.54 47.55 -25.00
CA LEU L 11 -45.49 47.99 -23.61
C LEU L 11 -45.27 49.48 -23.57
N PRO L 12 -46.33 50.27 -23.43
CA PRO L 12 -46.20 51.73 -23.28
C PRO L 12 -46.08 52.15 -21.83
N VAL L 13 -44.92 51.90 -21.23
CA VAL L 13 -44.68 52.22 -19.83
C VAL L 13 -43.43 53.09 -19.73
N THR L 14 -43.58 54.27 -19.12
CA THR L 14 -42.52 55.24 -18.89
C THR L 14 -43.05 56.41 -18.08
N PRO L 15 -42.21 57.10 -17.29
CA PRO L 15 -40.88 56.72 -16.83
C PRO L 15 -40.86 56.39 -15.35
N GLY L 16 -39.75 55.88 -14.82
CA GLY L 16 -39.63 55.64 -13.40
C GLY L 16 -40.23 54.34 -12.92
N GLU L 17 -41.40 53.99 -13.43
CA GLU L 17 -42.07 52.77 -13.00
C GLU L 17 -41.33 51.54 -13.50
N PRO L 18 -41.48 50.41 -12.82
CA PRO L 18 -40.84 49.18 -13.28
C PRO L 18 -41.55 48.59 -14.49
N ALA L 19 -41.03 47.46 -14.97
CA ALA L 19 -41.57 46.80 -16.14
C ALA L 19 -41.28 45.30 -16.03
N SER L 20 -41.98 44.52 -16.86
CA SER L 20 -41.79 43.08 -16.86
C SER L 20 -42.23 42.52 -18.21
N ILE L 21 -41.50 41.52 -18.69
CA ILE L 21 -41.81 40.82 -19.93
C ILE L 21 -41.72 39.32 -19.66
N SER L 22 -42.41 38.53 -20.48
CA SER L 22 -42.50 37.10 -20.28
C SER L 22 -42.16 36.36 -21.57
N CYS L 23 -41.63 35.14 -21.40
CA CYS L 23 -41.26 34.29 -22.52
C CYS L 23 -41.59 32.85 -22.15
N ARG L 24 -42.22 32.13 -23.07
CA ARG L 24 -42.74 30.80 -22.79
C ARG L 24 -42.31 29.83 -23.88
N SER L 25 -42.05 28.59 -23.49
CA SER L 25 -41.59 27.56 -24.41
C SER L 25 -42.48 26.33 -24.30
N SER L 26 -42.50 25.54 -25.36
CA SER L 26 -43.33 24.35 -25.44
C SER L 26 -42.66 23.11 -24.87
N GLN L 27 -41.40 23.20 -24.44
CA GLN L 27 -40.70 22.11 -23.80
C GLN L 27 -39.97 22.65 -22.57
N SER L 28 -39.37 21.74 -21.81
CA SER L 28 -38.65 22.11 -20.60
C SER L 28 -37.19 22.38 -20.95
N LEU L 29 -36.76 23.62 -20.74
CA LEU L 29 -35.39 24.03 -21.05
C LEU L 29 -34.48 23.89 -19.82
N LEU L 30 -34.49 22.70 -19.23
CA LEU L 30 -33.69 22.41 -18.04
C LEU L 30 -32.75 21.26 -18.35
N HIS L 31 -31.45 21.51 -18.20
CA HIS L 31 -30.45 20.49 -18.40
C HIS L 31 -30.44 19.52 -17.20
N SER L 32 -29.68 18.44 -17.35
CA SER L 32 -29.55 17.47 -16.27
C SER L 32 -28.71 17.97 -15.12
N ASN L 33 -27.99 19.08 -15.29
CA ASN L 33 -27.09 19.60 -14.27
C ASN L 33 -27.62 20.84 -13.58
N GLY L 34 -28.87 21.20 -13.81
CA GLY L 34 -29.53 22.24 -13.03
C GLY L 34 -29.45 23.64 -13.57
N TYR L 35 -29.04 23.84 -14.81
CA TYR L 35 -28.96 25.16 -15.41
C TYR L 35 -29.95 25.27 -16.57
N ASN L 36 -30.43 26.49 -16.79
CA ASN L 36 -31.36 26.79 -17.87
C ASN L 36 -30.61 27.43 -19.03
N TYR L 37 -30.96 27.03 -20.24
CA TYR L 37 -30.34 27.54 -21.46
C TYR L 37 -31.32 28.51 -22.13
N LEU L 38 -31.27 29.76 -21.72
CA LEU L 38 -32.21 30.78 -22.18
C LEU L 38 -31.49 32.13 -22.15
N GLU L 39 -31.58 32.87 -23.25
CA GLU L 39 -30.83 34.11 -23.41
C GLU L 39 -31.76 35.24 -23.80
N TRP L 40 -31.27 36.47 -23.60
CA TRP L 40 -32.00 37.68 -23.95
C TRP L 40 -31.09 38.60 -24.75
N TYR L 41 -31.64 39.22 -25.79
CA TYR L 41 -30.91 40.13 -26.66
C TYR L 41 -31.70 41.43 -26.80
N LEU L 42 -31.08 42.43 -27.40
CA LEU L 42 -31.67 43.76 -27.53
C LEU L 42 -31.14 44.44 -28.78
N GLN L 43 -32.03 45.04 -29.56
CA GLN L 43 -31.65 45.75 -30.78
C GLN L 43 -32.22 47.16 -30.73
N LYS L 44 -31.34 48.15 -30.55
CA LYS L 44 -31.75 49.53 -30.61
C LYS L 44 -32.06 49.92 -32.06
N PRO L 45 -32.82 51.00 -32.27
CA PRO L 45 -33.23 51.34 -33.64
C PRO L 45 -32.08 51.78 -34.52
N GLY L 46 -31.71 50.93 -35.47
CA GLY L 46 -30.71 51.28 -36.46
C GLY L 46 -29.30 50.85 -36.15
N GLN L 47 -29.12 49.66 -35.58
CA GLN L 47 -27.79 49.11 -35.30
C GLN L 47 -27.94 47.63 -34.99
N SER L 48 -26.81 46.99 -34.67
CA SER L 48 -26.75 45.56 -34.41
C SER L 48 -27.18 45.24 -32.99
N PRO L 49 -27.58 44.00 -32.74
CA PRO L 49 -28.02 43.62 -31.39
C PRO L 49 -26.92 43.69 -30.34
N GLN L 50 -27.27 43.38 -29.08
CA GLN L 50 -26.34 43.48 -27.97
C GLN L 50 -26.83 42.57 -26.85
N LEU L 51 -25.96 41.65 -26.40
CA LEU L 51 -26.36 40.62 -25.46
C LEU L 51 -26.63 41.19 -24.07
N LEU L 52 -27.58 40.57 -23.37
CA LEU L 52 -27.95 40.99 -22.02
C LEU L 52 -27.67 39.92 -20.98
N ILE L 53 -28.21 38.71 -21.13
CA ILE L 53 -28.13 37.67 -20.10
C ILE L 53 -27.83 36.34 -20.79
N TYR L 54 -26.83 35.59 -20.28
CA TYR L 54 -26.43 34.34 -20.94
C TYR L 54 -27.37 33.21 -20.54
N LEU L 55 -27.32 32.82 -19.27
CA LEU L 55 -28.16 31.78 -18.71
C LEU L 55 -29.40 32.43 -18.13
N GLY L 56 -30.13 31.71 -17.29
CA GLY L 56 -31.34 32.28 -16.74
C GLY L 56 -31.13 33.41 -15.75
N SER L 57 -29.91 33.59 -15.23
CA SER L 57 -29.69 34.60 -14.21
C SER L 57 -28.44 35.45 -14.40
N ILE L 58 -27.43 34.94 -15.11
CA ILE L 58 -26.12 35.58 -15.11
C ILE L 58 -26.11 36.76 -16.07
N ARG L 59 -25.73 37.93 -15.55
CA ARG L 59 -25.67 39.15 -16.35
C ARG L 59 -24.44 39.15 -17.25
N ALA L 60 -24.23 40.25 -17.95
CA ALA L 60 -23.11 40.43 -18.86
C ALA L 60 -22.28 41.64 -18.43
N SER L 61 -21.24 41.93 -19.20
CA SER L 61 -20.33 43.02 -18.91
C SER L 61 -20.79 44.27 -19.66
N GLY L 62 -21.36 45.22 -18.93
CA GLY L 62 -21.86 46.43 -19.53
C GLY L 62 -23.32 46.70 -19.21
N VAL L 63 -24.06 45.63 -18.94
CA VAL L 63 -25.48 45.77 -18.59
C VAL L 63 -25.59 46.43 -17.21
N PRO L 64 -26.43 47.45 -17.05
CA PRO L 64 -26.56 48.11 -15.75
C PRO L 64 -27.11 47.17 -14.68
N ASP L 65 -27.09 47.67 -13.44
CA ASP L 65 -27.57 46.88 -12.30
C ASP L 65 -29.07 46.66 -12.33
N ARG L 66 -29.81 47.44 -13.11
CA ARG L 66 -31.27 47.40 -13.07
C ARG L 66 -31.82 46.06 -13.54
N LEU L 67 -31.29 45.52 -14.63
CA LEU L 67 -31.87 44.32 -15.24
C LEU L 67 -31.54 43.07 -14.43
N SER L 68 -32.51 42.17 -14.37
CA SER L 68 -32.35 40.90 -13.66
C SER L 68 -33.41 39.93 -14.16
N GLY L 69 -33.01 38.68 -14.37
CA GLY L 69 -33.91 37.66 -14.88
C GLY L 69 -34.06 36.52 -13.88
N SER L 70 -35.22 35.87 -13.92
CA SER L 70 -35.51 34.78 -13.00
C SER L 70 -36.61 33.90 -13.59
N GLY L 71 -36.50 32.61 -13.36
CA GLY L 71 -37.48 31.65 -13.84
C GLY L 71 -36.85 30.29 -14.03
N SER L 72 -37.71 29.31 -14.27
CA SER L 72 -37.25 27.94 -14.47
C SER L 72 -38.32 27.13 -15.18
N GLY L 73 -37.87 26.11 -15.91
CA GLY L 73 -38.76 25.13 -16.51
C GLY L 73 -39.39 25.53 -17.83
N THR L 74 -40.46 26.35 -17.75
CA THR L 74 -41.14 26.80 -18.95
C THR L 74 -41.52 28.27 -18.94
N ASP L 75 -41.48 28.95 -17.79
CA ASP L 75 -41.87 30.35 -17.69
C ASP L 75 -40.66 31.17 -17.26
N PHE L 76 -40.39 32.25 -17.99
CA PHE L 76 -39.24 33.09 -17.75
C PHE L 76 -39.68 34.55 -17.75
N THR L 77 -38.92 35.39 -17.05
CA THR L 77 -39.32 36.78 -16.86
C THR L 77 -38.08 37.67 -16.79
N LEU L 78 -38.18 38.85 -17.39
CA LEU L 78 -37.17 39.89 -17.28
C LEU L 78 -37.79 41.11 -16.61
N LYS L 79 -37.08 41.70 -15.66
CA LYS L 79 -37.60 42.80 -14.87
C LYS L 79 -36.64 43.98 -14.91
N ILE L 80 -37.17 45.17 -15.17
CA ILE L 80 -36.41 46.40 -15.15
C ILE L 80 -36.87 47.21 -13.94
N SER L 81 -35.94 47.51 -13.04
CA SER L 81 -36.29 48.24 -11.82
C SER L 81 -36.79 49.64 -12.12
N ARG L 82 -36.01 50.41 -12.88
CA ARG L 82 -36.41 51.75 -13.30
C ARG L 82 -36.09 51.91 -14.77
N VAL L 83 -36.93 52.68 -15.47
CA VAL L 83 -36.81 52.85 -16.91
C VAL L 83 -36.35 54.27 -17.20
N GLU L 84 -35.43 54.42 -18.15
CA GLU L 84 -34.92 55.70 -18.59
C GLU L 84 -35.39 55.98 -20.02
N ALA L 85 -34.90 57.06 -20.60
CA ALA L 85 -35.27 57.44 -21.95
C ALA L 85 -34.38 56.78 -23.02
N GLU L 86 -33.37 56.03 -22.60
CA GLU L 86 -32.47 55.35 -23.53
C GLU L 86 -32.73 53.84 -23.59
N ASP L 87 -33.89 53.39 -23.15
CA ASP L 87 -34.24 51.98 -23.12
C ASP L 87 -35.41 51.66 -24.05
N VAL L 88 -35.39 52.25 -25.25
CA VAL L 88 -36.40 51.99 -26.27
C VAL L 88 -35.78 51.06 -27.31
N GLY L 89 -36.48 49.96 -27.60
CA GLY L 89 -35.98 48.99 -28.56
C GLY L 89 -36.82 47.74 -28.54
N VAL L 90 -36.27 46.68 -29.12
CA VAL L 90 -36.94 45.39 -29.23
C VAL L 90 -36.14 44.34 -28.48
N TYR L 91 -36.85 43.46 -27.79
CA TYR L 91 -36.25 42.42 -26.96
C TYR L 91 -36.60 41.05 -27.51
N TYR L 92 -35.69 40.10 -27.38
CA TYR L 92 -35.84 38.79 -28.00
C TYR L 92 -35.50 37.68 -27.01
N CYS L 93 -36.09 36.51 -27.26
CA CYS L 93 -35.91 35.31 -26.46
C CYS L 93 -35.30 34.22 -27.33
N MET L 94 -34.31 33.51 -26.81
CA MET L 94 -33.60 32.51 -27.61
C MET L 94 -33.25 31.29 -26.76
N GLN L 95 -33.46 30.12 -27.33
CA GLN L 95 -33.16 28.85 -26.68
C GLN L 95 -31.90 28.24 -27.27
N GLY L 96 -31.20 27.45 -26.45
CA GLY L 96 -29.95 26.86 -26.88
C GLY L 96 -29.75 25.43 -26.42
N LEU L 97 -30.84 24.69 -26.25
CA LEU L 97 -30.73 23.30 -25.83
C LEU L 97 -30.70 22.33 -27.00
N GLU L 98 -31.33 22.69 -28.13
CA GLU L 98 -31.41 21.83 -29.31
C GLU L 98 -30.48 22.35 -30.40
N THR L 99 -30.21 21.48 -31.37
CA THR L 99 -29.28 21.83 -32.45
C THR L 99 -29.74 23.01 -33.27
N PRO L 100 -31.00 23.08 -33.75
CA PRO L 100 -31.44 24.32 -34.43
C PRO L 100 -31.89 25.36 -33.41
N PHE L 101 -31.23 26.51 -33.42
CA PHE L 101 -31.57 27.58 -32.49
C PHE L 101 -32.74 28.38 -33.02
N THR L 102 -33.63 28.80 -32.11
CA THR L 102 -34.85 29.49 -32.48
C THR L 102 -35.02 30.75 -31.66
N PHE L 103 -35.38 31.85 -32.32
CA PHE L 103 -35.72 33.10 -31.66
C PHE L 103 -37.23 33.14 -31.40
N GLY L 104 -37.74 34.33 -31.05
CA GLY L 104 -39.15 34.50 -30.83
C GLY L 104 -39.70 35.72 -31.56
N PRO L 105 -41.01 35.95 -31.44
CA PRO L 105 -41.62 37.10 -32.13
C PRO L 105 -41.04 38.45 -31.73
N GLY L 106 -40.63 38.61 -30.47
CA GLY L 106 -40.11 39.87 -30.01
C GLY L 106 -41.14 40.73 -29.30
N THR L 107 -40.68 41.88 -28.83
CA THR L 107 -41.54 42.79 -28.09
C THR L 107 -40.98 44.20 -28.18
N LYS L 108 -41.84 45.16 -28.51
CA LYS L 108 -41.44 46.56 -28.63
C LYS L 108 -41.75 47.30 -27.34
N VAL L 109 -40.90 48.27 -27.01
CA VAL L 109 -41.12 49.17 -25.88
C VAL L 109 -41.16 50.59 -26.44
N GLU L 110 -42.23 51.31 -26.15
CA GLU L 110 -42.44 52.64 -26.70
C GLU L 110 -42.81 53.62 -25.59
N ILE L 111 -42.36 54.87 -25.77
CA ILE L 111 -42.66 55.91 -24.80
C ILE L 111 -44.09 56.39 -24.98
N LYS L 112 -44.84 56.45 -23.88
CA LYS L 112 -46.23 56.91 -23.94
C LYS L 112 -46.54 57.86 -22.79
#